data_4ESB
# 
_entry.id   4ESB 
# 
_audit_conform.dict_name       mmcif_pdbx.dic 
_audit_conform.dict_version    5.379 
_audit_conform.dict_location   http://mmcif.pdb.org/dictionaries/ascii/mmcif_pdbx.dic 
# 
loop_
_database_2.database_id 
_database_2.database_code 
_database_2.pdbx_database_accession 
_database_2.pdbx_DOI 
PDB   4ESB         pdb_00004esb 10.2210/pdb4esb/pdb 
RCSB  RCSB072007   ?            ?                   
WWPDB D_1000072007 ?            ?                   
# 
_pdbx_database_related.db_name        PDB 
_pdbx_database_related.db_id          4ESF 
_pdbx_database_related.details        
'Crystal structure of PadR-like transcriptional regulator (BCE3449) from Bacillus cereus strain ATCC 10987' 
_pdbx_database_related.content_type   unspecified 
# 
_pdbx_database_status.status_code                     REL 
_pdbx_database_status.entry_id                        4ESB 
_pdbx_database_status.recvd_initial_deposition_date   2012-04-23 
_pdbx_database_status.deposit_site                    RCSB 
_pdbx_database_status.process_site                    RCSB 
_pdbx_database_status.status_code_sf                  REL 
_pdbx_database_status.status_code_mr                  ? 
_pdbx_database_status.SG_entry                        ? 
_pdbx_database_status.status_code_cs                  ? 
_pdbx_database_status.methods_development_category    ? 
_pdbx_database_status.pdb_format_compatible           Y 
_pdbx_database_status.status_code_nmr_data            ? 
# 
loop_
_audit_author.name 
_audit_author.pdbx_ordinal 
'Fibriansah, G.'       1 
'Kovacs, A.T.'         2 
'Kuipers, O.P.'        3 
'Thunnissen, A.M.W.H.' 4 
# 
_citation.id                        primary 
_citation.title                     
;Crystal Structures of Two Transcriptional Regulators from Bacillus cereus Define the Conserved Structural Features of a PadR Subfamily.
;
_citation.journal_abbrev            'Plos One' 
_citation.journal_volume            7 
_citation.page_first                e48015 
_citation.page_last                 e48015 
_citation.year                      2012 
_citation.journal_id_ASTM           ? 
_citation.country                   US 
_citation.journal_id_ISSN           1932-6203 
_citation.journal_id_CSD            ? 
_citation.book_publisher            ? 
_citation.pdbx_database_id_PubMed   23189126 
_citation.pdbx_database_id_DOI      10.1371/journal.pone.0048015 
# 
loop_
_citation_author.citation_id 
_citation_author.name 
_citation_author.ordinal 
_citation_author.identifier_ORCID 
primary 'Fibriansah, G.'   1 ? 
primary 'Kovacs, A.T.'     2 ? 
primary 'Pool, T.J.'       3 ? 
primary 'Boonstra, M.'     4 ? 
primary 'Kuipers, O.P.'    5 ? 
primary 'Thunnissen, A.M.' 6 ? 
# 
_cell.entry_id           4ESB 
_cell.length_a           73.536 
_cell.length_b           73.536 
_cell.length_c           84.083 
_cell.angle_alpha        90.00 
_cell.angle_beta         90.00 
_cell.angle_gamma        90.00 
_cell.Z_PDB              8 
_cell.pdbx_unique_axis   ? 
_cell.length_a_esd       ? 
_cell.length_b_esd       ? 
_cell.length_c_esd       ? 
_cell.angle_alpha_esd    ? 
_cell.angle_beta_esd     ? 
_cell.angle_gamma_esd    ? 
# 
_symmetry.entry_id                         4ESB 
_symmetry.space_group_name_H-M             'P 41 21 2' 
_symmetry.pdbx_full_space_group_name_H-M   ? 
_symmetry.cell_setting                     ? 
_symmetry.Int_Tables_number                92 
_symmetry.space_group_name_Hall            ? 
# 
loop_
_entity.id 
_entity.type 
_entity.src_method 
_entity.pdbx_description 
_entity.formula_weight 
_entity.pdbx_number_of_molecules 
_entity.pdbx_ec 
_entity.pdbx_mutation 
_entity.pdbx_fragment 
_entity.details 
1 polymer     man 'Transcriptional regulator, PadR family' 13304.294 1  ? ? ? ? 
2 non-polymer syn 'SULFATE ION'                            96.063    1  ? ? ? ? 
3 non-polymer syn GLYCEROL                                 92.094    4  ? ? ? ? 
4 water       nat water                                    18.015    17 ? ? ? ? 
# 
_entity_poly.entity_id                      1 
_entity_poly.type                           'polypeptide(L)' 
_entity_poly.nstd_linkage                   no 
_entity_poly.nstd_monomer                   no 
_entity_poly.pdbx_seq_one_letter_code       
;MHSQMLKGVLEGCILYIISQEEVYGYELSTKLNKHGFTFVSEGSIYPLLLRMQKEKLIEGTLKASSLGPKRKYYHITDKG
LEQLEEFKQSWGMVSTTVNNLLQGESRWSHPQFEK
;
_entity_poly.pdbx_seq_one_letter_code_can   
;MHSQMLKGVLEGCILYIISQEEVYGYELSTKLNKHGFTFVSEGSIYPLLLRMQKEKLIEGTLKASSLGPKRKYYHITDKG
LEQLEEFKQSWGMVSTTVNNLLQGESRWSHPQFEK
;
_entity_poly.pdbx_strand_id                 A 
_entity_poly.pdbx_target_identifier         ? 
# 
loop_
_entity_poly_seq.entity_id 
_entity_poly_seq.num 
_entity_poly_seq.mon_id 
_entity_poly_seq.hetero 
1 1   MET n 
1 2   HIS n 
1 3   SER n 
1 4   GLN n 
1 5   MET n 
1 6   LEU n 
1 7   LYS n 
1 8   GLY n 
1 9   VAL n 
1 10  LEU n 
1 11  GLU n 
1 12  GLY n 
1 13  CYS n 
1 14  ILE n 
1 15  LEU n 
1 16  TYR n 
1 17  ILE n 
1 18  ILE n 
1 19  SER n 
1 20  GLN n 
1 21  GLU n 
1 22  GLU n 
1 23  VAL n 
1 24  TYR n 
1 25  GLY n 
1 26  TYR n 
1 27  GLU n 
1 28  LEU n 
1 29  SER n 
1 30  THR n 
1 31  LYS n 
1 32  LEU n 
1 33  ASN n 
1 34  LYS n 
1 35  HIS n 
1 36  GLY n 
1 37  PHE n 
1 38  THR n 
1 39  PHE n 
1 40  VAL n 
1 41  SER n 
1 42  GLU n 
1 43  GLY n 
1 44  SER n 
1 45  ILE n 
1 46  TYR n 
1 47  PRO n 
1 48  LEU n 
1 49  LEU n 
1 50  LEU n 
1 51  ARG n 
1 52  MET n 
1 53  GLN n 
1 54  LYS n 
1 55  GLU n 
1 56  LYS n 
1 57  LEU n 
1 58  ILE n 
1 59  GLU n 
1 60  GLY n 
1 61  THR n 
1 62  LEU n 
1 63  LYS n 
1 64  ALA n 
1 65  SER n 
1 66  SER n 
1 67  LEU n 
1 68  GLY n 
1 69  PRO n 
1 70  LYS n 
1 71  ARG n 
1 72  LYS n 
1 73  TYR n 
1 74  TYR n 
1 75  HIS n 
1 76  ILE n 
1 77  THR n 
1 78  ASP n 
1 79  LYS n 
1 80  GLY n 
1 81  LEU n 
1 82  GLU n 
1 83  GLN n 
1 84  LEU n 
1 85  GLU n 
1 86  GLU n 
1 87  PHE n 
1 88  LYS n 
1 89  GLN n 
1 90  SER n 
1 91  TRP n 
1 92  GLY n 
1 93  MET n 
1 94  VAL n 
1 95  SER n 
1 96  THR n 
1 97  THR n 
1 98  VAL n 
1 99  ASN n 
1 100 ASN n 
1 101 LEU n 
1 102 LEU n 
1 103 GLN n 
1 104 GLY n 
1 105 GLU n 
1 106 SER n 
1 107 ARG n 
1 108 TRP n 
1 109 SER n 
1 110 HIS n 
1 111 PRO n 
1 112 GLN n 
1 113 PHE n 
1 114 GLU n 
1 115 LYS n 
# 
_entity_src_gen.entity_id                          1 
_entity_src_gen.pdbx_src_id                        1 
_entity_src_gen.pdbx_alt_source_flag               sample 
_entity_src_gen.pdbx_seq_type                      ? 
_entity_src_gen.pdbx_beg_seq_num                   ? 
_entity_src_gen.pdbx_end_seq_num                   ? 
_entity_src_gen.gene_src_common_name               ? 
_entity_src_gen.gene_src_genus                     ? 
_entity_src_gen.pdbx_gene_src_gene                 BC_4206 
_entity_src_gen.gene_src_species                   ? 
_entity_src_gen.gene_src_strain                    'ATCC 14579 / DSM 31' 
_entity_src_gen.gene_src_tissue                    ? 
_entity_src_gen.gene_src_tissue_fraction           ? 
_entity_src_gen.gene_src_details                   ? 
_entity_src_gen.pdbx_gene_src_fragment             ? 
_entity_src_gen.pdbx_gene_src_scientific_name      'Bacillus cereus' 
_entity_src_gen.pdbx_gene_src_ncbi_taxonomy_id     226900 
_entity_src_gen.pdbx_gene_src_variant              ? 
_entity_src_gen.pdbx_gene_src_cell_line            ? 
_entity_src_gen.pdbx_gene_src_atcc                 ? 
_entity_src_gen.pdbx_gene_src_organ                ? 
_entity_src_gen.pdbx_gene_src_organelle            ? 
_entity_src_gen.pdbx_gene_src_cell                 ? 
_entity_src_gen.pdbx_gene_src_cellular_location    ? 
_entity_src_gen.host_org_common_name               ? 
_entity_src_gen.pdbx_host_org_scientific_name      'Lactococcus lactis' 
_entity_src_gen.pdbx_host_org_ncbi_taxonomy_id     746361 
_entity_src_gen.host_org_genus                     ? 
_entity_src_gen.pdbx_host_org_gene                 ? 
_entity_src_gen.pdbx_host_org_organ                ? 
_entity_src_gen.host_org_species                   ? 
_entity_src_gen.pdbx_host_org_tissue               ? 
_entity_src_gen.pdbx_host_org_tissue_fraction      ? 
_entity_src_gen.pdbx_host_org_strain               'subsp. cremoris NZ9000' 
_entity_src_gen.pdbx_host_org_variant              ? 
_entity_src_gen.pdbx_host_org_cell_line            ? 
_entity_src_gen.pdbx_host_org_atcc                 ? 
_entity_src_gen.pdbx_host_org_culture_collection   ? 
_entity_src_gen.pdbx_host_org_cell                 ? 
_entity_src_gen.pdbx_host_org_organelle            ? 
_entity_src_gen.pdbx_host_org_cellular_location    ? 
_entity_src_gen.pdbx_host_org_vector_type          plasmid 
_entity_src_gen.pdbx_host_org_vector               ? 
_entity_src_gen.host_org_details                   ? 
_entity_src_gen.expression_system_id               ? 
_entity_src_gen.plasmid_name                       pNSC8048 
_entity_src_gen.plasmid_details                    ? 
_entity_src_gen.pdbx_description                   ? 
# 
_struct_ref.id                         1 
_struct_ref.db_name                    UNP 
_struct_ref.db_code                    Q818P3_BACCR 
_struct_ref.pdbx_db_accession          Q818P3 
_struct_ref.entity_id                  1 
_struct_ref.pdbx_seq_one_letter_code   
;MHSQMLKGVLEGCILYIISQEEVYGYELSTKLNKHGFTFVSEGSIYPLLLRMQKEKLIEGTLKASSLGPKRKYYHITDKG
LEQLEEFKQSWGMVSTTVNNLLQGE
;
_struct_ref.pdbx_align_begin           1 
_struct_ref.pdbx_db_isoform            ? 
# 
_struct_ref_seq.align_id                      1 
_struct_ref_seq.ref_id                        1 
_struct_ref_seq.pdbx_PDB_id_code              4ESB 
_struct_ref_seq.pdbx_strand_id                A 
_struct_ref_seq.seq_align_beg                 1 
_struct_ref_seq.pdbx_seq_align_beg_ins_code   ? 
_struct_ref_seq.seq_align_end                 105 
_struct_ref_seq.pdbx_seq_align_end_ins_code   ? 
_struct_ref_seq.pdbx_db_accession             Q818P3 
_struct_ref_seq.db_align_beg                  1 
_struct_ref_seq.pdbx_db_align_beg_ins_code    ? 
_struct_ref_seq.db_align_end                  105 
_struct_ref_seq.pdbx_db_align_end_ins_code    ? 
_struct_ref_seq.pdbx_auth_seq_align_beg       1 
_struct_ref_seq.pdbx_auth_seq_align_end       105 
# 
loop_
_struct_ref_seq_dif.align_id 
_struct_ref_seq_dif.pdbx_pdb_id_code 
_struct_ref_seq_dif.mon_id 
_struct_ref_seq_dif.pdbx_pdb_strand_id 
_struct_ref_seq_dif.seq_num 
_struct_ref_seq_dif.pdbx_pdb_ins_code 
_struct_ref_seq_dif.pdbx_seq_db_name 
_struct_ref_seq_dif.pdbx_seq_db_accession_code 
_struct_ref_seq_dif.db_mon_id 
_struct_ref_seq_dif.pdbx_seq_db_seq_num 
_struct_ref_seq_dif.details 
_struct_ref_seq_dif.pdbx_auth_seq_num 
_struct_ref_seq_dif.pdbx_ordinal 
1 4ESB SER A 106 ? UNP Q818P3 ? ? 'expression tag' 106 1  
1 4ESB ARG A 107 ? UNP Q818P3 ? ? 'expression tag' 107 2  
1 4ESB TRP A 108 ? UNP Q818P3 ? ? 'expression tag' 108 3  
1 4ESB SER A 109 ? UNP Q818P3 ? ? 'expression tag' 109 4  
1 4ESB HIS A 110 ? UNP Q818P3 ? ? 'expression tag' 110 5  
1 4ESB PRO A 111 ? UNP Q818P3 ? ? 'expression tag' 111 6  
1 4ESB GLN A 112 ? UNP Q818P3 ? ? 'expression tag' 112 7  
1 4ESB PHE A 113 ? UNP Q818P3 ? ? 'expression tag' 113 8  
1 4ESB GLU A 114 ? UNP Q818P3 ? ? 'expression tag' 114 9  
1 4ESB LYS A 115 ? UNP Q818P3 ? ? 'expression tag' 115 10 
# 
loop_
_chem_comp.id 
_chem_comp.type 
_chem_comp.mon_nstd_flag 
_chem_comp.name 
_chem_comp.pdbx_synonyms 
_chem_comp.formula 
_chem_comp.formula_weight 
ALA 'L-peptide linking' y ALANINE         ?                               'C3 H7 N O2'     89.093  
ARG 'L-peptide linking' y ARGININE        ?                               'C6 H15 N4 O2 1' 175.209 
ASN 'L-peptide linking' y ASPARAGINE      ?                               'C4 H8 N2 O3'    132.118 
ASP 'L-peptide linking' y 'ASPARTIC ACID' ?                               'C4 H7 N O4'     133.103 
CYS 'L-peptide linking' y CYSTEINE        ?                               'C3 H7 N O2 S'   121.158 
GLN 'L-peptide linking' y GLUTAMINE       ?                               'C5 H10 N2 O3'   146.144 
GLU 'L-peptide linking' y 'GLUTAMIC ACID' ?                               'C5 H9 N O4'     147.129 
GLY 'peptide linking'   y GLYCINE         ?                               'C2 H5 N O2'     75.067  
GOL non-polymer         . GLYCEROL        'GLYCERIN; PROPANE-1,2,3-TRIOL' 'C3 H8 O3'       92.094  
HIS 'L-peptide linking' y HISTIDINE       ?                               'C6 H10 N3 O2 1' 156.162 
HOH non-polymer         . WATER           ?                               'H2 O'           18.015  
ILE 'L-peptide linking' y ISOLEUCINE      ?                               'C6 H13 N O2'    131.173 
LEU 'L-peptide linking' y LEUCINE         ?                               'C6 H13 N O2'    131.173 
LYS 'L-peptide linking' y LYSINE          ?                               'C6 H15 N2 O2 1' 147.195 
MET 'L-peptide linking' y METHIONINE      ?                               'C5 H11 N O2 S'  149.211 
PHE 'L-peptide linking' y PHENYLALANINE   ?                               'C9 H11 N O2'    165.189 
PRO 'L-peptide linking' y PROLINE         ?                               'C5 H9 N O2'     115.130 
SER 'L-peptide linking' y SERINE          ?                               'C3 H7 N O3'     105.093 
SO4 non-polymer         . 'SULFATE ION'   ?                               'O4 S -2'        96.063  
THR 'L-peptide linking' y THREONINE       ?                               'C4 H9 N O3'     119.119 
TRP 'L-peptide linking' y TRYPTOPHAN      ?                               'C11 H12 N2 O2'  204.225 
TYR 'L-peptide linking' y TYROSINE        ?                               'C9 H11 N O3'    181.189 
VAL 'L-peptide linking' y VALINE          ?                               'C5 H11 N O2'    117.146 
# 
_exptl.entry_id          4ESB 
_exptl.method            'X-RAY DIFFRACTION' 
_exptl.crystals_number   1 
# 
_exptl_crystal.id                    1 
_exptl_crystal.density_meas          ? 
_exptl_crystal.density_Matthews      4.27 
_exptl_crystal.density_percent_sol   71.21 
_exptl_crystal.description           ? 
_exptl_crystal.F_000                 ? 
_exptl_crystal.preparation           ? 
# 
_exptl_crystal_grow.crystal_id      1 
_exptl_crystal_grow.method          'VAPOR DIFFUSION, SITTING DROP' 
_exptl_crystal_grow.temp            298 
_exptl_crystal_grow.temp_details    ? 
_exptl_crystal_grow.pH              6.0 
_exptl_crystal_grow.pdbx_details    
'0.17 M ammonium sulfate, 25.5% PEG 4000, 15% glycerol, pH 6.0, VAPOR DIFFUSION, SITTING DROP, temperature 298K' 
_exptl_crystal_grow.pdbx_pH_range   ? 
# 
_diffrn.id                     1 
_diffrn.ambient_temp           100 
_diffrn.ambient_temp_details   ? 
_diffrn.crystal_id             1 
# 
_diffrn_detector.diffrn_id              1 
_diffrn_detector.detector               CCD 
_diffrn_detector.type                   'ADSC QUANTUM 4' 
_diffrn_detector.pdbx_collection_date   2009-07-27 
_diffrn_detector.details                'Toroidal mirror' 
# 
_diffrn_radiation.diffrn_id                        1 
_diffrn_radiation.wavelength_id                    1 
_diffrn_radiation.pdbx_monochromatic_or_laue_m_l   M 
_diffrn_radiation.monochromator                    'Diamond (111)and Ge (220) crystals' 
_diffrn_radiation.pdbx_diffrn_protocol             'SINGLE WAVELENGTH' 
_diffrn_radiation.pdbx_scattering_type             x-ray 
# 
_diffrn_radiation_wavelength.id           1 
_diffrn_radiation_wavelength.wavelength   0.933 
_diffrn_radiation_wavelength.wt           1.0 
# 
_diffrn_source.diffrn_id                   1 
_diffrn_source.source                      SYNCHROTRON 
_diffrn_source.type                        'ESRF BEAMLINE ID14-2' 
_diffrn_source.pdbx_synchrotron_site       ESRF 
_diffrn_source.pdbx_synchrotron_beamline   ID14-2 
_diffrn_source.pdbx_wavelength             ? 
_diffrn_source.pdbx_wavelength_list        0.933 
# 
_reflns.entry_id                     4ESB 
_reflns.observed_criterion_sigma_I   ? 
_reflns.observed_criterion_sigma_F   ? 
_reflns.d_resolution_low             44.22 
_reflns.d_resolution_high            2.5 
_reflns.number_obs                   8474 
_reflns.number_all                   ? 
_reflns.percent_possible_obs         100 
_reflns.pdbx_Rmerge_I_obs            0.074 
_reflns.pdbx_Rsym_value              ? 
_reflns.pdbx_netI_over_sigmaI        20.6 
_reflns.B_iso_Wilson_estimate        ? 
_reflns.pdbx_redundancy              7.7 
_reflns.R_free_details               ? 
_reflns.limit_h_max                  ? 
_reflns.limit_h_min                  ? 
_reflns.limit_k_max                  ? 
_reflns.limit_k_min                  ? 
_reflns.limit_l_max                  ? 
_reflns.limit_l_min                  ? 
_reflns.observed_criterion_F_max     ? 
_reflns.observed_criterion_F_min     ? 
_reflns.pdbx_chi_squared             ? 
_reflns.pdbx_scaling_rejects         ? 
_reflns.pdbx_ordinal                 1 
_reflns.pdbx_diffrn_id               1 
# 
loop_
_reflns_shell.d_res_high 
_reflns_shell.d_res_low 
_reflns_shell.percent_possible_all 
_reflns_shell.Rmerge_I_obs 
_reflns_shell.pdbx_Rsym_value 
_reflns_shell.meanI_over_sigI_obs 
_reflns_shell.pdbx_redundancy 
_reflns_shell.percent_possible_obs 
_reflns_shell.number_unique_all 
_reflns_shell.number_measured_all 
_reflns_shell.number_measured_obs 
_reflns_shell.number_unique_obs 
_reflns_shell.pdbx_chi_squared 
_reflns_shell.pdbx_ordinal 
_reflns_shell.pdbx_diffrn_id 
2.5  2.64  100  0.611 ? 2.9  8.0 ? 1203 ? ? ? ? 1  1 
2.64 2.80  100  0.405 ? 4.5  8.0 ? 1138 ? ? ? ? 2  1 
2.80 2.99  100  0.231 ? 7.6  7.9 ? 1069 ? ? ? ? 3  1 
2.99 3.23  100  0.163 ? 10.7 7.9 ? 1003 ? ? ? ? 4  1 
3.23 3.54  100  0.096 ? 18.2 7.8 ? 930  ? ? ? ? 5  1 
3.54 3.95  100  0.058 ? 29.2 7.8 ? 844  ? ? ? ? 6  1 
3.95 4.56  100  0.035 ? 44.3 7.6 ? 765  ? ? ? ? 7  1 
4.56 5.59  100  0.034 ? 45.4 7.5 ? 659  ? ? ? ? 8  1 
5.59 7.91  100  0.036 ? 40.7 7.1 ? 521  ? ? ? ? 9  1 
7.91 44.22 99.1 0.023 ? 62.0 6.2 ? 324  ? ? ? ? 10 1 
# 
_refine.entry_id                                 4ESB 
_refine.ls_number_reflns_obs                     8418 
_refine.ls_number_reflns_all                     ? 
_refine.pdbx_ls_sigma_I                          ? 
_refine.pdbx_ls_sigma_F                          1.35 
_refine.pdbx_data_cutoff_high_absF               ? 
_refine.pdbx_data_cutoff_low_absF                ? 
_refine.pdbx_data_cutoff_high_rms_absF           ? 
_refine.ls_d_res_low                             36.498 
_refine.ls_d_res_high                            2.500 
_refine.ls_percent_reflns_obs                    99.77 
_refine.ls_R_factor_obs                          0.2023 
_refine.ls_R_factor_all                          ? 
_refine.ls_R_factor_R_work                       0.2011 
_refine.ls_R_factor_R_free                       0.2261 
_refine.ls_R_factor_R_free_error                 ? 
_refine.ls_R_factor_R_free_error_details         ? 
_refine.ls_percent_reflns_R_free                 4.66 
_refine.ls_number_reflns_R_free                  392 
_refine.ls_number_parameters                     ? 
_refine.ls_number_restraints                     ? 
_refine.occupancy_min                            ? 
_refine.occupancy_max                            ? 
_refine.correlation_coeff_Fo_to_Fc               ? 
_refine.correlation_coeff_Fo_to_Fc_free          ? 
_refine.B_iso_mean                               ? 
_refine.aniso_B[1][1]                            11.3755 
_refine.aniso_B[2][2]                            11.3755 
_refine.aniso_B[3][3]                            -22.7510 
_refine.aniso_B[1][2]                            0.0000 
_refine.aniso_B[1][3]                            -0.0000 
_refine.aniso_B[2][3]                            0.0000 
_refine.solvent_model_details                    'FLAT BULK SOLVENT MODEL' 
_refine.solvent_model_param_ksol                 0.352 
_refine.solvent_model_param_bsol                 44.126 
_refine.pdbx_solvent_vdw_probe_radii             1.30 
_refine.pdbx_solvent_ion_probe_radii             ? 
_refine.pdbx_solvent_shrinkage_radii             1.11 
_refine.pdbx_ls_cross_valid_method               ? 
_refine.details                                  ? 
_refine.pdbx_starting_model                      'PDB ENTRY 3hhh' 
_refine.pdbx_method_to_determine_struct          'MOLECULAR REPLACEMENT' 
_refine.pdbx_isotropic_thermal_model             ? 
_refine.pdbx_stereochemistry_target_values       ML 
_refine.pdbx_stereochem_target_val_spec_case     ? 
_refine.pdbx_R_Free_selection_details            ? 
_refine.pdbx_overall_ESU_R                       ? 
_refine.pdbx_overall_ESU_R_Free                  ? 
_refine.overall_SU_ML                            0.36 
_refine.pdbx_overall_phase_error                 23.62 
_refine.overall_SU_B                             ? 
_refine.overall_SU_R_Cruickshank_DPI             ? 
_refine.ls_redundancy_reflns_obs                 ? 
_refine.B_iso_min                                ? 
_refine.B_iso_max                                ? 
_refine.overall_SU_R_free                        ? 
_refine.ls_wR_factor_R_free                      ? 
_refine.ls_wR_factor_R_work                      ? 
_refine.overall_FOM_free_R_set                   ? 
_refine.overall_FOM_work_R_set                   ? 
_refine.pdbx_diffrn_id                           1 
_refine.pdbx_refine_id                           'X-RAY DIFFRACTION' 
_refine.pdbx_TLS_residual_ADP_flag               ? 
_refine.pdbx_overall_SU_R_free_Cruickshank_DPI   ? 
_refine.pdbx_overall_SU_R_Blow_DPI               ? 
_refine.pdbx_overall_SU_R_free_Blow_DPI          ? 
# 
_refine_hist.pdbx_refine_id                   'X-RAY DIFFRACTION' 
_refine_hist.cycle_id                         LAST 
_refine_hist.pdbx_number_atoms_protein        824 
_refine_hist.pdbx_number_atoms_nucleic_acid   0 
_refine_hist.pdbx_number_atoms_ligand         29 
_refine_hist.number_atoms_solvent             17 
_refine_hist.number_atoms_total               870 
_refine_hist.d_res_high                       2.500 
_refine_hist.d_res_low                        36.498 
# 
loop_
_refine_ls_restr.type 
_refine_ls_restr.dev_ideal 
_refine_ls_restr.dev_ideal_target 
_refine_ls_restr.weight 
_refine_ls_restr.number 
_refine_ls_restr.pdbx_restraint_function 
_refine_ls_restr.pdbx_refine_id 
f_bond_d           0.003  ? ? 863  ? 'X-RAY DIFFRACTION' 
f_angle_d          0.702  ? ? 1152 ? 'X-RAY DIFFRACTION' 
f_dihedral_angle_d 15.622 ? ? 328  ? 'X-RAY DIFFRACTION' 
f_chiral_restr     0.039  ? ? 125  ? 'X-RAY DIFFRACTION' 
f_plane_restr      0.003  ? ? 140  ? 'X-RAY DIFFRACTION' 
# 
loop_
_refine_ls_shell.pdbx_total_number_of_bins_used 
_refine_ls_shell.d_res_high 
_refine_ls_shell.d_res_low 
_refine_ls_shell.number_reflns_R_work 
_refine_ls_shell.R_factor_R_work 
_refine_ls_shell.percent_reflns_obs 
_refine_ls_shell.R_factor_R_free 
_refine_ls_shell.R_factor_R_free_error 
_refine_ls_shell.percent_reflns_R_free 
_refine_ls_shell.number_reflns_R_free 
_refine_ls_shell.number_reflns_all 
_refine_ls_shell.R_factor_all 
_refine_ls_shell.number_reflns_obs 
_refine_ls_shell.redundancy_reflns_obs 
_refine_ls_shell.pdbx_refine_id 
. 2.50   2.8619  2585 0.2525 100.00 0.2727 . . 144 . . . . 'X-RAY DIFFRACTION' 
. 2.8619 3.6052  2649 0.1971 100.00 0.2471 . . 121 . . . . 'X-RAY DIFFRACTION' 
. 3.6052 36.5016 2792 0.1914 100.00 0.2036 . . 127 . . . . 'X-RAY DIFFRACTION' 
# 
_struct.entry_id                  4ESB 
_struct.title                     
'Crystal structure of PadR-like transcriptional regulator (BC4206) from Bacillus cereus strain ATCC 14579' 
_struct.pdbx_model_details        ? 
_struct.pdbx_CASP_flag            ? 
_struct.pdbx_model_type_details   ? 
# 
_struct_keywords.entry_id        4ESB 
_struct_keywords.pdbx_keywords   TRANSCRIPTION 
_struct_keywords.text            'PadR family, transcriptional regulator, DNA binding protein, winged-HTH fold, TRANSCRIPTION' 
# 
loop_
_struct_asym.id 
_struct_asym.pdbx_blank_PDB_chainid_flag 
_struct_asym.pdbx_modified 
_struct_asym.entity_id 
_struct_asym.details 
A N N 1 ? 
B N N 2 ? 
C N N 3 ? 
D N N 3 ? 
E N N 3 ? 
F N N 3 ? 
G N N 4 ? 
# 
_struct_biol.id        1 
_struct_biol.details   ? 
# 
loop_
_struct_conf.conf_type_id 
_struct_conf.id 
_struct_conf.pdbx_PDB_helix_id 
_struct_conf.beg_label_comp_id 
_struct_conf.beg_label_asym_id 
_struct_conf.beg_label_seq_id 
_struct_conf.pdbx_beg_PDB_ins_code 
_struct_conf.end_label_comp_id 
_struct_conf.end_label_asym_id 
_struct_conf.end_label_seq_id 
_struct_conf.pdbx_end_PDB_ins_code 
_struct_conf.beg_auth_comp_id 
_struct_conf.beg_auth_asym_id 
_struct_conf.beg_auth_seq_id 
_struct_conf.end_auth_comp_id 
_struct_conf.end_auth_asym_id 
_struct_conf.end_auth_seq_id 
_struct_conf.pdbx_PDB_helix_class 
_struct_conf.details 
_struct_conf.pdbx_PDB_helix_length 
HELX_P HELX_P1 1 VAL A 9  ? GLU A 21  ? VAL A 9  GLU A 21  1 ? 13 
HELX_P HELX_P2 2 GLY A 25 ? HIS A 35  ? GLY A 25 HIS A 35  1 ? 11 
HELX_P HELX_P3 3 SER A 41 ? GLU A 55  ? SER A 41 GLU A 55  1 ? 15 
HELX_P HELX_P4 4 THR A 77 ? LEU A 102 ? THR A 77 LEU A 102 1 ? 26 
# 
_struct_conf_type.id          HELX_P 
_struct_conf_type.criteria    ? 
_struct_conf_type.reference   ? 
# 
_struct_sheet.id               A 
_struct_sheet.type             ? 
_struct_sheet.number_strands   3 
_struct_sheet.details          ? 
# 
loop_
_struct_sheet_order.sheet_id 
_struct_sheet_order.range_id_1 
_struct_sheet_order.range_id_2 
_struct_sheet_order.offset 
_struct_sheet_order.sense 
A 1 2 ? anti-parallel 
A 2 3 ? anti-parallel 
# 
loop_
_struct_sheet_range.sheet_id 
_struct_sheet_range.id 
_struct_sheet_range.beg_label_comp_id 
_struct_sheet_range.beg_label_asym_id 
_struct_sheet_range.beg_label_seq_id 
_struct_sheet_range.pdbx_beg_PDB_ins_code 
_struct_sheet_range.end_label_comp_id 
_struct_sheet_range.end_label_asym_id 
_struct_sheet_range.end_label_seq_id 
_struct_sheet_range.pdbx_end_PDB_ins_code 
_struct_sheet_range.beg_auth_comp_id 
_struct_sheet_range.beg_auth_asym_id 
_struct_sheet_range.beg_auth_seq_id 
_struct_sheet_range.end_auth_comp_id 
_struct_sheet_range.end_auth_asym_id 
_struct_sheet_range.end_auth_seq_id 
A 1 VAL A 23 ? TYR A 24 ? VAL A 23 TYR A 24 
A 2 LYS A 70 ? ILE A 76 ? LYS A 70 ILE A 76 
A 3 ILE A 58 ? ALA A 64 ? ILE A 58 ALA A 64 
# 
loop_
_pdbx_struct_sheet_hbond.sheet_id 
_pdbx_struct_sheet_hbond.range_id_1 
_pdbx_struct_sheet_hbond.range_id_2 
_pdbx_struct_sheet_hbond.range_1_label_atom_id 
_pdbx_struct_sheet_hbond.range_1_label_comp_id 
_pdbx_struct_sheet_hbond.range_1_label_asym_id 
_pdbx_struct_sheet_hbond.range_1_label_seq_id 
_pdbx_struct_sheet_hbond.range_1_PDB_ins_code 
_pdbx_struct_sheet_hbond.range_1_auth_atom_id 
_pdbx_struct_sheet_hbond.range_1_auth_comp_id 
_pdbx_struct_sheet_hbond.range_1_auth_asym_id 
_pdbx_struct_sheet_hbond.range_1_auth_seq_id 
_pdbx_struct_sheet_hbond.range_2_label_atom_id 
_pdbx_struct_sheet_hbond.range_2_label_comp_id 
_pdbx_struct_sheet_hbond.range_2_label_asym_id 
_pdbx_struct_sheet_hbond.range_2_label_seq_id 
_pdbx_struct_sheet_hbond.range_2_PDB_ins_code 
_pdbx_struct_sheet_hbond.range_2_auth_atom_id 
_pdbx_struct_sheet_hbond.range_2_auth_comp_id 
_pdbx_struct_sheet_hbond.range_2_auth_asym_id 
_pdbx_struct_sheet_hbond.range_2_auth_seq_id 
A 1 2 N VAL A 23 ? N VAL A 23 O TYR A 74 ? O TYR A 74 
A 2 3 O HIS A 75 ? O HIS A 75 N GLU A 59 ? N GLU A 59 
# 
loop_
_struct_site.id 
_struct_site.pdbx_evidence_code 
_struct_site.pdbx_auth_asym_id 
_struct_site.pdbx_auth_comp_id 
_struct_site.pdbx_auth_seq_id 
_struct_site.pdbx_auth_ins_code 
_struct_site.pdbx_num_residues 
_struct_site.details 
AC1 Software A SO4 201 ? 6 'BINDING SITE FOR RESIDUE SO4 A 201' 
AC2 Software A GOL 202 ? 3 'BINDING SITE FOR RESIDUE GOL A 202' 
AC3 Software A GOL 203 ? 2 'BINDING SITE FOR RESIDUE GOL A 203' 
AC4 Software A GOL 204 ? 8 'BINDING SITE FOR RESIDUE GOL A 204' 
AC5 Software A GOL 205 ? 5 'BINDING SITE FOR RESIDUE GOL A 205' 
# 
loop_
_struct_site_gen.id 
_struct_site_gen.site_id 
_struct_site_gen.pdbx_num_res 
_struct_site_gen.label_comp_id 
_struct_site_gen.label_asym_id 
_struct_site_gen.label_seq_id 
_struct_site_gen.pdbx_auth_ins_code 
_struct_site_gen.auth_comp_id 
_struct_site_gen.auth_asym_id 
_struct_site_gen.auth_seq_id 
_struct_site_gen.label_atom_id 
_struct_site_gen.label_alt_id 
_struct_site_gen.symmetry 
_struct_site_gen.details 
1  AC1 6 ARG A 71 ? ARG A 71  . ? 1_555 ? 
2  AC1 6 LYS A 72 ? LYS A 72  . ? 1_555 ? 
3  AC1 6 ASP A 78 ? ASP A 78  . ? 4_454 ? 
4  AC1 6 HOH G .  ? HOH A 301 . ? 1_555 ? 
5  AC1 6 HOH G .  ? HOH A 305 . ? 1_555 ? 
6  AC1 6 HOH G .  ? HOH A 311 . ? 1_555 ? 
7  AC2 3 GLU A 22 ? GLU A 22  . ? 1_555 ? 
8  AC2 3 LYS A 63 ? LYS A 63  . ? 1_555 ? 
9  AC2 3 ALA A 64 ? ALA A 64  . ? 1_555 ? 
10 AC3 2 LYS A 31 ? LYS A 31  . ? 1_555 ? 
11 AC3 2 HIS A 35 ? HIS A 35  . ? 1_555 ? 
12 AC4 8 ILE A 18 ? ILE A 18  . ? 1_555 ? 
13 AC4 8 SER A 19 ? SER A 19  . ? 1_555 ? 
14 AC4 8 GLU A 21 ? GLU A 21  . ? 1_555 ? 
15 AC4 8 GLU A 22 ? GLU A 22  . ? 1_555 ? 
16 AC4 8 SER A 29 ? SER A 29  . ? 3_555 ? 
17 AC4 8 GLU A 42 ? GLU A 42  . ? 3_555 ? 
18 AC4 8 HIS A 75 ? HIS A 75  . ? 1_555 ? 
19 AC4 8 ILE A 76 ? ILE A 76  . ? 1_555 ? 
20 AC5 5 TYR A 24 ? TYR A 24  . ? 1_555 ? 
21 AC5 5 SER A 65 ? SER A 65  . ? 1_555 ? 
22 AC5 5 SER A 66 ? SER A 66  . ? 1_555 ? 
23 AC5 5 ARG A 71 ? ARG A 71  . ? 1_555 ? 
24 AC5 5 TYR A 73 ? TYR A 73  . ? 1_555 ? 
# 
_atom_sites.entry_id                    4ESB 
_atom_sites.fract_transf_matrix[1][1]   0.01198611 
_atom_sites.fract_transf_matrix[1][2]   -0.00625665 
_atom_sites.fract_transf_matrix[1][3]   0.00145612 
_atom_sites.fract_transf_matrix[2][1]   -0.00197541 
_atom_sites.fract_transf_matrix[2][2]   -0.00652311 
_atom_sites.fract_transf_matrix[2][3]   -0.01176774 
_atom_sites.fract_transf_matrix[3][1]   0.00534576 
_atom_sites.fract_transf_matrix[3][2]   0.00888588 
_atom_sites.fract_transf_matrix[3][3]   -0.00582301 
_atom_sites.fract_transf_vector[1]      0.124366 
_atom_sites.fract_transf_vector[2]      0.399552 
_atom_sites.fract_transf_vector[3]      0.011558 
# 
loop_
_atom_type.symbol 
C 
N 
O 
S 
# 
loop_
_atom_site.group_PDB 
_atom_site.id 
_atom_site.type_symbol 
_atom_site.label_atom_id 
_atom_site.label_alt_id 
_atom_site.label_comp_id 
_atom_site.label_asym_id 
_atom_site.label_entity_id 
_atom_site.label_seq_id 
_atom_site.pdbx_PDB_ins_code 
_atom_site.Cartn_x 
_atom_site.Cartn_y 
_atom_site.Cartn_z 
_atom_site.occupancy 
_atom_site.B_iso_or_equiv 
_atom_site.pdbx_formal_charge 
_atom_site.auth_seq_id 
_atom_site.auth_comp_id 
_atom_site.auth_asym_id 
_atom_site.auth_atom_id 
_atom_site.pdbx_PDB_model_num 
ATOM   1   N N   . SER A 1 3   ? 2.336   -7.115  15.508  1.00 124.28 ? 3   SER A N   1 
ATOM   2   C CA  . SER A 1 3   ? 1.755   -6.507  14.317  1.00 118.97 ? 3   SER A CA  1 
ATOM   3   C C   . SER A 1 3   ? 1.903   -4.990  14.363  1.00 117.27 ? 3   SER A C   1 
ATOM   4   O O   . SER A 1 3   ? 1.461   -4.286  13.458  1.00 125.98 ? 3   SER A O   1 
ATOM   5   C CB  . SER A 1 3   ? 0.276   -6.884  14.196  1.00 110.86 ? 3   SER A CB  1 
ATOM   6   O OG  . SER A 1 3   ? -0.476  -6.355  15.273  1.00 100.75 ? 3   SER A OG  1 
ATOM   7   N N   . GLN A 1 4   ? 2.534   -4.497  15.424  1.00 119.94 ? 4   GLN A N   1 
ATOM   8   C CA  . GLN A 1 4   ? 2.683   -3.061  15.641  1.00 119.34 ? 4   GLN A CA  1 
ATOM   9   C C   . GLN A 1 4   ? 3.590   -2.408  14.597  1.00 119.19 ? 4   GLN A C   1 
ATOM   10  O O   . GLN A 1 4   ? 3.467   -1.217  14.309  1.00 101.88 ? 4   GLN A O   1 
ATOM   11  C CB  . GLN A 1 4   ? 3.244   -2.797  17.041  1.00 120.27 ? 4   GLN A CB  1 
ATOM   12  C CG  . GLN A 1 4   ? 4.686   -3.253  17.238  1.00 127.05 ? 4   GLN A CG  1 
ATOM   13  C CD  . GLN A 1 4   ? 4.869   -4.746  17.029  1.00 112.32 ? 4   GLN A CD  1 
ATOM   14  O OE1 . GLN A 1 4   ? 3.900   -5.485  16.859  1.00 121.12 ? 4   GLN A OE1 1 
ATOM   15  N NE2 . GLN A 1 4   ? 6.118   -5.195  17.042  1.00 89.96  ? 4   GLN A NE2 1 
ATOM   16  N N   . MET A 1 5   ? 4.501   -3.196  14.038  1.00 116.84 ? 5   MET A N   1 
ATOM   17  C CA  . MET A 1 5   ? 5.492   -2.687  13.099  1.00 103.15 ? 5   MET A CA  1 
ATOM   18  C C   . MET A 1 5   ? 5.011   -2.849  11.661  1.00 104.66 ? 5   MET A C   1 
ATOM   19  O O   . MET A 1 5   ? 5.345   -2.046  10.788  1.00 96.79  ? 5   MET A O   1 
ATOM   20  C CB  . MET A 1 5   ? 6.810   -3.431  13.307  1.00 93.74  ? 5   MET A CB  1 
ATOM   21  C CG  . MET A 1 5   ? 7.983   -2.907  12.498  1.00 117.54 ? 5   MET A CG  1 
ATOM   22  S SD  . MET A 1 5   ? 9.468   -3.892  12.784  1.00 114.51 ? 5   MET A SD  1 
ATOM   23  C CE  . MET A 1 5   ? 9.502   -3.946  14.570  1.00 55.76  ? 5   MET A CE  1 
ATOM   24  N N   . LEU A 1 6   ? 4.220   -3.892  11.421  1.00 101.59 ? 6   LEU A N   1 
ATOM   25  C CA  . LEU A 1 6   ? 3.590   -4.100  10.122  1.00 88.03  ? 6   LEU A CA  1 
ATOM   26  C C   . LEU A 1 6   ? 2.850   -2.846  9.660   1.00 95.18  ? 6   LEU A C   1 
ATOM   27  O O   . LEU A 1 6   ? 2.671   -2.629  8.462   1.00 93.19  ? 6   LEU A O   1 
ATOM   28  C CB  . LEU A 1 6   ? 2.612   -5.275  10.191  1.00 107.36 ? 6   LEU A CB  1 
ATOM   29  C CG  . LEU A 1 6   ? 3.152   -6.669  9.856   1.00 96.68  ? 6   LEU A CG  1 
ATOM   30  C CD1 . LEU A 1 6   ? 2.147   -7.732  10.272  1.00 95.19  ? 6   LEU A CD1 1 
ATOM   31  C CD2 . LEU A 1 6   ? 3.464   -6.791  8.373   1.00 87.37  ? 6   LEU A CD2 1 
ATOM   32  N N   . LYS A 1 7   ? 2.426   -2.021  10.614  1.00 93.90  ? 7   LYS A N   1 
ATOM   33  C CA  . LYS A 1 7   ? 1.680   -0.803  10.307  1.00 93.16  ? 7   LYS A CA  1 
ATOM   34  C C   . LYS A 1 7   ? 2.592   0.333   9.862   1.00 63.35  ? 7   LYS A C   1 
ATOM   35  O O   . LYS A 1 7   ? 2.164   1.230   9.135   1.00 74.78  ? 7   LYS A O   1 
ATOM   36  C CB  . LYS A 1 7   ? 0.861   -0.369  11.525  1.00 105.62 ? 7   LYS A CB  1 
ATOM   37  C CG  . LYS A 1 7   ? -0.351  -1.245  11.771  1.00 98.12  ? 7   LYS A CG  1 
ATOM   38  C CD  . LYS A 1 7   ? -0.621  -1.452  13.249  1.00 108.37 ? 7   LYS A CD  1 
ATOM   39  C CE  . LYS A 1 7   ? -1.341  -2.771  13.482  1.00 110.57 ? 7   LYS A CE  1 
ATOM   40  N NZ  . LYS A 1 7   ? -2.314  -2.704  14.599  1.00 86.33  ? 7   LYS A NZ  1 
ATOM   41  N N   . GLY A 1 8   ? 3.846   0.295   10.298  1.00 74.54  ? 8   GLY A N   1 
ATOM   42  C CA  . GLY A 1 8   ? 4.815   1.299   9.903   1.00 73.06  ? 8   GLY A CA  1 
ATOM   43  C C   . GLY A 1 8   ? 5.020   1.311   8.399   1.00 79.96  ? 8   GLY A C   1 
ATOM   44  O O   . GLY A 1 8   ? 5.079   2.370   7.773   1.00 66.01  ? 8   GLY A O   1 
ATOM   45  N N   . VAL A 1 9   ? 5.105   0.117   7.819   1.00 73.86  ? 9   VAL A N   1 
ATOM   46  C CA  . VAL A 1 9   ? 5.445   -0.041  6.410   1.00 53.31  ? 9   VAL A CA  1 
ATOM   47  C C   . VAL A 1 9   ? 4.231   -0.318  5.523   1.00 44.84  ? 9   VAL A C   1 
ATOM   48  O O   . VAL A 1 9   ? 4.374   -0.543  4.323   1.00 45.01  ? 9   VAL A O   1 
ATOM   49  C CB  . VAL A 1 9   ? 6.429   -1.211  6.223   1.00 55.92  ? 9   VAL A CB  1 
ATOM   50  C CG1 . VAL A 1 9   ? 7.682   -0.991  7.057   1.00 53.05  ? 9   VAL A CG1 1 
ATOM   51  C CG2 . VAL A 1 9   ? 5.758   -2.527  6.594   1.00 67.01  ? 9   VAL A CG2 1 
ATOM   52  N N   . LEU A 1 10  ? 3.040   -0.298  6.110   1.00 46.17  ? 10  LEU A N   1 
ATOM   53  C CA  . LEU A 1 10  ? 1.831   -0.687  5.391   1.00 44.16  ? 10  LEU A CA  1 
ATOM   54  C C   . LEU A 1 10  ? 1.424   0.358   4.353   1.00 43.12  ? 10  LEU A C   1 
ATOM   55  O O   . LEU A 1 10  ? 0.998   0.013   3.249   1.00 42.79  ? 10  LEU A O   1 
ATOM   56  C CB  . LEU A 1 10  ? 0.687   -0.934  6.376   1.00 51.32  ? 10  LEU A CB  1 
ATOM   57  C CG  . LEU A 1 10  ? -0.668  -1.347  5.798   1.00 49.54  ? 10  LEU A CG  1 
ATOM   58  C CD1 . LEU A 1 10  ? -0.582  -2.675  5.058   1.00 44.89  ? 10  LEU A CD1 1 
ATOM   59  C CD2 . LEU A 1 10  ? -1.692  -1.426  6.915   1.00 53.49  ? 10  LEU A CD2 1 
ATOM   60  N N   . GLU A 1 11  ? 1.552   1.631   4.708   1.00 47.30  ? 11  GLU A N   1 
ATOM   61  C CA  . GLU A 1 11  ? 1.239   2.716   3.784   1.00 39.07  ? 11  GLU A CA  1 
ATOM   62  C C   . GLU A 1 11  ? 2.116   2.625   2.538   1.00 38.42  ? 11  GLU A C   1 
ATOM   63  O O   . GLU A 1 11  ? 1.644   2.822   1.420   1.00 44.50  ? 11  GLU A O   1 
ATOM   64  C CB  . GLU A 1 11  ? 1.430   4.071   4.471   1.00 45.17  ? 11  GLU A CB  1 
ATOM   65  C CG  . GLU A 1 11  ? 1.154   5.271   3.578   1.00 55.02  ? 11  GLU A CG  1 
ATOM   66  C CD  . GLU A 1 11  ? 0.846   6.531   4.368   1.00 52.14  ? 11  GLU A CD  1 
ATOM   67  O OE1 . GLU A 1 11  ? 0.780   6.452   5.611   1.00 62.02  ? 11  GLU A OE1 1 
ATOM   68  O OE2 . GLU A 1 11  ? 0.668   7.598   3.744   1.00 62.77  ? 11  GLU A OE2 1 
ATOM   69  N N   . GLY A 1 12  ? 3.391   2.314   2.741   1.00 35.79  ? 12  GLY A N   1 
ATOM   70  C CA  . GLY A 1 12  ? 4.337   2.203   1.644   1.00 38.90  ? 12  GLY A CA  1 
ATOM   71  C C   . GLY A 1 12  ? 4.057   1.023   0.734   1.00 40.75  ? 12  GLY A C   1 
ATOM   72  O O   . GLY A 1 12  ? 4.209   1.114   -0.483  1.00 42.33  ? 12  GLY A O   1 
ATOM   73  N N   . CYS A 1 13  ? 3.644   -0.094  1.323   1.00 44.28  ? 13  CYS A N   1 
ATOM   74  C CA  . CYS A 1 13  ? 3.357   -1.297  0.548   1.00 36.13  ? 13  CYS A CA  1 
ATOM   75  C C   . CYS A 1 13  ? 2.050   -1.137  -0.218  1.00 33.21  ? 13  CYS A C   1 
ATOM   76  O O   . CYS A 1 13  ? 1.882   -1.686  -1.303  1.00 34.87  ? 13  CYS A O   1 
ATOM   77  C CB  . CYS A 1 13  ? 3.293   -2.519  1.463   1.00 38.56  ? 13  CYS A CB  1 
ATOM   78  S SG  . CYS A 1 13  ? 4.900   -2.986  2.153   1.00 41.95  ? 13  CYS A SG  1 
ATOM   79  N N   . ILE A 1 14  ? 1.127   -0.380  0.361   1.00 31.06  ? 14  ILE A N   1 
ATOM   80  C CA  . ILE A 1 14  ? -0.112  -0.030  -0.318  1.00 33.36  ? 14  ILE A CA  1 
ATOM   81  C C   . ILE A 1 14  ? 0.173   0.855   -1.534  1.00 44.55  ? 14  ILE A C   1 
ATOM   82  O O   . ILE A 1 14  ? -0.407  0.657   -2.601  1.00 46.81  ? 14  ILE A O   1 
ATOM   83  C CB  . ILE A 1 14  ? -1.094  0.681   0.635   1.00 35.46  ? 14  ILE A CB  1 
ATOM   84  C CG1 . ILE A 1 14  ? -1.795  -0.355  1.513   1.00 34.18  ? 14  ILE A CG1 1 
ATOM   85  C CG2 . ILE A 1 14  ? -2.122  1.493   -0.149  1.00 32.63  ? 14  ILE A CG2 1 
ATOM   86  C CD1 . ILE A 1 14  ? -2.749  0.230   2.530   1.00 37.19  ? 14  ILE A CD1 1 
ATOM   87  N N   . LEU A 1 15  ? 1.067   1.827   -1.376  1.00 41.77  ? 15  LEU A N   1 
ATOM   88  C CA  . LEU A 1 15  ? 1.447   2.681   -2.494  1.00 38.34  ? 15  LEU A CA  1 
ATOM   89  C C   . LEU A 1 15  ? 2.130   1.861   -3.580  1.00 41.68  ? 15  LEU A C   1 
ATOM   90  O O   . LEU A 1 15  ? 1.871   2.061   -4.768  1.00 38.30  ? 15  LEU A O   1 
ATOM   91  C CB  . LEU A 1 15  ? 2.375   3.812   -2.045  1.00 40.91  ? 15  LEU A CB  1 
ATOM   92  C CG  . LEU A 1 15  ? 1.763   4.929   -1.197  1.00 45.48  ? 15  LEU A CG  1 
ATOM   93  C CD1 . LEU A 1 15  ? 2.850   5.882   -0.726  1.00 37.01  ? 15  LEU A CD1 1 
ATOM   94  C CD2 . LEU A 1 15  ? 0.695   5.683   -1.974  1.00 40.78  ? 15  LEU A CD2 1 
ATOM   95  N N   . TYR A 1 16  ? 2.998   0.936   -3.178  1.00 36.61  ? 16  TYR A N   1 
ATOM   96  C CA  . TYR A 1 16  ? 3.687   0.095   -4.149  1.00 33.36  ? 16  TYR A CA  1 
ATOM   97  C C   . TYR A 1 16  ? 2.685   -0.679  -4.988  1.00 36.77  ? 16  TYR A C   1 
ATOM   98  O O   . TYR A 1 16  ? 2.749   -0.676  -6.215  1.00 47.81  ? 16  TYR A O   1 
ATOM   99  C CB  . TYR A 1 16  ? 4.631   -0.895  -3.469  1.00 31.03  ? 16  TYR A CB  1 
ATOM   100 C CG  . TYR A 1 16  ? 5.300   -1.806  -4.469  1.00 41.29  ? 16  TYR A CG  1 
ATOM   101 C CD1 . TYR A 1 16  ? 6.341   -1.346  -5.264  1.00 46.82  ? 16  TYR A CD1 1 
ATOM   102 C CD2 . TYR A 1 16  ? 4.874   -3.116  -4.640  1.00 46.88  ? 16  TYR A CD2 1 
ATOM   103 C CE1 . TYR A 1 16  ? 6.949   -2.168  -6.191  1.00 49.13  ? 16  TYR A CE1 1 
ATOM   104 C CE2 . TYR A 1 16  ? 5.477   -3.947  -5.565  1.00 42.54  ? 16  TYR A CE2 1 
ATOM   105 C CZ  . TYR A 1 16  ? 6.514   -3.467  -6.337  1.00 57.73  ? 16  TYR A CZ  1 
ATOM   106 O OH  . TYR A 1 16  ? 7.115   -4.290  -7.259  1.00 73.91  ? 16  TYR A OH  1 
ATOM   107 N N   . ILE A 1 17  ? 1.758   -1.346  -4.309  1.00 47.22  ? 17  ILE A N   1 
ATOM   108 C CA  . ILE A 1 17  ? 0.775   -2.189  -4.974  1.00 38.05  ? 17  ILE A CA  1 
ATOM   109 C C   . ILE A 1 17  ? -0.093  -1.374  -5.923  1.00 35.97  ? 17  ILE A C   1 
ATOM   110 O O   . ILE A 1 17  ? -0.284  -1.754  -7.078  1.00 39.03  ? 17  ILE A O   1 
ATOM   111 C CB  . ILE A 1 17  ? -0.109  -2.922  -3.947  1.00 38.74  ? 17  ILE A CB  1 
ATOM   112 C CG1 . ILE A 1 17  ? 0.673   -4.083  -3.327  1.00 34.17  ? 17  ILE A CG1 1 
ATOM   113 C CG2 . ILE A 1 17  ? -1.381  -3.442  -4.602  1.00 35.04  ? 17  ILE A CG2 1 
ATOM   114 C CD1 . ILE A 1 17  ? 0.132   -4.552  -1.996  1.00 48.03  ? 17  ILE A CD1 1 
ATOM   115 N N   . ILE A 1 18  ? -0.611  -0.249  -5.439  1.00 39.29  ? 18  ILE A N   1 
ATOM   116 C CA  . ILE A 1 18  ? -1.455  0.614   -6.258  1.00 40.64  ? 18  ILE A CA  1 
ATOM   117 C C   . ILE A 1 18  ? -0.677  1.206   -7.431  1.00 39.50  ? 18  ILE A C   1 
ATOM   118 O O   . ILE A 1 18  ? -1.241  1.430   -8.502  1.00 39.64  ? 18  ILE A O   1 
ATOM   119 C CB  . ILE A 1 18  ? -2.074  1.756   -5.427  1.00 36.52  ? 18  ILE A CB  1 
ATOM   120 C CG1 . ILE A 1 18  ? -3.015  1.181   -4.361  1.00 33.64  ? 18  ILE A CG1 1 
ATOM   121 C CG2 . ILE A 1 18  ? -2.830  2.719   -6.331  1.00 28.61  ? 18  ILE A CG2 1 
ATOM   122 C CD1 . ILE A 1 18  ? -3.796  2.226   -3.587  1.00 35.26  ? 18  ILE A CD1 1 
ATOM   123 N N   . SER A 1 19  ? 0.615   1.456   -7.232  1.00 39.53  ? 19  SER A N   1 
ATOM   124 C CA  . SER A 1 19  ? 1.444   2.029   -8.290  1.00 37.03  ? 19  SER A CA  1 
ATOM   125 C C   . SER A 1 19  ? 1.594   1.044   -9.443  1.00 43.48  ? 19  SER A C   1 
ATOM   126 O O   . SER A 1 19  ? 1.818   1.440   -10.588 1.00 49.01  ? 19  SER A O   1 
ATOM   127 C CB  . SER A 1 19  ? 2.824   2.442   -7.754  1.00 41.46  ? 19  SER A CB  1 
ATOM   128 O OG  . SER A 1 19  ? 3.740   1.360   -7.704  1.00 42.08  ? 19  SER A OG  1 
ATOM   129 N N   . GLN A 1 20  ? 1.455   -0.240  -9.134  1.00 47.27  ? 20  GLN A N   1 
ATOM   130 C CA  . GLN A 1 20  ? 1.678   -1.291  -10.118 1.00 35.95  ? 20  GLN A CA  1 
ATOM   131 C C   . GLN A 1 20  ? 0.388   -1.726  -10.801 1.00 35.62  ? 20  GLN A C   1 
ATOM   132 O O   . GLN A 1 20  ? 0.419   -2.237  -11.920 1.00 37.36  ? 20  GLN A O   1 
ATOM   133 C CB  . GLN A 1 20  ? 2.360   -2.495  -9.463  1.00 37.75  ? 20  GLN A CB  1 
ATOM   134 C CG  . GLN A 1 20  ? 3.793   -2.226  -9.029  1.00 46.51  ? 20  GLN A CG  1 
ATOM   135 C CD  . GLN A 1 20  ? 4.695   -1.859  -10.195 1.00 67.25  ? 20  GLN A CD  1 
ATOM   136 O OE1 . GLN A 1 20  ? 4.701   -2.535  -11.225 1.00 66.77  ? 20  GLN A OE1 1 
ATOM   137 N NE2 . GLN A 1 20  ? 5.458   -0.780  -10.040 1.00 57.74  ? 20  GLN A NE2 1 
ATOM   138 N N   . GLU A 1 21  ? -0.744  -1.518  -10.136 1.00 44.10  ? 21  GLU A N   1 
ATOM   139 C CA  . GLU A 1 21  ? -2.031  -1.905  -10.698 1.00 45.97  ? 21  GLU A CA  1 
ATOM   140 C C   . GLU A 1 21  ? -3.196  -1.189  -10.018 1.00 44.62  ? 21  GLU A C   1 
ATOM   141 O O   . GLU A 1 21  ? -3.303  -1.170  -8.794  1.00 46.37  ? 21  GLU A O   1 
ATOM   142 C CB  . GLU A 1 21  ? -2.232  -3.416  -10.576 1.00 46.68  ? 21  GLU A CB  1 
ATOM   143 C CG  . GLU A 1 21  ? -3.528  -3.911  -11.200 1.00 65.57  ? 21  GLU A CG  1 
ATOM   144 C CD  . GLU A 1 21  ? -3.891  -5.314  -10.752 1.00 80.87  ? 21  GLU A CD  1 
ATOM   145 O OE1 . GLU A 1 21  ? -3.110  -5.917  -9.986  1.00 61.36  ? 21  GLU A OE1 1 
ATOM   146 O OE2 . GLU A 1 21  ? -4.962  -5.812  -11.161 1.00 72.37  ? 21  GLU A OE2 1 
ATOM   147 N N   . GLU A 1 22  ? -4.063  -0.597  -10.831 1.00 47.21  ? 22  GLU A N   1 
ATOM   148 C CA  . GLU A 1 22  ? -5.324  -0.050  -10.347 1.00 48.19  ? 22  GLU A CA  1 
ATOM   149 C C   . GLU A 1 22  ? -6.118  -1.155  -9.663  1.00 42.30  ? 22  GLU A C   1 
ATOM   150 O O   . GLU A 1 22  ? -6.404  -2.184  -10.272 1.00 44.83  ? 22  GLU A O   1 
ATOM   151 C CB  . GLU A 1 22  ? -6.142  0.506   -11.514 1.00 38.28  ? 22  GLU A CB  1 
ATOM   152 C CG  . GLU A 1 22  ? -6.446  1.987   -11.428 1.00 48.21  ? 22  GLU A CG  1 
ATOM   153 C CD  . GLU A 1 22  ? -7.394  2.441   -12.517 1.00 49.19  ? 22  GLU A CD  1 
ATOM   154 O OE1 . GLU A 1 22  ? -7.353  1.867   -13.626 1.00 53.65  ? 22  GLU A OE1 1 
ATOM   155 O OE2 . GLU A 1 22  ? -8.188  3.371   -12.261 1.00 60.07  ? 22  GLU A OE2 1 
ATOM   156 N N   . VAL A 1 23  ? -6.481  -0.941  -8.404  1.00 40.44  ? 23  VAL A N   1 
ATOM   157 C CA  . VAL A 1 23  ? -7.222  -1.949  -7.647  1.00 47.09  ? 23  VAL A CA  1 
ATOM   158 C C   . VAL A 1 23  ? -8.353  -1.339  -6.827  1.00 40.47  ? 23  VAL A C   1 
ATOM   159 O O   . VAL A 1 23  ? -8.244  -0.206  -6.356  1.00 38.55  ? 23  VAL A O   1 
ATOM   160 C CB  . VAL A 1 23  ? -6.298  -2.718  -6.680  1.00 34.49  ? 23  VAL A CB  1 
ATOM   161 C CG1 . VAL A 1 23  ? -5.283  -3.553  -7.454  1.00 42.25  ? 23  VAL A CG1 1 
ATOM   162 C CG2 . VAL A 1 23  ? -5.607  -1.753  -5.722  1.00 33.46  ? 23  VAL A CG2 1 
ATOM   163 N N   . TYR A 1 24  ? -9.437  -2.093  -6.655  1.00 40.98  ? 24  TYR A N   1 
ATOM   164 C CA  . TYR A 1 24  ? -10.501 -1.673  -5.746  1.00 36.38  ? 24  TYR A CA  1 
ATOM   165 C C   . TYR A 1 24  ? -10.251 -2.236  -4.351  1.00 36.40  ? 24  TYR A C   1 
ATOM   166 O O   . TYR A 1 24  ? -9.380  -3.086  -4.165  1.00 39.11  ? 24  TYR A O   1 
ATOM   167 C CB  . TYR A 1 24  ? -11.906 -2.026  -6.273  1.00 40.37  ? 24  TYR A CB  1 
ATOM   168 C CG  . TYR A 1 24  ? -12.186 -3.488  -6.582  1.00 41.29  ? 24  TYR A CG  1 
ATOM   169 C CD1 . TYR A 1 24  ? -11.697 -4.085  -7.735  1.00 47.33  ? 24  TYR A CD1 1 
ATOM   170 C CD2 . TYR A 1 24  ? -12.990 -4.252  -5.744  1.00 46.91  ? 24  TYR A CD2 1 
ATOM   171 C CE1 . TYR A 1 24  ? -11.970 -5.411  -8.027  1.00 47.97  ? 24  TYR A CE1 1 
ATOM   172 C CE2 . TYR A 1 24  ? -13.271 -5.577  -6.029  1.00 39.67  ? 24  TYR A CE2 1 
ATOM   173 C CZ  . TYR A 1 24  ? -12.760 -6.150  -7.170  1.00 54.21  ? 24  TYR A CZ  1 
ATOM   174 O OH  . TYR A 1 24  ? -13.040 -7.469  -7.454  1.00 44.89  ? 24  TYR A OH  1 
ATOM   175 N N   . GLY A 1 25  ? -11.005 -1.741  -3.376  1.00 37.95  ? 25  GLY A N   1 
ATOM   176 C CA  . GLY A 1 25  ? -10.741 -2.016  -1.974  1.00 44.15  ? 25  GLY A CA  1 
ATOM   177 C C   . GLY A 1 25  ? -10.521 -3.478  -1.634  1.00 42.39  ? 25  GLY A C   1 
ATOM   178 O O   . GLY A 1 25  ? -9.528  -3.831  -0.998  1.00 36.14  ? 25  GLY A O   1 
ATOM   179 N N   . TYR A 1 26  ? -11.447 -4.332  -2.057  1.00 38.29  ? 26  TYR A N   1 
ATOM   180 C CA  . TYR A 1 26  ? -11.393 -5.748  -1.716  1.00 42.13  ? 26  TYR A CA  1 
ATOM   181 C C   . TYR A 1 26  ? -10.206 -6.423  -2.393  1.00 36.01  ? 26  TYR A C   1 
ATOM   182 O O   . TYR A 1 26  ? -9.532  -7.272  -1.804  1.00 37.31  ? 26  TYR A O   1 
ATOM   183 C CB  . TYR A 1 26  ? -12.692 -6.441  -2.129  1.00 43.17  ? 26  TYR A CB  1 
ATOM   184 C CG  . TYR A 1 26  ? -12.629 -7.945  -2.022  1.00 37.53  ? 26  TYR A CG  1 
ATOM   185 C CD1 . TYR A 1 26  ? -12.563 -8.568  -0.784  1.00 39.32  ? 26  TYR A CD1 1 
ATOM   186 C CD2 . TYR A 1 26  ? -12.635 -8.742  -3.160  1.00 41.91  ? 26  TYR A CD2 1 
ATOM   187 C CE1 . TYR A 1 26  ? -12.502 -9.941  -0.681  1.00 46.03  ? 26  TYR A CE1 1 
ATOM   188 C CE2 . TYR A 1 26  ? -12.576 -10.115 -3.067  1.00 37.65  ? 26  TYR A CE2 1 
ATOM   189 C CZ  . TYR A 1 26  ? -12.509 -10.710 -1.825  1.00 41.80  ? 26  TYR A CZ  1 
ATOM   190 O OH  . TYR A 1 26  ? -12.451 -12.079 -1.725  1.00 41.23  ? 26  TYR A OH  1 
ATOM   191 N N   . GLU A 1 27  ? -9.963  -6.035  -3.638  1.00 37.04  ? 27  GLU A N   1 
ATOM   192 C CA  . GLU A 1 27  ? -8.831  -6.534  -4.406  1.00 35.25  ? 27  GLU A CA  1 
ATOM   193 C C   . GLU A 1 27  ? -7.519  -6.192  -3.701  1.00 37.15  ? 27  GLU A C   1 
ATOM   194 O O   . GLU A 1 27  ? -6.598  -7.008  -3.641  1.00 32.83  ? 27  GLU A O   1 
ATOM   195 C CB  . GLU A 1 27  ? -8.860  -5.912  -5.802  1.00 31.69  ? 27  GLU A CB  1 
ATOM   196 C CG  . GLU A 1 27  ? -7.867  -6.484  -6.793  1.00 52.87  ? 27  GLU A CG  1 
ATOM   197 C CD  . GLU A 1 27  ? -7.933  -5.774  -8.133  1.00 56.03  ? 27  GLU A CD  1 
ATOM   198 O OE1 . GLU A 1 27  ? -7.182  -6.159  -9.055  1.00 79.92  ? 27  GLU A OE1 1 
ATOM   199 O OE2 . GLU A 1 27  ? -8.737  -4.827  -8.261  1.00 50.72  ? 27  GLU A OE2 1 
ATOM   200 N N   . LEU A 1 28  ? -7.449  -4.982  -3.155  1.00 34.85  ? 28  LEU A N   1 
ATOM   201 C CA  . LEU A 1 28  ? -6.252  -4.513  -2.464  1.00 32.18  ? 28  LEU A CA  1 
ATOM   202 C C   . LEU A 1 28  ? -5.943  -5.354  -1.228  1.00 36.23  ? 28  LEU A C   1 
ATOM   203 O O   . LEU A 1 28  ? -4.835  -5.870  -1.079  1.00 41.89  ? 28  LEU A O   1 
ATOM   204 C CB  . LEU A 1 28  ? -6.414  -3.046  -2.059  1.00 32.64  ? 28  LEU A CB  1 
ATOM   205 C CG  . LEU A 1 28  ? -5.293  -2.455  -1.200  1.00 36.25  ? 28  LEU A CG  1 
ATOM   206 C CD1 . LEU A 1 28  ? -3.953  -2.546  -1.916  1.00 39.57  ? 28  LEU A CD1 1 
ATOM   207 C CD2 . LEU A 1 28  ? -5.605  -1.014  -0.826  1.00 38.00  ? 28  LEU A CD2 1 
ATOM   208 N N   . SER A 1 29  ? -6.925  -5.491  -0.344  1.00 40.81  ? 29  SER A N   1 
ATOM   209 C CA  . SER A 1 29  ? -6.723  -6.202  0.915   1.00 45.07  ? 29  SER A CA  1 
ATOM   210 C C   . SER A 1 29  ? -6.466  -7.690  0.690   1.00 40.68  ? 29  SER A C   1 
ATOM   211 O O   . SER A 1 29  ? -5.758  -8.328  1.471   1.00 40.66  ? 29  SER A O   1 
ATOM   212 C CB  . SER A 1 29  ? -7.930  -6.021  1.829   1.00 41.14  ? 29  SER A CB  1 
ATOM   213 O OG  . SER A 1 29  ? -8.988  -6.864  1.433   1.00 65.43  ? 29  SER A OG  1 
ATOM   214 N N   . THR A 1 30  ? -7.046  -8.244  -0.369  1.00 31.95  ? 30  THR A N   1 
ATOM   215 C CA  . THR A 1 30  ? -6.781  -9.635  -0.719  1.00 43.68  ? 30  THR A CA  1 
ATOM   216 C C   . THR A 1 30  ? -5.306  -9.799  -1.062  1.00 46.02  ? 30  THR A C   1 
ATOM   217 O O   . THR A 1 30  ? -4.645  -10.712 -0.566  1.00 45.91  ? 30  THR A O   1 
ATOM   218 C CB  . THR A 1 30  ? -7.633  -10.116 -1.914  1.00 43.20  ? 30  THR A CB  1 
ATOM   219 O OG1 . THR A 1 30  ? -9.013  -10.170 -1.536  1.00 49.56  ? 30  THR A OG1 1 
ATOM   220 C CG2 . THR A 1 30  ? -7.186  -11.504 -2.362  1.00 43.18  ? 30  THR A CG2 1 
ATOM   221 N N   . LYS A 1 31  ? -4.791  -8.908  -1.906  1.00 43.77  ? 31  LYS A N   1 
ATOM   222 C CA  . LYS A 1 31  ? -3.379  -8.944  -2.272  1.00 45.81  ? 31  LYS A CA  1 
ATOM   223 C C   . LYS A 1 31  ? -2.499  -8.766  -1.037  1.00 42.87  ? 31  LYS A C   1 
ATOM   224 O O   . LYS A 1 31  ? -1.493  -9.455  -0.882  1.00 46.43  ? 31  LYS A O   1 
ATOM   225 C CB  . LYS A 1 31  ? -3.049  -7.868  -3.310  1.00 40.61  ? 31  LYS A CB  1 
ATOM   226 C CG  . LYS A 1 31  ? -3.596  -8.148  -4.704  1.00 39.94  ? 31  LYS A CG  1 
ATOM   227 C CD  . LYS A 1 31  ? -2.889  -7.290  -5.743  1.00 55.61  ? 31  LYS A CD  1 
ATOM   228 C CE  . LYS A 1 31  ? -3.634  -7.257  -7.069  1.00 49.14  ? 31  LYS A CE  1 
ATOM   229 N NZ  . LYS A 1 31  ? -3.613  -8.563  -7.784  1.00 58.04  ? 31  LYS A NZ  1 
ATOM   230 N N   . LEU A 1 32  ? -2.883  -7.846  -0.156  1.00 41.31  ? 32  LEU A N   1 
ATOM   231 C CA  . LEU A 1 32  ? -2.129  -7.615  1.072   1.00 39.19  ? 32  LEU A CA  1 
ATOM   232 C C   . LEU A 1 32  ? -2.091  -8.886  1.908   1.00 44.85  ? 32  LEU A C   1 
ATOM   233 O O   . LEU A 1 32  ? -1.033  -9.266  2.408   1.00 45.24  ? 32  LEU A O   1 
ATOM   234 C CB  . LEU A 1 32  ? -2.733  -6.462  1.884   1.00 41.76  ? 32  LEU A CB  1 
ATOM   235 C CG  . LEU A 1 32  ? -2.507  -5.038  1.358   1.00 41.85  ? 32  LEU A CG  1 
ATOM   236 C CD1 . LEU A 1 32  ? -3.258  -4.030  2.211   1.00 44.73  ? 32  LEU A CD1 1 
ATOM   237 C CD2 . LEU A 1 32  ? -1.026  -4.691  1.322   1.00 32.08  ? 32  LEU A CD2 1 
ATOM   238 N N   . ASN A 1 33  ? -3.241  -9.544  2.055   1.00 46.55  ? 33  ASN A N   1 
ATOM   239 C CA  . ASN A 1 33  ? -3.311  -10.809 2.786   1.00 50.31  ? 33  ASN A CA  1 
ATOM   240 C C   . ASN A 1 33  ? -2.371  -11.857 2.206   1.00 44.79  ? 33  ASN A C   1 
ATOM   241 O O   . ASN A 1 33  ? -1.624  -12.506 2.937   1.00 52.66  ? 33  ASN A O   1 
ATOM   242 C CB  . ASN A 1 33  ? -4.736  -11.367 2.772   1.00 49.28  ? 33  ASN A CB  1 
ATOM   243 C CG  . ASN A 1 33  ? -5.685  -10.571 3.640   1.00 46.96  ? 33  ASN A CG  1 
ATOM   244 O OD1 . ASN A 1 33  ? -5.270  -9.880  4.570   1.00 51.09  ? 33  ASN A OD1 1 
ATOM   245 N ND2 . ASN A 1 33  ? -6.974  -10.674 3.346   1.00 47.71  ? 33  ASN A ND2 1 
ATOM   246 N N   . LYS A 1 34  ? -2.411  -12.019 0.887   1.00 40.72  ? 34  LYS A N   1 
ATOM   247 C CA  . LYS A 1 34  ? -1.688  -13.104 0.232   1.00 62.02  ? 34  LYS A CA  1 
ATOM   248 C C   . LYS A 1 34  ? -0.197  -12.802 0.072   1.00 68.67  ? 34  LYS A C   1 
ATOM   249 O O   . LYS A 1 34  ? 0.575   -13.670 -0.332  1.00 72.86  ? 34  LYS A O   1 
ATOM   250 C CB  . LYS A 1 34  ? -2.320  -13.429 -1.126  1.00 63.45  ? 34  LYS A CB  1 
ATOM   251 C CG  . LYS A 1 34  ? -1.701  -14.634 -1.811  1.00 99.55  ? 34  LYS A CG  1 
ATOM   252 C CD  . LYS A 1 34  ? -2.500  -15.072 -3.020  1.00 113.57 ? 34  LYS A CD  1 
ATOM   253 C CE  . LYS A 1 34  ? -1.848  -16.271 -3.680  1.00 127.75 ? 34  LYS A CE  1 
ATOM   254 N NZ  . LYS A 1 34  ? -2.590  -16.730 -4.881  1.00 113.64 ? 34  LYS A NZ  1 
ATOM   255 N N   . HIS A 1 35  ? 0.206   -11.575 0.389   1.00 63.92  ? 35  HIS A N   1 
ATOM   256 C CA  . HIS A 1 35  ? 1.626   -11.234 0.418   1.00 53.15  ? 35  HIS A CA  1 
ATOM   257 C C   . HIS A 1 35  ? 2.152   -11.155 1.849   1.00 57.43  ? 35  HIS A C   1 
ATOM   258 O O   . HIS A 1 35  ? 3.292   -10.751 2.073   1.00 56.40  ? 35  HIS A O   1 
ATOM   259 C CB  . HIS A 1 35  ? 1.903   -9.929  -0.335  1.00 50.76  ? 35  HIS A CB  1 
ATOM   260 C CG  . HIS A 1 35  ? 1.972   -10.098 -1.822  1.00 65.43  ? 35  HIS A CG  1 
ATOM   261 N ND1 . HIS A 1 35  ? 3.155   -10.323 -2.491  1.00 74.71  ? 35  HIS A ND1 1 
ATOM   262 C CD2 . HIS A 1 35  ? 1.001   -10.087 -2.764  1.00 72.76  ? 35  HIS A CD2 1 
ATOM   263 C CE1 . HIS A 1 35  ? 2.911   -10.436 -3.785  1.00 78.42  ? 35  HIS A CE1 1 
ATOM   264 N NE2 . HIS A 1 35  ? 1.614   -10.297 -3.978  1.00 79.31  ? 35  HIS A NE2 1 
ATOM   265 N N   . GLY A 1 36  ? 1.313   -11.536 2.812   1.00 58.94  ? 36  GLY A N   1 
ATOM   266 C CA  . GLY A 1 36  ? 1.762   -11.756 4.177   1.00 38.33  ? 36  GLY A CA  1 
ATOM   267 C C   . GLY A 1 36  ? 1.251   -10.796 5.239   1.00 57.42  ? 36  GLY A C   1 
ATOM   268 O O   . GLY A 1 36  ? 1.598   -10.942 6.411   1.00 62.22  ? 36  GLY A O   1 
ATOM   269 N N   . PHE A 1 37  ? 0.440   -9.817  4.854   1.00 55.64  ? 37  PHE A N   1 
ATOM   270 C CA  . PHE A 1 37  ? -0.194  -8.940  5.837   1.00 59.84  ? 37  PHE A CA  1 
ATOM   271 C C   . PHE A 1 37  ? -1.499  -9.584  6.291   1.00 56.68  ? 37  PHE A C   1 
ATOM   272 O O   . PHE A 1 37  ? -2.586  -9.127  5.940   1.00 61.95  ? 37  PHE A O   1 
ATOM   273 C CB  . PHE A 1 37  ? -0.477  -7.557  5.249   1.00 55.09  ? 37  PHE A CB  1 
ATOM   274 C CG  . PHE A 1 37  ? 0.758   -6.773  4.909   1.00 59.35  ? 37  PHE A CG  1 
ATOM   275 C CD1 . PHE A 1 37  ? 1.440   -7.000  3.722   1.00 54.25  ? 37  PHE A CD1 1 
ATOM   276 C CD2 . PHE A 1 37  ? 1.231   -5.796  5.769   1.00 58.08  ? 37  PHE A CD2 1 
ATOM   277 C CE1 . PHE A 1 37  ? 2.574   -6.272  3.405   1.00 45.75  ? 37  PHE A CE1 1 
ATOM   278 C CE2 . PHE A 1 37  ? 2.364   -5.064  5.457   1.00 61.43  ? 37  PHE A CE2 1 
ATOM   279 C CZ  . PHE A 1 37  ? 3.035   -5.303  4.275   1.00 54.09  ? 37  PHE A CZ  1 
ATOM   280 N N   . THR A 1 38  ? -1.383  -10.645 7.080   1.00 71.72  ? 38  THR A N   1 
ATOM   281 C CA  . THR A 1 38  ? -2.527  -11.497 7.399   1.00 80.02  ? 38  THR A CA  1 
ATOM   282 C C   . THR A 1 38  ? -3.592  -10.817 8.258   1.00 67.00  ? 38  THR A C   1 
ATOM   283 O O   . THR A 1 38  ? -4.737  -11.261 8.295   1.00 60.37  ? 38  THR A O   1 
ATOM   284 C CB  . THR A 1 38  ? -2.072  -12.788 8.111   1.00 72.64  ? 38  THR A CB  1 
ATOM   285 O OG1 . THR A 1 38  ? -1.322  -12.453 9.285   1.00 70.97  ? 38  THR A OG1 1 
ATOM   286 C CG2 . THR A 1 38  ? -1.207  -13.632 7.183   1.00 62.67  ? 38  THR A CG2 1 
ATOM   287 N N   . PHE A 1 39  ? -3.223  -9.743  8.946   1.00 66.07  ? 39  PHE A N   1 
ATOM   288 C CA  . PHE A 1 39  ? -4.148  -9.087  9.866   1.00 53.40  ? 39  PHE A CA  1 
ATOM   289 C C   . PHE A 1 39  ? -5.036  -8.045  9.188   1.00 74.11  ? 39  PHE A C   1 
ATOM   290 O O   . PHE A 1 39  ? -6.032  -7.616  9.770   1.00 65.27  ? 39  PHE A O   1 
ATOM   291 C CB  . PHE A 1 39  ? -3.382  -8.417  11.007  1.00 71.81  ? 39  PHE A CB  1 
ATOM   292 C CG  . PHE A 1 39  ? -2.829  -7.070  10.649  1.00 88.38  ? 39  PHE A CG  1 
ATOM   293 C CD1 . PHE A 1 39  ? -3.571  -5.920  10.870  1.00 94.48  ? 39  PHE A CD1 1 
ATOM   294 C CD2 . PHE A 1 39  ? -1.567  -6.952  10.086  1.00 68.19  ? 39  PHE A CD2 1 
ATOM   295 C CE1 . PHE A 1 39  ? -3.065  -4.676  10.540  1.00 104.34 ? 39  PHE A CE1 1 
ATOM   296 C CE2 . PHE A 1 39  ? -1.056  -5.713  9.754   1.00 90.21  ? 39  PHE A CE2 1 
ATOM   297 C CZ  . PHE A 1 39  ? -1.804  -4.572  9.980   1.00 92.70  ? 39  PHE A CZ  1 
ATOM   298 N N   . VAL A 1 40  ? -4.687  -7.629  7.973   1.00 59.71  ? 40  VAL A N   1 
ATOM   299 C CA  . VAL A 1 40  ? -5.425  -6.543  7.332   1.00 58.76  ? 40  VAL A CA  1 
ATOM   300 C C   . VAL A 1 40  ? -6.783  -7.000  6.807   1.00 56.84  ? 40  VAL A C   1 
ATOM   301 O O   . VAL A 1 40  ? -6.957  -8.142  6.381   1.00 56.33  ? 40  VAL A O   1 
ATOM   302 C CB  . VAL A 1 40  ? -4.639  -5.875  6.172   1.00 47.56  ? 40  VAL A CB  1 
ATOM   303 C CG1 . VAL A 1 40  ? -3.240  -5.493  6.622   1.00 58.86  ? 40  VAL A CG1 1 
ATOM   304 C CG2 . VAL A 1 40  ? -4.595  -6.773  4.943   1.00 59.36  ? 40  VAL A CG2 1 
ATOM   305 N N   . SER A 1 41  ? -7.743  -6.085  6.858   1.00 56.20  ? 41  SER A N   1 
ATOM   306 C CA  . SER A 1 41  ? -9.056  -6.284  6.270   1.00 38.96  ? 41  SER A CA  1 
ATOM   307 C C   . SER A 1 41  ? -9.493  -4.935  5.711   1.00 45.00  ? 41  SER A C   1 
ATOM   308 O O   . SER A 1 41  ? -8.896  -3.909  6.037   1.00 48.56  ? 41  SER A O   1 
ATOM   309 C CB  . SER A 1 41  ? -10.050 -6.759  7.327   1.00 45.05  ? 41  SER A CB  1 
ATOM   310 O OG  . SER A 1 41  ? -10.288 -5.734  8.274   1.00 45.62  ? 41  SER A OG  1 
ATOM   311 N N   . GLU A 1 42  ? -10.527 -4.925  4.878   1.00 36.21  ? 42  GLU A N   1 
ATOM   312 C CA  . GLU A 1 42  ? -11.018 -3.672  4.324   1.00 33.16  ? 42  GLU A CA  1 
ATOM   313 C C   . GLU A 1 42  ? -11.385 -2.736  5.464   1.00 45.40  ? 42  GLU A C   1 
ATOM   314 O O   . GLU A 1 42  ? -11.158 -1.527  5.387   1.00 47.67  ? 42  GLU A O   1 
ATOM   315 C CB  . GLU A 1 42  ? -12.242 -3.897  3.437   1.00 40.61  ? 42  GLU A CB  1 
ATOM   316 C CG  . GLU A 1 42  ? -11.927 -4.397  2.039   1.00 22.96  ? 42  GLU A CG  1 
ATOM   317 C CD  . GLU A 1 42  ? -13.164 -4.479  1.161   1.00 50.44  ? 42  GLU A CD  1 
ATOM   318 O OE1 . GLU A 1 42  ? -13.759 -5.574  1.060   1.00 45.61  ? 42  GLU A OE1 1 
ATOM   319 O OE2 . GLU A 1 42  ? -13.538 -3.444  0.570   1.00 41.78  ? 42  GLU A OE2 1 
ATOM   320 N N   . GLY A 1 43  ? -11.946 -3.308  6.525   1.00 42.79  ? 43  GLY A N   1 
ATOM   321 C CA  . GLY A 1 43  ? -12.390 -2.534  7.666   1.00 37.84  ? 43  GLY A CA  1 
ATOM   322 C C   . GLY A 1 43  ? -11.245 -1.898  8.430   1.00 41.02  ? 43  GLY A C   1 
ATOM   323 O O   . GLY A 1 43  ? -11.360 -0.767  8.905   1.00 43.90  ? 43  GLY A O   1 
ATOM   324 N N   . SER A 1 44  ? -10.135 -2.619  8.544   1.00 37.46  ? 44  SER A N   1 
ATOM   325 C CA  . SER A 1 44  ? -9.010  -2.155  9.348   1.00 47.75  ? 44  SER A CA  1 
ATOM   326 C C   . SER A 1 44  ? -8.135  -1.132  8.620   1.00 47.43  ? 44  SER A C   1 
ATOM   327 O O   . SER A 1 44  ? -7.543  -0.262  9.257   1.00 59.94  ? 44  SER A O   1 
ATOM   328 C CB  . SER A 1 44  ? -8.162  -3.343  9.815   1.00 36.12  ? 44  SER A CB  1 
ATOM   329 O OG  . SER A 1 44  ? -7.302  -3.806  8.794   1.00 48.26  ? 44  SER A OG  1 
ATOM   330 N N   . ILE A 1 45  ? -8.053  -1.229  7.293   1.00 47.24  ? 45  ILE A N   1 
ATOM   331 C CA  . ILE A 1 45  ? -7.240  -0.292  6.515   1.00 46.70  ? 45  ILE A CA  1 
ATOM   332 C C   . ILE A 1 45  ? -8.057  0.856   5.929   1.00 43.29  ? 45  ILE A C   1 
ATOM   333 O O   . ILE A 1 45  ? -7.497  1.783   5.348   1.00 47.29  ? 45  ILE A O   1 
ATOM   334 C CB  . ILE A 1 45  ? -6.492  -0.986  5.346   1.00 41.71  ? 45  ILE A CB  1 
ATOM   335 C CG1 . ILE A 1 45  ? -7.467  -1.375  4.228   1.00 46.63  ? 45  ILE A CG1 1 
ATOM   336 C CG2 . ILE A 1 45  ? -5.708  -2.192  5.848   1.00 47.32  ? 45  ILE A CG2 1 
ATOM   337 C CD1 . ILE A 1 45  ? -6.792  -1.973  3.008   1.00 46.58  ? 45  ILE A CD1 1 
ATOM   338 N N   . TYR A 1 46  ? -9.376  0.797   6.078   1.00 40.38  ? 46  TYR A N   1 
ATOM   339 C CA  . TYR A 1 46  ? -10.247 1.799   5.466   1.00 48.54  ? 46  TYR A CA  1 
ATOM   340 C C   . TYR A 1 46  ? -9.866  3.222   5.869   1.00 46.64  ? 46  TYR A C   1 
ATOM   341 O O   . TYR A 1 46  ? -9.718  4.093   5.011   1.00 53.11  ? 46  TYR A O   1 
ATOM   342 C CB  . TYR A 1 46  ? -11.717 1.534   5.807   1.00 39.35  ? 46  TYR A CB  1 
ATOM   343 C CG  . TYR A 1 46  ? -12.671 2.473   5.118   1.00 38.47  ? 46  TYR A CG  1 
ATOM   344 C CD1 . TYR A 1 46  ? -12.701 2.564   3.734   1.00 36.81  ? 46  TYR A CD1 1 
ATOM   345 C CD2 . TYR A 1 46  ? -13.549 3.263   5.849   1.00 40.52  ? 46  TYR A CD2 1 
ATOM   346 C CE1 . TYR A 1 46  ? -13.572 3.420   3.095   1.00 39.27  ? 46  TYR A CE1 1 
ATOM   347 C CE2 . TYR A 1 46  ? -14.426 4.122   5.219   1.00 43.99  ? 46  TYR A CE2 1 
ATOM   348 C CZ  . TYR A 1 46  ? -14.430 4.199   3.841   1.00 45.99  ? 46  TYR A CZ  1 
ATOM   349 O OH  . TYR A 1 46  ? -15.302 5.047   3.203   1.00 50.80  ? 46  TYR A OH  1 
ATOM   350 N N   . PRO A 1 47  ? -9.705  3.466   7.180   1.00 55.54  ? 47  PRO A N   1 
ATOM   351 C CA  . PRO A 1 47  ? -9.373  4.823   7.631   1.00 51.73  ? 47  PRO A CA  1 
ATOM   352 C C   . PRO A 1 47  ? -8.032  5.295   7.069   1.00 50.93  ? 47  PRO A C   1 
ATOM   353 O O   . PRO A 1 47  ? -7.828  6.495   6.869   1.00 43.33  ? 47  PRO A O   1 
ATOM   354 C CB  . PRO A 1 47  ? -9.298  4.681   9.156   1.00 43.35  ? 47  PRO A CB  1 
ATOM   355 C CG  . PRO A 1 47  ? -10.008 3.409   9.473   1.00 49.99  ? 47  PRO A CG  1 
ATOM   356 C CD  . PRO A 1 47  ? -9.770  2.518   8.304   1.00 50.14  ? 47  PRO A CD  1 
ATOM   357 N N   . LEU A 1 48  ? -7.127  4.355   6.824   1.00 37.07  ? 48  LEU A N   1 
ATOM   358 C CA  . LEU A 1 48  ? -5.840  4.674   6.224   1.00 42.91  ? 48  LEU A CA  1 
ATOM   359 C C   . LEU A 1 48  ? -6.019  5.054   4.757   1.00 49.30  ? 48  LEU A C   1 
ATOM   360 O O   . LEU A 1 48  ? -5.343  5.948   4.259   1.00 54.83  ? 48  LEU A O   1 
ATOM   361 C CB  . LEU A 1 48  ? -4.877  3.492   6.361   1.00 31.57  ? 48  LEU A CB  1 
ATOM   362 C CG  . LEU A 1 48  ? -3.537  3.599   5.628   1.00 51.74  ? 48  LEU A CG  1 
ATOM   363 C CD1 . LEU A 1 48  ? -2.779  4.842   6.068   1.00 45.58  ? 48  LEU A CD1 1 
ATOM   364 C CD2 . LEU A 1 48  ? -2.701  2.348   5.865   1.00 33.26  ? 48  LEU A CD2 1 
ATOM   365 N N   . LEU A 1 49  ? -6.941  4.382   4.072   1.00 46.11  ? 49  LEU A N   1 
ATOM   366 C CA  . LEU A 1 49  ? -7.230  4.700   2.675   1.00 45.06  ? 49  LEU A CA  1 
ATOM   367 C C   . LEU A 1 49  ? -7.886  6.073   2.554   1.00 43.47  ? 49  LEU A C   1 
ATOM   368 O O   . LEU A 1 49  ? -7.626  6.809   1.605   1.00 47.47  ? 49  LEU A O   1 
ATOM   369 C CB  . LEU A 1 49  ? -8.145  3.647   2.044   1.00 40.76  ? 49  LEU A CB  1 
ATOM   370 C CG  . LEU A 1 49  ? -7.560  2.276   1.703   1.00 44.62  ? 49  LEU A CG  1 
ATOM   371 C CD1 . LEU A 1 49  ? -8.635  1.438   1.031   1.00 39.65  ? 49  LEU A CD1 1 
ATOM   372 C CD2 . LEU A 1 49  ? -6.332  2.387   0.811   1.00 38.97  ? 49  LEU A CD2 1 
ATOM   373 N N   . LEU A 1 50  ? -8.744  6.408   3.512   1.00 49.90  ? 50  LEU A N   1 
ATOM   374 C CA  . LEU A 1 50  ? -9.426  7.697   3.503   1.00 50.57  ? 50  LEU A CA  1 
ATOM   375 C C   . LEU A 1 50  ? -8.415  8.817   3.682   1.00 49.95  ? 50  LEU A C   1 
ATOM   376 O O   . LEU A 1 50  ? -8.554  9.901   3.117   1.00 50.55  ? 50  LEU A O   1 
ATOM   377 C CB  . LEU A 1 50  ? -10.458 7.769   4.629   1.00 41.71  ? 50  LEU A CB  1 
ATOM   378 C CG  . LEU A 1 50  ? -11.766 6.998   4.455   1.00 51.91  ? 50  LEU A CG  1 
ATOM   379 C CD1 . LEU A 1 50  ? -12.554 7.024   5.755   1.00 35.85  ? 50  LEU A CD1 1 
ATOM   380 C CD2 . LEU A 1 50  ? -12.590 7.578   3.316   1.00 34.68  ? 50  LEU A CD2 1 
ATOM   381 N N   . ARG A 1 51  ? -7.394  8.540   4.482   1.00 45.37  ? 51  ARG A N   1 
ATOM   382 C CA  . ARG A 1 51  ? -6.392  9.533   4.821   1.00 54.60  ? 51  ARG A CA  1 
ATOM   383 C C   . ARG A 1 51  ? -5.387  9.697   3.685   1.00 57.32  ? 51  ARG A C   1 
ATOM   384 O O   . ARG A 1 51  ? -4.993  10.814  3.356   1.00 65.52  ? 51  ARG A O   1 
ATOM   385 C CB  . ARG A 1 51  ? -5.687  9.126   6.115   1.00 55.39  ? 51  ARG A CB  1 
ATOM   386 C CG  . ARG A 1 51  ? -4.675  10.130  6.620   1.00 75.27  ? 51  ARG A CG  1 
ATOM   387 C CD  . ARG A 1 51  ? -4.259  9.811   8.048   1.00 78.38  ? 51  ARG A CD  1 
ATOM   388 N NE  . ARG A 1 51  ? -3.297  8.714   8.109   1.00 90.39  ? 51  ARG A NE  1 
ATOM   389 C CZ  . ARG A 1 51  ? -1.987  8.851   7.916   1.00 94.23  ? 51  ARG A CZ  1 
ATOM   390 N NH1 . ARG A 1 51  ? -1.469  10.042  7.640   1.00 90.08  ? 51  ARG A NH1 1 
ATOM   391 N NH2 . ARG A 1 51  ? -1.191  7.794   7.994   1.00 76.56  ? 51  ARG A NH2 1 
ATOM   392 N N   . MET A 1 52  ? -4.989  8.585   3.075   1.00 48.71  ? 52  MET A N   1 
ATOM   393 C CA  . MET A 1 52  ? -4.072  8.630   1.945   1.00 45.93  ? 52  MET A CA  1 
ATOM   394 C C   . MET A 1 52  ? -4.698  9.408   0.791   1.00 54.41  ? 52  MET A C   1 
ATOM   395 O O   . MET A 1 52  ? -3.992  10.042  0.006   1.00 46.93  ? 52  MET A O   1 
ATOM   396 C CB  . MET A 1 52  ? -3.696  7.216   1.496   1.00 40.86  ? 52  MET A CB  1 
ATOM   397 C CG  . MET A 1 52  ? -2.805  6.472   2.487   1.00 47.40  ? 52  MET A CG  1 
ATOM   398 S SD  . MET A 1 52  ? -2.423  4.784   1.982   1.00 42.69  ? 52  MET A SD  1 
ATOM   399 C CE  . MET A 1 52  ? -1.412  5.079   0.533   1.00 44.04  ? 52  MET A CE  1 
ATOM   400 N N   . GLN A 1 53  ? -6.024  9.367   0.700   1.00 42.48  ? 53  GLN A N   1 
ATOM   401 C CA  . GLN A 1 53  ? -6.746  10.144  -0.299  1.00 46.42  ? 53  GLN A CA  1 
ATOM   402 C C   . GLN A 1 53  ? -6.748  11.623  0.059   1.00 58.01  ? 53  GLN A C   1 
ATOM   403 O O   . GLN A 1 53  ? -6.545  12.482  -0.798  1.00 55.28  ? 53  GLN A O   1 
ATOM   404 C CB  . GLN A 1 53  ? -8.190  9.662   -0.412  1.00 36.72  ? 53  GLN A CB  1 
ATOM   405 C CG  . GLN A 1 53  ? -8.379  8.419   -1.259  1.00 48.66  ? 53  GLN A CG  1 
ATOM   406 C CD  . GLN A 1 53  ? -9.793  7.890   -1.186  1.00 44.34  ? 53  GLN A CD  1 
ATOM   407 O OE1 . GLN A 1 53  ? -10.641 8.236   -2.006  1.00 47.32  ? 53  GLN A OE1 1 
ATOM   408 N NE2 . GLN A 1 53  ? -10.057 7.052   -0.191  1.00 44.65  ? 53  GLN A NE2 1 
ATOM   409 N N   . LYS A 1 54  ? -6.983  11.917  1.331   1.00 60.41  ? 54  LYS A N   1 
ATOM   410 C CA  . LYS A 1 54  ? -7.070  13.296  1.786   1.00 66.13  ? 54  LYS A CA  1 
ATOM   411 C C   . LYS A 1 54  ? -5.714  13.978  1.661   1.00 70.40  ? 54  LYS A C   1 
ATOM   412 O O   . LYS A 1 54  ? -5.635  15.197  1.524   1.00 53.74  ? 54  LYS A O   1 
ATOM   413 C CB  . LYS A 1 54  ? -7.571  13.349  3.230   1.00 57.61  ? 54  LYS A CB  1 
ATOM   414 C CG  . LYS A 1 54  ? -7.908  14.749  3.735   1.00 92.25  ? 54  LYS A CG  1 
ATOM   415 C CD  . LYS A 1 54  ? -8.511  14.704  5.133   1.00 97.88  ? 54  LYS A CD  1 
ATOM   416 C CE  . LYS A 1 54  ? -7.523  14.185  6.168   1.00 111.33 ? 54  LYS A CE  1 
ATOM   417 N NZ  . LYS A 1 54  ? -6.351  15.090  6.325   1.00 104.88 ? 54  LYS A NZ  1 
ATOM   418 N N   . GLU A 1 55  ? -4.646  13.187  1.700   1.00 58.50  ? 55  GLU A N   1 
ATOM   419 C CA  . GLU A 1 55  ? -3.306  13.727  1.517   1.00 45.74  ? 55  GLU A CA  1 
ATOM   420 C C   . GLU A 1 55  ? -2.867  13.627  0.058   1.00 41.40  ? 55  GLU A C   1 
ATOM   421 O O   . GLU A 1 55  ? -1.730  13.945  -0.279  1.00 53.19  ? 55  GLU A O   1 
ATOM   422 C CB  . GLU A 1 55  ? -2.315  12.997  2.417   1.00 45.15  ? 55  GLU A CB  1 
ATOM   423 C CG  . GLU A 1 55  ? -2.748  12.905  3.872   1.00 59.59  ? 55  GLU A CG  1 
ATOM   424 C CD  . GLU A 1 55  ? -1.736  12.166  4.717   1.00 80.66  ? 55  GLU A CD  1 
ATOM   425 O OE1 . GLU A 1 55  ? -0.895  11.451  4.133   1.00 76.24  ? 55  GLU A OE1 1 
ATOM   426 O OE2 . GLU A 1 55  ? -1.780  12.299  5.957   1.00 76.91  ? 55  GLU A OE2 1 
ATOM   427 N N   . LYS A 1 56  ? -3.776  13.171  -0.798  1.00 49.89  ? 56  LYS A N   1 
ATOM   428 C CA  . LYS A 1 56  ? -3.564  13.189  -2.240  1.00 48.60  ? 56  LYS A CA  1 
ATOM   429 C C   . LYS A 1 56  ? -2.438  12.258  -2.687  1.00 46.10  ? 56  LYS A C   1 
ATOM   430 O O   . LYS A 1 56  ? -1.755  12.532  -3.675  1.00 42.22  ? 56  LYS A O   1 
ATOM   431 C CB  . LYS A 1 56  ? -3.277  14.621  -2.701  1.00 52.15  ? 56  LYS A CB  1 
ATOM   432 C CG  . LYS A 1 56  ? -4.332  15.629  -2.252  1.00 66.35  ? 56  LYS A CG  1 
ATOM   433 C CD  . LYS A 1 56  ? -5.301  15.961  -3.374  1.00 77.05  ? 56  LYS A CD  1 
ATOM   434 C CE  . LYS A 1 56  ? -6.669  16.355  -2.837  1.00 93.27  ? 56  LYS A CE  1 
ATOM   435 N NZ  . LYS A 1 56  ? -7.755  15.950  -3.772  1.00 75.12  ? 56  LYS A NZ  1 
ATOM   436 N N   . LEU A 1 57  ? -2.251  11.157  -1.964  1.00 45.90  ? 57  LEU A N   1 
ATOM   437 C CA  . LEU A 1 57  ? -1.262  10.154  -2.345  1.00 38.08  ? 57  LEU A CA  1 
ATOM   438 C C   . LEU A 1 57  ? -1.877  9.171   -3.327  1.00 37.93  ? 57  LEU A C   1 
ATOM   439 O O   . LEU A 1 57  ? -1.201  8.653   -4.214  1.00 41.20  ? 57  LEU A O   1 
ATOM   440 C CB  . LEU A 1 57  ? -0.764  9.396   -1.116  1.00 48.34  ? 57  LEU A CB  1 
ATOM   441 C CG  . LEU A 1 57  ? -0.109  10.240  -0.025  1.00 51.80  ? 57  LEU A CG  1 
ATOM   442 C CD1 . LEU A 1 57  ? 0.350   9.345   1.109   1.00 48.84  ? 57  LEU A CD1 1 
ATOM   443 C CD2 . LEU A 1 57  ? 1.053   11.046  -0.584  1.00 46.63  ? 57  LEU A CD2 1 
ATOM   444 N N   . ILE A 1 58  ? -3.167  8.911   -3.154  1.00 43.51  ? 58  ILE A N   1 
ATOM   445 C CA  . ILE A 1 58  ? -3.906  8.046   -4.061  1.00 38.85  ? 58  ILE A CA  1 
ATOM   446 C C   . ILE A 1 58  ? -5.245  8.693   -4.370  1.00 34.28  ? 58  ILE A C   1 
ATOM   447 O O   . ILE A 1 58  ? -5.664  9.631   -3.695  1.00 41.49  ? 58  ILE A O   1 
ATOM   448 C CB  . ILE A 1 58  ? -4.129  6.645   -3.458  1.00 42.03  ? 58  ILE A CB  1 
ATOM   449 C CG1 . ILE A 1 58  ? -5.026  6.732   -2.222  1.00 43.47  ? 58  ILE A CG1 1 
ATOM   450 C CG2 . ILE A 1 58  ? -2.791  6.005   -3.106  1.00 35.63  ? 58  ILE A CG2 1 
ATOM   451 C CD1 . ILE A 1 58  ? -5.362  5.387   -1.610  1.00 49.81  ? 58  ILE A CD1 1 
ATOM   452 N N   . GLU A 1 59  ? -5.913  8.188   -5.397  1.00 44.41  ? 59  GLU A N   1 
ATOM   453 C CA  . GLU A 1 59  ? -7.172  8.767   -5.842  1.00 43.15  ? 59  GLU A CA  1 
ATOM   454 C C   . GLU A 1 59  ? -8.064  7.685   -6.427  1.00 41.97  ? 59  GLU A C   1 
ATOM   455 O O   . GLU A 1 59  ? -7.628  6.896   -7.264  1.00 47.24  ? 59  GLU A O   1 
ATOM   456 C CB  . GLU A 1 59  ? -6.907  9.847   -6.890  1.00 37.58  ? 59  GLU A CB  1 
ATOM   457 C CG  . GLU A 1 59  ? -8.158  10.503  -7.435  1.00 45.01  ? 59  GLU A CG  1 
ATOM   458 C CD  . GLU A 1 59  ? -7.881  11.357  -8.664  1.00 52.12  ? 59  GLU A CD  1 
ATOM   459 O OE1 . GLU A 1 59  ? -6.694  11.608  -8.956  1.00 53.21  ? 59  GLU A OE1 1 
ATOM   460 O OE2 . GLU A 1 59  ? -8.845  11.769  -9.342  1.00 46.61  ? 59  GLU A OE2 1 
ATOM   461 N N   . GLY A 1 60  ? -9.315  7.652   -5.984  1.00 38.12  ? 60  GLY A N   1 
ATOM   462 C CA  . GLY A 1 60  ? -10.269 6.685   -6.486  1.00 41.25  ? 60  GLY A CA  1 
ATOM   463 C C   . GLY A 1 60  ? -11.126 7.267   -7.589  1.00 48.92  ? 60  GLY A C   1 
ATOM   464 O O   . GLY A 1 60  ? -11.550 8.417   -7.510  1.00 53.08  ? 60  GLY A O   1 
ATOM   465 N N   . THR A 1 61  ? -11.368 6.473   -8.624  1.00 47.39  ? 61  THR A N   1 
ATOM   466 C CA  . THR A 1 61  ? -12.256 6.879   -9.704  1.00 64.60  ? 61  THR A CA  1 
ATOM   467 C C   . THR A 1 61  ? -13.186 5.722   -10.051 1.00 62.17  ? 61  THR A C   1 
ATOM   468 O O   . THR A 1 61  ? -12.774 4.563   -10.059 1.00 44.78  ? 61  THR A O   1 
ATOM   469 C CB  . THR A 1 61  ? -11.467 7.291   -10.964 1.00 45.40  ? 61  THR A CB  1 
ATOM   470 O OG1 . THR A 1 61  ? -11.117 6.127   -11.719 1.00 52.16  ? 61  THR A OG1 1 
ATOM   471 C CG2 . THR A 1 61  ? -10.203 8.058   -10.588 1.00 54.03  ? 61  THR A CG2 1 
ATOM   472 N N   . LEU A 1 62  ? -14.445 6.039   -10.334 1.00 59.72  ? 62  LEU A N   1 
ATOM   473 C CA  . LEU A 1 62  ? -15.424 5.018   -10.690 1.00 59.64  ? 62  LEU A CA  1 
ATOM   474 C C   . LEU A 1 62  ? -15.220 4.539   -12.124 1.00 64.09  ? 62  LEU A C   1 
ATOM   475 O O   . LEU A 1 62  ? -15.604 5.217   -13.073 1.00 62.11  ? 62  LEU A O   1 
ATOM   476 C CB  . LEU A 1 62  ? -16.850 5.556   -10.530 1.00 55.53  ? 62  LEU A CB  1 
ATOM   477 C CG  . LEU A 1 62  ? -17.559 5.331   -9.190  1.00 68.61  ? 62  LEU A CG  1 
ATOM   478 C CD1 . LEU A 1 62  ? -17.683 3.843   -8.874  1.00 69.18  ? 62  LEU A CD1 1 
ATOM   479 C CD2 . LEU A 1 62  ? -16.856 6.065   -8.058  1.00 60.52  ? 62  LEU A CD2 1 
ATOM   480 N N   . LYS A 1 63  ? -14.613 3.365   -12.273 1.00 65.75  ? 63  LYS A N   1 
ATOM   481 C CA  . LYS A 1 63  ? -14.432 2.761   -13.589 1.00 67.09  ? 63  LYS A CA  1 
ATOM   482 C C   . LYS A 1 63  ? -15.274 1.503   -13.719 1.00 71.04  ? 63  LYS A C   1 
ATOM   483 O O   . LYS A 1 63  ? -15.660 0.895   -12.723 1.00 65.09  ? 63  LYS A O   1 
ATOM   484 C CB  . LYS A 1 63  ? -12.960 2.416   -13.834 1.00 59.37  ? 63  LYS A CB  1 
ATOM   485 C CG  . LYS A 1 63  ? -12.062 3.628   -13.934 1.00 64.39  ? 63  LYS A CG  1 
ATOM   486 C CD  . LYS A 1 63  ? -10.632 3.257   -14.279 1.00 72.12  ? 63  LYS A CD  1 
ATOM   487 C CE  . LYS A 1 63  ? -10.525 2.626   -15.655 1.00 79.88  ? 63  LYS A CE  1 
ATOM   488 N NZ  . LYS A 1 63  ? -9.133  2.689   -16.180 1.00 77.70  ? 63  LYS A NZ  1 
ATOM   489 N N   . ALA A 1 64  ? -15.559 1.118   -14.957 1.00 88.08  ? 64  ALA A N   1 
ATOM   490 C CA  . ALA A 1 64  ? -16.255 -0.130  -15.219 1.00 91.38  ? 64  ALA A CA  1 
ATOM   491 C C   . ALA A 1 64  ? -15.256 -1.271  -15.157 1.00 92.19  ? 64  ALA A C   1 
ATOM   492 O O   . ALA A 1 64  ? -14.119 -1.145  -15.614 1.00 89.03  ? 64  ALA A O   1 
ATOM   493 C CB  . ALA A 1 64  ? -16.935 -0.094  -16.573 1.00 103.06 ? 64  ALA A CB  1 
ATOM   494 N N   . SER A 1 65  ? -15.690 -2.386  -14.587 1.00 105.36 ? 65  SER A N   1 
ATOM   495 C CA  . SER A 1 65  ? -14.831 -3.541  -14.410 1.00 101.90 ? 65  SER A CA  1 
ATOM   496 C C   . SER A 1 65  ? -14.782 -4.341  -15.702 1.00 108.19 ? 65  SER A C   1 
ATOM   497 O O   . SER A 1 65  ? -15.645 -4.187  -16.567 1.00 110.25 ? 65  SER A O   1 
ATOM   498 C CB  . SER A 1 65  ? -15.385 -4.399  -13.277 1.00 97.57  ? 65  SER A CB  1 
ATOM   499 O OG  . SER A 1 65  ? -14.478 -5.401  -12.874 1.00 105.15 ? 65  SER A OG  1 
ATOM   500 N N   . SER A 1 66  ? -13.772 -5.192  -15.841 1.00 115.55 ? 66  SER A N   1 
ATOM   501 C CA  . SER A 1 66  ? -13.693 -6.074  -17.000 1.00 130.04 ? 66  SER A CA  1 
ATOM   502 C C   . SER A 1 66  ? -14.993 -6.859  -17.156 1.00 123.79 ? 66  SER A C   1 
ATOM   503 O O   . SER A 1 66  ? -15.314 -7.334  -18.245 1.00 111.48 ? 66  SER A O   1 
ATOM   504 C CB  . SER A 1 66  ? -12.512 -7.039  -16.870 1.00 123.28 ? 66  SER A CB  1 
ATOM   505 O OG  . SER A 1 66  ? -12.572 -7.766  -15.656 1.00 121.20 ? 66  SER A OG  1 
ATOM   506 N N   . LEU A 1 67  ? -15.738 -6.990  -16.062 1.00 115.89 ? 67  LEU A N   1 
ATOM   507 C CA  . LEU A 1 67  ? -16.997 -7.727  -16.072 1.00 104.67 ? 67  LEU A CA  1 
ATOM   508 C C   . LEU A 1 67  ? -18.231 -6.824  -16.128 1.00 110.49 ? 67  LEU A C   1 
ATOM   509 O O   . LEU A 1 67  ? -19.359 -7.314  -16.168 1.00 103.43 ? 67  LEU A O   1 
ATOM   510 C CB  . LEU A 1 67  ? -17.083 -8.635  -14.845 1.00 109.82 ? 67  LEU A CB  1 
ATOM   511 C CG  . LEU A 1 67  ? -16.431 -10.012 -14.990 1.00 111.64 ? 67  LEU A CG  1 
ATOM   512 C CD1 . LEU A 1 67  ? -14.925 -9.897  -15.180 1.00 113.24 ? 67  LEU A CD1 1 
ATOM   513 C CD2 . LEU A 1 67  ? -16.760 -10.878 -13.786 1.00 100.41 ? 67  LEU A CD2 1 
ATOM   514 N N   . GLY A 1 68  ? -18.023 -5.510  -16.119 1.00 110.96 ? 68  GLY A N   1 
ATOM   515 C CA  . GLY A 1 68  ? -19.120 -4.569  -16.260 1.00 109.03 ? 68  GLY A CA  1 
ATOM   516 C C   . GLY A 1 68  ? -19.427 -3.725  -15.034 1.00 108.02 ? 68  GLY A C   1 
ATOM   517 O O   . GLY A 1 68  ? -19.445 -2.496  -15.126 1.00 103.42 ? 68  GLY A O   1 
ATOM   518 N N   . PRO A 1 69  ? -19.673 -4.367  -13.878 1.00 106.15 ? 69  PRO A N   1 
ATOM   519 C CA  . PRO A 1 69  ? -20.105 -3.579  -12.719 1.00 101.24 ? 69  PRO A CA  1 
ATOM   520 C C   . PRO A 1 69  ? -19.081 -2.515  -12.341 1.00 90.33  ? 69  PRO A C   1 
ATOM   521 O O   . PRO A 1 69  ? -17.879 -2.788  -12.340 1.00 74.31  ? 69  PRO A O   1 
ATOM   522 C CB  . PRO A 1 69  ? -20.237 -4.626  -11.608 1.00 87.79  ? 69  PRO A CB  1 
ATOM   523 C CG  . PRO A 1 69  ? -19.344 -5.732  -12.019 1.00 80.21  ? 69  PRO A CG  1 
ATOM   524 C CD  . PRO A 1 69  ? -19.390 -5.768  -13.516 1.00 96.21  ? 69  PRO A CD  1 
ATOM   525 N N   . LYS A 1 70  ? -19.557 -1.317  -12.025 1.00 74.28  ? 70  LYS A N   1 
ATOM   526 C CA  . LYS A 1 70  ? -18.667 -0.197  -11.747 1.00 78.41  ? 70  LYS A CA  1 
ATOM   527 C C   . LYS A 1 70  ? -18.158 -0.217  -10.312 1.00 73.53  ? 70  LYS A C   1 
ATOM   528 O O   . LYS A 1 70  ? -18.934 -0.310  -9.359  1.00 77.61  ? 70  LYS A O   1 
ATOM   529 C CB  . LYS A 1 70  ? -19.365 1.127   -12.053 1.00 75.27  ? 70  LYS A CB  1 
ATOM   530 C CG  . LYS A 1 70  ? -19.431 1.420   -13.539 1.00 104.86 ? 70  LYS A CG  1 
ATOM   531 C CD  . LYS A 1 70  ? -20.266 2.645   -13.854 1.00 129.48 ? 70  LYS A CD  1 
ATOM   532 C CE  . LYS A 1 70  ? -20.500 2.751   -15.352 1.00 136.18 ? 70  LYS A CE  1 
ATOM   533 N NZ  . LYS A 1 70  ? -21.414 3.867   -15.715 1.00 137.18 ? 70  LYS A NZ  1 
ATOM   534 N N   . ARG A 1 71  ? -16.839 -0.129  -10.175 1.00 59.23  ? 71  ARG A N   1 
ATOM   535 C CA  . ARG A 1 71  ? -16.187 -0.174  -8.876  1.00 48.40  ? 71  ARG A CA  1 
ATOM   536 C C   . ARG A 1 71  ? -15.325 1.067   -8.687  1.00 49.43  ? 71  ARG A C   1 
ATOM   537 O O   . ARG A 1 71  ? -15.014 1.771   -9.647  1.00 56.95  ? 71  ARG A O   1 
ATOM   538 C CB  . ARG A 1 71  ? -15.315 -1.425  -8.776  1.00 48.20  ? 71  ARG A CB  1 
ATOM   539 C CG  . ARG A 1 71  ? -16.073 -2.732  -8.950  1.00 43.98  ? 71  ARG A CG  1 
ATOM   540 C CD  . ARG A 1 71  ? -15.137 -3.928  -8.870  1.00 40.15  ? 71  ARG A CD  1 
ATOM   541 N NE  . ARG A 1 71  ? -15.836 -5.194  -9.068  1.00 60.37  ? 71  ARG A NE  1 
ATOM   542 C CZ  . ARG A 1 71  ? -16.579 -5.797  -8.144  1.00 49.95  ? 71  ARG A CZ  1 
ATOM   543 N NH1 . ARG A 1 71  ? -16.737 -5.250  -6.945  1.00 37.17  ? 71  ARG A NH1 1 
ATOM   544 N NH2 . ARG A 1 71  ? -17.172 -6.949  -8.420  1.00 57.85  ? 71  ARG A NH2 1 
ATOM   545 N N   . LYS A 1 72  ? -14.937 1.327   -7.443  1.00 46.69  ? 72  LYS A N   1 
ATOM   546 C CA  . LYS A 1 72  ? -14.073 2.457   -7.131  1.00 47.91  ? 72  LYS A CA  1 
ATOM   547 C C   . LYS A 1 72  ? -12.614 2.009   -7.107  1.00 48.96  ? 72  LYS A C   1 
ATOM   548 O O   . LYS A 1 72  ? -12.115 1.536   -6.084  1.00 39.57  ? 72  LYS A O   1 
ATOM   549 C CB  . LYS A 1 72  ? -14.476 3.075   -5.789  1.00 39.62  ? 72  LYS A CB  1 
ATOM   550 C CG  . LYS A 1 72  ? -13.634 4.268   -5.363  1.00 42.22  ? 72  LYS A CG  1 
ATOM   551 C CD  . LYS A 1 72  ? -14.336 5.086   -4.284  1.00 43.73  ? 72  LYS A CD  1 
ATOM   552 C CE  . LYS A 1 72  ? -13.424 6.167   -3.724  1.00 65.37  ? 72  LYS A CE  1 
ATOM   553 N NZ  . LYS A 1 72  ? -13.885 6.681   -2.401  1.00 67.27  ? 72  LYS A NZ  1 
ATOM   554 N N   . TYR A 1 73  ? -11.938 2.157   -8.245  1.00 45.63  ? 73  TYR A N   1 
ATOM   555 C CA  . TYR A 1 73  ? -10.541 1.762   -8.376  1.00 45.61  ? 73  TYR A CA  1 
ATOM   556 C C   . TYR A 1 73  ? -9.627  2.892   -7.918  1.00 37.24  ? 73  TYR A C   1 
ATOM   557 O O   . TYR A 1 73  ? -9.882  4.058   -8.206  1.00 45.66  ? 73  TYR A O   1 
ATOM   558 C CB  . TYR A 1 73  ? -10.215 1.412   -9.829  1.00 46.07  ? 73  TYR A CB  1 
ATOM   559 C CG  . TYR A 1 73  ? -10.810 0.107   -10.314 1.00 37.88  ? 73  TYR A CG  1 
ATOM   560 C CD1 . TYR A 1 73  ? -10.125 -1.090  -10.157 1.00 41.87  ? 73  TYR A CD1 1 
ATOM   561 C CD2 . TYR A 1 73  ? -12.049 0.076   -10.940 1.00 38.80  ? 73  TYR A CD2 1 
ATOM   562 C CE1 . TYR A 1 73  ? -10.661 -2.285  -10.605 1.00 46.60  ? 73  TYR A CE1 1 
ATOM   563 C CE2 . TYR A 1 73  ? -12.591 -1.112  -11.393 1.00 46.76  ? 73  TYR A CE2 1 
ATOM   564 C CZ  . TYR A 1 73  ? -11.894 -2.290  -11.222 1.00 47.01  ? 73  TYR A CZ  1 
ATOM   565 O OH  . TYR A 1 73  ? -12.430 -3.476  -11.669 1.00 65.24  ? 73  TYR A OH  1 
ATOM   566 N N   . TYR A 1 74  ? -8.555  2.539   -7.216  1.00 41.87  ? 74  TYR A N   1 
ATOM   567 C CA  . TYR A 1 74  ? -7.597  3.528   -6.736  1.00 38.90  ? 74  TYR A CA  1 
ATOM   568 C C   . TYR A 1 74  ? -6.353  3.557   -7.616  1.00 45.11  ? 74  TYR A C   1 
ATOM   569 O O   . TYR A 1 74  ? -5.836  2.511   -8.009  1.00 40.30  ? 74  TYR A O   1 
ATOM   570 C CB  . TYR A 1 74  ? -7.176  3.224   -5.297  1.00 44.60  ? 74  TYR A CB  1 
ATOM   571 C CG  . TYR A 1 74  ? -8.289  3.310   -4.280  1.00 48.62  ? 74  TYR A CG  1 
ATOM   572 C CD1 . TYR A 1 74  ? -8.685  4.534   -3.756  1.00 37.85  ? 74  TYR A CD1 1 
ATOM   573 C CD2 . TYR A 1 74  ? -8.933  2.165   -3.829  1.00 40.81  ? 74  TYR A CD2 1 
ATOM   574 C CE1 . TYR A 1 74  ? -9.698  4.615   -2.822  1.00 45.94  ? 74  TYR A CE1 1 
ATOM   575 C CE2 . TYR A 1 74  ? -9.948  2.236   -2.894  1.00 45.84  ? 74  TYR A CE2 1 
ATOM   576 C CZ  . TYR A 1 74  ? -10.325 3.463   -2.394  1.00 47.89  ? 74  TYR A CZ  1 
ATOM   577 O OH  . TYR A 1 74  ? -11.335 3.540   -1.463  1.00 43.47  ? 74  TYR A OH  1 
ATOM   578 N N   . HIS A 1 75  ? -5.881  4.759   -7.928  1.00 51.69  ? 75  HIS A N   1 
ATOM   579 C CA  . HIS A 1 75  ? -4.593  4.922   -8.593  1.00 40.05  ? 75  HIS A CA  1 
ATOM   580 C C   . HIS A 1 75  ? -3.734  5.919   -7.827  1.00 32.85  ? 75  HIS A C   1 
ATOM   581 O O   . HIS A 1 75  ? -4.239  6.712   -7.035  1.00 37.25  ? 75  HIS A O   1 
ATOM   582 C CB  . HIS A 1 75  ? -4.769  5.369   -10.048 1.00 36.46  ? 75  HIS A CB  1 
ATOM   583 C CG  . HIS A 1 75  ? -5.367  6.733   -10.197 1.00 34.91  ? 75  HIS A CG  1 
ATOM   584 N ND1 . HIS A 1 75  ? -4.687  7.884   -9.869  1.00 44.72  ? 75  HIS A ND1 1 
ATOM   585 C CD2 . HIS A 1 75  ? -6.581  7.128   -10.650 1.00 38.65  ? 75  HIS A CD2 1 
ATOM   586 C CE1 . HIS A 1 75  ? -5.459  8.932   -10.110 1.00 41.64  ? 75  HIS A CE1 1 
ATOM   587 N NE2 . HIS A 1 75  ? -6.611  8.499   -10.584 1.00 39.39  ? 75  HIS A NE2 1 
ATOM   588 N N   . ILE A 1 76  ? -2.431  5.869   -8.078  1.00 36.43  ? 76  ILE A N   1 
ATOM   589 C CA  . ILE A 1 76  ? -1.457  6.671   -7.347  1.00 44.44  ? 76  ILE A CA  1 
ATOM   590 C C   . ILE A 1 76  ? -1.277  8.028   -8.018  1.00 41.30  ? 76  ILE A C   1 
ATOM   591 O O   . ILE A 1 76  ? -1.322  8.131   -9.245  1.00 35.05  ? 76  ILE A O   1 
ATOM   592 C CB  . ILE A 1 76  ? -0.098  5.937   -7.281  1.00 39.00  ? 76  ILE A CB  1 
ATOM   593 C CG1 . ILE A 1 76  ? 0.791   6.522   -6.183  1.00 37.55  ? 76  ILE A CG1 1 
ATOM   594 C CG2 . ILE A 1 76  ? 0.605   5.980   -8.639  1.00 39.18  ? 76  ILE A CG2 1 
ATOM   595 C CD1 . ILE A 1 76  ? 2.001   5.656   -5.869  1.00 34.77  ? 76  ILE A CD1 1 
ATOM   596 N N   . THR A 1 77  ? -1.089  9.068   -7.211  1.00 42.37  ? 77  THR A N   1 
ATOM   597 C CA  . THR A 1 77  ? -0.833  10.407  -7.737  1.00 44.94  ? 77  THR A CA  1 
ATOM   598 C C   . THR A 1 77  ? 0.666   10.622  -7.894  1.00 39.58  ? 77  THR A C   1 
ATOM   599 O O   . THR A 1 77  ? 1.468   9.802   -7.442  1.00 43.34  ? 77  THR A O   1 
ATOM   600 C CB  . THR A 1 77  ? -1.384  11.510  -6.809  1.00 34.75  ? 77  THR A CB  1 
ATOM   601 O OG1 . THR A 1 77  ? -0.653  11.519  -5.575  1.00 32.45  ? 77  THR A OG1 1 
ATOM   602 C CG2 . THR A 1 77  ? -2.866  11.295  -6.528  1.00 43.93  ? 77  THR A CG2 1 
ATOM   603 N N   . ASP A 1 78  ? 1.046   11.722  -8.536  1.00 47.61  ? 78  ASP A N   1 
ATOM   604 C CA  . ASP A 1 78  ? 2.456   12.066  -8.672  1.00 39.70  ? 78  ASP A CA  1 
ATOM   605 C C   . ASP A 1 78  ? 3.085   12.234  -7.294  1.00 34.36  ? 78  ASP A C   1 
ATOM   606 O O   . ASP A 1 78  ? 4.182   11.742  -7.032  1.00 35.08  ? 78  ASP A O   1 
ATOM   607 C CB  . ASP A 1 78  ? 2.624   13.349  -9.483  1.00 41.77  ? 78  ASP A CB  1 
ATOM   608 C CG  . ASP A 1 78  ? 4.043   13.882  -9.437  1.00 42.91  ? 78  ASP A CG  1 
ATOM   609 O OD1 . ASP A 1 78  ? 4.932   13.276  -10.073 1.00 43.32  ? 78  ASP A OD1 1 
ATOM   610 O OD2 . ASP A 1 78  ? 4.269   14.910  -8.762  1.00 40.91  ? 78  ASP A OD2 1 
ATOM   611 N N   . LYS A 1 79  ? 2.380   12.939  -6.417  1.00 33.50  ? 79  LYS A N   1 
ATOM   612 C CA  . LYS A 1 79  ? 2.827   13.116  -5.042  1.00 38.42  ? 79  LYS A CA  1 
ATOM   613 C C   . LYS A 1 79  ? 3.020   11.758  -4.370  1.00 45.78  ? 79  LYS A C   1 
ATOM   614 O O   . LYS A 1 79  ? 3.982   11.549  -3.634  1.00 46.28  ? 79  LYS A O   1 
ATOM   615 C CB  . LYS A 1 79  ? 1.809   13.945  -4.256  1.00 39.26  ? 79  LYS A CB  1 
ATOM   616 C CG  . LYS A 1 79  ? 2.184   14.170  -2.801  1.00 40.62  ? 79  LYS A CG  1 
ATOM   617 C CD  . LYS A 1 79  ? 1.126   14.982  -2.071  1.00 46.61  ? 79  LYS A CD  1 
ATOM   618 C CE  . LYS A 1 79  ? 1.449   15.109  -0.589  1.00 45.14  ? 79  LYS A CE  1 
ATOM   619 N NZ  . LYS A 1 79  ? 0.345   15.751  0.175   1.00 47.93  ? 79  LYS A NZ  1 
ATOM   620 N N   . GLY A 1 80  ? 2.097   10.838  -4.634  1.00 49.11  ? 80  GLY A N   1 
ATOM   621 C CA  . GLY A 1 80  ? 2.161   9.506   -4.064  1.00 39.49  ? 80  GLY A CA  1 
ATOM   622 C C   . GLY A 1 80  ? 3.357   8.721   -4.568  1.00 45.07  ? 80  GLY A C   1 
ATOM   623 O O   . GLY A 1 80  ? 3.974   7.961   -3.817  1.00 42.99  ? 80  GLY A O   1 
ATOM   624 N N   . LEU A 1 81  ? 3.684   8.900   -5.843  1.00 37.85  ? 81  LEU A N   1 
ATOM   625 C CA  . LEU A 1 81  ? 4.835   8.232   -6.444  1.00 37.97  ? 81  LEU A CA  1 
ATOM   626 C C   . LEU A 1 81  ? 6.140   8.756   -5.856  1.00 38.27  ? 81  LEU A C   1 
ATOM   627 O O   . LEU A 1 81  ? 7.057   7.984   -5.579  1.00 42.87  ? 81  LEU A O   1 
ATOM   628 C CB  . LEU A 1 81  ? 4.839   8.430   -7.961  1.00 44.55  ? 81  LEU A CB  1 
ATOM   629 C CG  . LEU A 1 81  ? 3.810   7.619   -8.750  1.00 45.67  ? 81  LEU A CG  1 
ATOM   630 C CD1 . LEU A 1 81  ? 3.541   8.285   -10.087 1.00 41.36  ? 81  LEU A CD1 1 
ATOM   631 C CD2 . LEU A 1 81  ? 4.290   6.190   -8.953  1.00 36.59  ? 81  LEU A CD2 1 
ATOM   632 N N   . GLU A 1 82  ? 6.228   10.070  -5.676  1.00 44.96  ? 82  GLU A N   1 
ATOM   633 C CA  . GLU A 1 82  ? 7.408   10.670  -5.064  1.00 55.87  ? 82  GLU A CA  1 
ATOM   634 C C   . GLU A 1 82  ? 7.661   10.017  -3.715  1.00 50.12  ? 82  GLU A C   1 
ATOM   635 O O   . GLU A 1 82  ? 8.782   9.630   -3.387  1.00 52.00  ? 82  GLU A O   1 
ATOM   636 C CB  . GLU A 1 82  ? 7.206   12.173  -4.864  1.00 46.27  ? 82  GLU A CB  1 
ATOM   637 C CG  . GLU A 1 82  ? 7.569   13.024  -6.063  1.00 59.13  ? 82  GLU A CG  1 
ATOM   638 C CD  . GLU A 1 82  ? 7.042   14.442  -5.945  1.00 79.12  ? 82  GLU A CD  1 
ATOM   639 O OE1 . GLU A 1 82  ? 6.552   14.805  -4.853  1.00 55.21  ? 82  GLU A OE1 1 
ATOM   640 O OE2 . GLU A 1 82  ? 7.112   15.191  -6.944  1.00 72.83  ? 82  GLU A OE2 1 
ATOM   641 N N   . GLN A 1 83  ? 6.592   9.897   -2.939  1.00 47.70  ? 83  GLN A N   1 
ATOM   642 C CA  . GLN A 1 83  ? 6.672   9.375   -1.584  1.00 51.27  ? 83  GLN A CA  1 
ATOM   643 C C   . GLN A 1 83  ? 6.977   7.881   -1.592  1.00 47.87  ? 83  GLN A C   1 
ATOM   644 O O   . GLN A 1 83  ? 7.640   7.371   -0.692  1.00 42.74  ? 83  GLN A O   1 
ATOM   645 C CB  . GLN A 1 83  ? 5.362   9.650   -0.843  1.00 47.76  ? 83  GLN A CB  1 
ATOM   646 C CG  . GLN A 1 83  ? 5.416   9.381   0.653   1.00 71.36  ? 83  GLN A CG  1 
ATOM   647 C CD  . GLN A 1 83  ? 4.250   10.006  1.397   1.00 84.82  ? 83  GLN A CD  1 
ATOM   648 O OE1 . GLN A 1 83  ? 3.871   11.147  1.128   1.00 74.46  ? 83  GLN A OE1 1 
ATOM   649 N NE2 . GLN A 1 83  ? 3.672   9.258   2.334   1.00 71.27  ? 83  GLN A NE2 1 
ATOM   650 N N   . LEU A 1 84  ? 6.494   7.185   -2.616  1.00 39.39  ? 84  LEU A N   1 
ATOM   651 C CA  . LEU A 1 84  ? 6.800   5.770   -2.782  1.00 37.67  ? 84  LEU A CA  1 
ATOM   652 C C   . LEU A 1 84  ? 8.299   5.575   -2.978  1.00 40.52  ? 84  LEU A C   1 
ATOM   653 O O   . LEU A 1 84  ? 8.883   4.632   -2.447  1.00 46.01  ? 84  LEU A O   1 
ATOM   654 C CB  . LEU A 1 84  ? 6.028   5.185   -3.967  1.00 37.46  ? 84  LEU A CB  1 
ATOM   655 C CG  . LEU A 1 84  ? 6.405   3.757   -4.373  1.00 36.53  ? 84  LEU A CG  1 
ATOM   656 C CD1 . LEU A 1 84  ? 6.184   2.781   -3.223  1.00 43.06  ? 84  LEU A CD1 1 
ATOM   657 C CD2 . LEU A 1 84  ? 5.616   3.327   -5.599  1.00 40.90  ? 84  LEU A CD2 1 
ATOM   658 N N   . GLU A 1 85  ? 8.923   6.473   -3.735  1.00 48.36  ? 85  GLU A N   1 
ATOM   659 C CA  . GLU A 1 85  ? 10.361  6.396   -3.969  1.00 47.80  ? 85  GLU A CA  1 
ATOM   660 C C   . GLU A 1 85  ? 11.124  6.655   -2.674  1.00 44.83  ? 85  GLU A C   1 
ATOM   661 O O   . GLU A 1 85  ? 12.126  5.999   -2.395  1.00 48.96  ? 85  GLU A O   1 
ATOM   662 C CB  . GLU A 1 85  ? 10.797  7.392   -5.047  1.00 52.73  ? 85  GLU A CB  1 
ATOM   663 C CG  . GLU A 1 85  ? 10.245  7.088   -6.433  1.00 71.04  ? 85  GLU A CG  1 
ATOM   664 C CD  . GLU A 1 85  ? 10.432  5.635   -6.828  1.00 86.95  ? 85  GLU A CD  1 
ATOM   665 O OE1 . GLU A 1 85  ? 11.596  5.211   -6.997  1.00 76.27  ? 85  GLU A OE1 1 
ATOM   666 O OE2 . GLU A 1 85  ? 9.417   4.915   -6.963  1.00 60.56  ? 85  GLU A OE2 1 
ATOM   667 N N   . GLU A 1 86  ? 10.649  7.616   -1.888  1.00 40.21  ? 86  GLU A N   1 
ATOM   668 C CA  . GLU A 1 86  ? 11.229  7.878   -0.576  1.00 44.99  ? 86  GLU A CA  1 
ATOM   669 C C   . GLU A 1 86  ? 11.158  6.623   0.291   1.00 49.91  ? 86  GLU A C   1 
ATOM   670 O O   . GLU A 1 86  ? 12.124  6.276   0.969   1.00 48.93  ? 86  GLU A O   1 
ATOM   671 C CB  . GLU A 1 86  ? 10.500  9.031   0.114   1.00 51.88  ? 86  GLU A CB  1 
ATOM   672 C CG  . GLU A 1 86  ? 10.663  10.373  -0.578  1.00 72.46  ? 86  GLU A CG  1 
ATOM   673 C CD  . GLU A 1 86  ? 9.726   11.428  -0.024  1.00 89.45  ? 86  GLU A CD  1 
ATOM   674 O OE1 . GLU A 1 86  ? 9.049   11.151  0.990   1.00 78.23  ? 86  GLU A OE1 1 
ATOM   675 O OE2 . GLU A 1 86  ? 9.666   12.535  -0.600  1.00 71.75  ? 86  GLU A OE2 1 
ATOM   676 N N   . PHE A 1 87  ? 10.014  5.943   0.266   1.00 47.18  ? 87  PHE A N   1 
ATOM   677 C CA  . PHE A 1 87  ? 9.831   4.730   1.060   1.00 43.28  ? 87  PHE A CA  1 
ATOM   678 C C   . PHE A 1 87  ? 10.778  3.616   0.621   1.00 40.89  ? 87  PHE A C   1 
ATOM   679 O O   . PHE A 1 87  ? 11.373  2.935   1.455   1.00 40.20  ? 87  PHE A O   1 
ATOM   680 C CB  . PHE A 1 87  ? 8.384   4.240   0.979   1.00 39.62  ? 87  PHE A CB  1 
ATOM   681 C CG  . PHE A 1 87  ? 8.177   2.877   1.574   1.00 49.23  ? 87  PHE A CG  1 
ATOM   682 C CD1 . PHE A 1 87  ? 8.155   2.706   2.948   1.00 47.61  ? 87  PHE A CD1 1 
ATOM   683 C CD2 . PHE A 1 87  ? 8.009   1.767   0.762   1.00 46.53  ? 87  PHE A CD2 1 
ATOM   684 C CE1 . PHE A 1 87  ? 7.970   1.456   3.503   1.00 43.15  ? 87  PHE A CE1 1 
ATOM   685 C CE2 . PHE A 1 87  ? 7.822   0.511   1.311   1.00 44.62  ? 87  PHE A CE2 1 
ATOM   686 C CZ  . PHE A 1 87  ? 7.803   0.356   2.683   1.00 46.66  ? 87  PHE A CZ  1 
ATOM   687 N N   . LYS A 1 88  ? 10.911  3.427   -0.689  1.00 40.78  ? 88  LYS A N   1 
ATOM   688 C CA  . LYS A 1 88  ? 11.791  2.392   -1.222  1.00 46.72  ? 88  LYS A CA  1 
ATOM   689 C C   . LYS A 1 88  ? 13.234  2.629   -0.803  1.00 51.07  ? 88  LYS A C   1 
ATOM   690 O O   . LYS A 1 88  ? 13.965  1.684   -0.507  1.00 49.88  ? 88  LYS A O   1 
ATOM   691 C CB  . LYS A 1 88  ? 11.695  2.332   -2.747  1.00 41.71  ? 88  LYS A CB  1 
ATOM   692 C CG  . LYS A 1 88  ? 10.362  1.808   -3.243  1.00 50.25  ? 88  LYS A CG  1 
ATOM   693 C CD  . LYS A 1 88  ? 10.292  1.760   -4.763  1.00 66.34  ? 88  LYS A CD  1 
ATOM   694 C CE  . LYS A 1 88  ? 8.953   1.198   -5.230  1.00 87.98  ? 88  LYS A CE  1 
ATOM   695 N NZ  . LYS A 1 88  ? 8.797   1.198   -6.712  1.00 74.98  ? 88  LYS A NZ  1 
ATOM   696 N N   . GLN A 1 89  ? 13.642  3.893   -0.775  1.00 44.70  ? 89  GLN A N   1 
ATOM   697 C CA  . GLN A 1 89  ? 15.006  4.240   -0.403  1.00 54.25  ? 89  GLN A CA  1 
ATOM   698 C C   . GLN A 1 89  ? 15.224  4.016   1.084   1.00 46.70  ? 89  GLN A C   1 
ATOM   699 O O   . GLN A 1 89  ? 16.180  3.353   1.483   1.00 45.90  ? 89  GLN A O   1 
ATOM   700 C CB  . GLN A 1 89  ? 15.304  5.691   -0.776  1.00 53.62  ? 89  GLN A CB  1 
ATOM   701 C CG  . GLN A 1 89  ? 15.605  5.872   -2.250  1.00 77.41  ? 89  GLN A CG  1 
ATOM   702 C CD  . GLN A 1 89  ? 15.440  7.305   -2.710  1.00 102.57 ? 89  GLN A CD  1 
ATOM   703 O OE1 . GLN A 1 89  ? 15.473  8.237   -1.904  1.00 89.31  ? 89  GLN A OE1 1 
ATOM   704 N NE2 . GLN A 1 89  ? 15.251  7.489   -4.012  1.00 76.10  ? 89  GLN A NE2 1 
ATOM   705 N N   . SER A 1 90  ? 14.334  4.569   1.902   1.00 35.45  ? 90  SER A N   1 
ATOM   706 C CA  . SER A 1 90  ? 14.417  4.385   3.345   1.00 45.12  ? 90  SER A CA  1 
ATOM   707 C C   . SER A 1 90  ? 14.405  2.900   3.692   1.00 50.44  ? 90  SER A C   1 
ATOM   708 O O   . SER A 1 90  ? 15.211  2.444   4.502   1.00 51.92  ? 90  SER A O   1 
ATOM   709 C CB  . SER A 1 90  ? 13.252  5.082   4.052   1.00 44.95  ? 90  SER A CB  1 
ATOM   710 O OG  . SER A 1 90  ? 13.102  6.421   3.614   1.00 67.58  ? 90  SER A OG  1 
ATOM   711 N N   . TRP A 1 91  ? 13.500  2.145   3.075   1.00 43.80  ? 91  TRP A N   1 
ATOM   712 C CA  . TRP A 1 91  ? 13.338  0.736   3.420   1.00 47.88  ? 91  TRP A CA  1 
ATOM   713 C C   . TRP A 1 91  ? 14.586  -0.096  3.141   1.00 45.74  ? 91  TRP A C   1 
ATOM   714 O O   . TRP A 1 91  ? 14.962  -0.946  3.947   1.00 46.42  ? 91  TRP A O   1 
ATOM   715 C CB  . TRP A 1 91  ? 12.164  0.099   2.683   1.00 42.78  ? 91  TRP A CB  1 
ATOM   716 C CG  . TRP A 1 91  ? 12.200  -1.376  2.856   1.00 49.88  ? 91  TRP A CG  1 
ATOM   717 C CD1 . TRP A 1 91  ? 12.570  -2.306  1.929   1.00 45.38  ? 91  TRP A CD1 1 
ATOM   718 C CD2 . TRP A 1 91  ? 11.904  -2.098  4.054   1.00 44.19  ? 91  TRP A CD2 1 
ATOM   719 N NE1 . TRP A 1 91  ? 12.506  -3.565  2.472   1.00 48.92  ? 91  TRP A NE1 1 
ATOM   720 C CE2 . TRP A 1 91  ? 12.099  -3.465  3.779   1.00 48.95  ? 91  TRP A CE2 1 
ATOM   721 C CE3 . TRP A 1 91  ? 11.485  -1.719  5.334   1.00 43.29  ? 91  TRP A CE3 1 
ATOM   722 C CZ2 . TRP A 1 91  ? 11.888  -4.457  4.733   1.00 44.58  ? 91  TRP A CZ2 1 
ATOM   723 C CZ3 . TRP A 1 91  ? 11.273  -2.704  6.281   1.00 52.08  ? 91  TRP A CZ3 1 
ATOM   724 C CH2 . TRP A 1 91  ? 11.475  -4.057  5.977   1.00 42.18  ? 91  TRP A CH2 1 
ATOM   725 N N   . GLY A 1 92  ? 15.211  0.128   1.991   1.00 44.65  ? 92  GLY A N   1 
ATOM   726 C CA  . GLY A 1 92  ? 16.378  -0.646  1.609   1.00 45.52  ? 92  GLY A CA  1 
ATOM   727 C C   . GLY A 1 92  ? 17.543  -0.330  2.525   1.00 51.68  ? 92  GLY A C   1 
ATOM   728 O O   . GLY A 1 92  ? 18.408  -1.167  2.777   1.00 60.08  ? 92  GLY A O   1 
ATOM   729 N N   . MET A 1 93  ? 17.548  0.897   3.028   1.00 44.30  ? 93  MET A N   1 
ATOM   730 C CA  . MET A 1 93  ? 18.578  1.365   3.942   1.00 54.40  ? 93  MET A CA  1 
ATOM   731 C C   . MET A 1 93  ? 18.432  0.660   5.288   1.00 58.35  ? 93  MET A C   1 
ATOM   732 O O   . MET A 1 93  ? 19.357  0.000   5.762   1.00 54.04  ? 93  MET A O   1 
ATOM   733 C CB  . MET A 1 93  ? 18.432  2.876   4.125   1.00 61.91  ? 93  MET A CB  1 
ATOM   734 C CG  . MET A 1 93  ? 19.719  3.612   4.440   1.00 79.77  ? 93  MET A CG  1 
ATOM   735 S SD  . MET A 1 93  ? 19.529  5.398   4.257   1.00 95.96  ? 93  MET A SD  1 
ATOM   736 C CE  . MET A 1 93  ? 19.182  5.531   2.500   1.00 62.78  ? 93  MET A CE  1 
ATOM   737 N N   . VAL A 1 94  ? 17.259  0.806   5.894   1.00 52.46  ? 94  VAL A N   1 
ATOM   738 C CA  . VAL A 1 94  ? 16.970  0.202   7.190   1.00 61.30  ? 94  VAL A CA  1 
ATOM   739 C C   . VAL A 1 94  ? 17.032  -1.325  7.133   1.00 54.54  ? 94  VAL A C   1 
ATOM   740 O O   . VAL A 1 94  ? 17.555  -1.966  8.042   1.00 57.66  ? 94  VAL A O   1 
ATOM   741 C CB  . VAL A 1 94  ? 15.582  0.634   7.709   1.00 67.10  ? 94  VAL A CB  1 
ATOM   742 C CG1 . VAL A 1 94  ? 14.483  0.164   6.765   1.00 71.47  ? 94  VAL A CG1 1 
ATOM   743 C CG2 . VAL A 1 94  ? 15.345  0.102   9.112   1.00 67.18  ? 94  VAL A CG2 1 
ATOM   744 N N   . SER A 1 95  ? 16.492  -1.901  6.065   1.00 49.27  ? 95  SER A N   1 
ATOM   745 C CA  . SER A 1 95  ? 16.507  -3.346  5.885   1.00 44.47  ? 95  SER A CA  1 
ATOM   746 C C   . SER A 1 95  ? 17.940  -3.862  5.927   1.00 53.33  ? 95  SER A C   1 
ATOM   747 O O   . SER A 1 95  ? 18.256  -4.796  6.664   1.00 50.66  ? 95  SER A O   1 
ATOM   748 C CB  . SER A 1 95  ? 15.850  -3.719  4.555   1.00 51.32  ? 95  SER A CB  1 
ATOM   749 O OG  . SER A 1 95  ? 16.029  -5.092  4.252   1.00 52.19  ? 95  SER A OG  1 
ATOM   750 N N   . THR A 1 96  ? 18.803  -3.242  5.131   1.00 53.34  ? 96  THR A N   1 
ATOM   751 C CA  . THR A 1 96  ? 20.211  -3.618  5.072   1.00 58.00  ? 96  THR A CA  1 
ATOM   752 C C   . THR A 1 96  ? 20.880  -3.447  6.433   1.00 50.97  ? 96  THR A C   1 
ATOM   753 O O   . THR A 1 96  ? 21.609  -4.325  6.893   1.00 50.04  ? 96  THR A O   1 
ATOM   754 C CB  . THR A 1 96  ? 20.962  -2.765  4.031   1.00 60.12  ? 96  THR A CB  1 
ATOM   755 O OG1 . THR A 1 96  ? 20.594  -3.186  2.712   1.00 63.70  ? 96  THR A OG1 1 
ATOM   756 C CG2 . THR A 1 96  ? 22.472  -2.896  4.198   1.00 56.36  ? 96  THR A CG2 1 
ATOM   757 N N   . THR A 1 97  ? 20.623  -2.310  7.069   1.00 47.01  ? 97  THR A N   1 
ATOM   758 C CA  . THR A 1 97  ? 21.237  -1.983  8.353   1.00 53.26  ? 97  THR A CA  1 
ATOM   759 C C   . THR A 1 97  ? 20.853  -2.982  9.446   1.00 56.19  ? 97  THR A C   1 
ATOM   760 O O   . THR A 1 97  ? 21.717  -3.524  10.135  1.00 54.06  ? 97  THR A O   1 
ATOM   761 C CB  . THR A 1 97  ? 20.844  -0.560  8.800   1.00 50.87  ? 97  THR A CB  1 
ATOM   762 O OG1 . THR A 1 97  ? 21.374  0.397   7.873   1.00 51.57  ? 97  THR A OG1 1 
ATOM   763 C CG2 . THR A 1 97  ? 21.376  -0.256  10.190  1.00 46.91  ? 97  THR A CG2 1 
ATOM   764 N N   . VAL A 1 98  ? 19.555  -3.220  9.604   1.00 51.00  ? 98  VAL A N   1 
ATOM   765 C CA  . VAL A 1 98  ? 19.068  -4.123  10.644  1.00 49.90  ? 98  VAL A CA  1 
ATOM   766 C C   . VAL A 1 98  ? 19.444  -5.581  10.363  1.00 56.82  ? 98  VAL A C   1 
ATOM   767 O O   . VAL A 1 98  ? 19.865  -6.305  11.264  1.00 51.75  ? 98  VAL A O   1 
ATOM   768 C CB  . VAL A 1 98  ? 17.536  -4.013  10.812  1.00 47.22  ? 98  VAL A CB  1 
ATOM   769 C CG1 . VAL A 1 98  ? 17.010  -5.122  11.719  1.00 54.44  ? 98  VAL A CG1 1 
ATOM   770 C CG2 . VAL A 1 98  ? 17.158  -2.649  11.367  1.00 46.69  ? 98  VAL A CG2 1 
ATOM   771 N N   . ASN A 1 99  ? 19.290  -6.009  9.115   1.00 53.59  ? 99  ASN A N   1 
ATOM   772 C CA  . ASN A 1 99  ? 19.578  -7.394  8.750   1.00 48.76  ? 99  ASN A CA  1 
ATOM   773 C C   . ASN A 1 99  ? 21.051  -7.760  8.901   1.00 56.54  ? 99  ASN A C   1 
ATOM   774 O O   . ASN A 1 99  ? 21.374  -8.878  9.298   1.00 65.53  ? 99  ASN A O   1 
ATOM   775 C CB  . ASN A 1 99  ? 19.110  -7.695  7.323   1.00 54.61  ? 99  ASN A CB  1 
ATOM   776 C CG  . ASN A 1 99  ? 17.636  -8.041  7.255   1.00 60.21  ? 99  ASN A CG  1 
ATOM   777 O OD1 . ASN A 1 99  ? 17.070  -8.574  8.210   1.00 59.94  ? 99  ASN A OD1 1 
ATOM   778 N ND2 . ASN A 1 99  ? 17.008  -7.747  6.123   1.00 61.75  ? 99  ASN A ND2 1 
ATOM   779 N N   . ASN A 1 100 ? 21.946  -6.832  8.578   1.00 57.77  ? 100 ASN A N   1 
ATOM   780 C CA  . ASN A 1 100 ? 23.372  -7.075  8.767   1.00 53.70  ? 100 ASN A CA  1 
ATOM   781 C C   . ASN A 1 100 ? 23.711  -7.182  10.248  1.00 58.23  ? 100 ASN A C   1 
ATOM   782 O O   . ASN A 1 100 ? 24.519  -8.019  10.654  1.00 68.60  ? 100 ASN A O   1 
ATOM   783 C CB  . ASN A 1 100 ? 24.211  -5.967  8.129   1.00 61.84  ? 100 ASN A CB  1 
ATOM   784 C CG  . ASN A 1 100 ? 24.246  -6.056  6.616   1.00 66.22  ? 100 ASN A CG  1 
ATOM   785 O OD1 . ASN A 1 100 ? 23.827  -7.055  6.029   1.00 56.82  ? 100 ASN A OD1 1 
ATOM   786 N ND2 . ASN A 1 100 ? 24.762  -5.012  5.976   1.00 61.14  ? 100 ASN A ND2 1 
ATOM   787 N N   . LEU A 1 101 ? 23.083  -6.331  11.053  1.00 47.95  ? 101 LEU A N   1 
ATOM   788 C CA  . LEU A 1 101 ? 23.345  -6.297  12.486  1.00 54.12  ? 101 LEU A CA  1 
ATOM   789 C C   . LEU A 1 101 ? 22.935  -7.593  13.182  1.00 56.74  ? 101 LEU A C   1 
ATOM   790 O O   . LEU A 1 101 ? 23.705  -8.160  13.955  1.00 57.41  ? 101 LEU A O   1 
ATOM   791 C CB  . LEU A 1 101 ? 22.606  -5.125  13.133  1.00 41.41  ? 101 LEU A CB  1 
ATOM   792 C CG  . LEU A 1 101 ? 22.838  -4.987  14.639  1.00 51.12  ? 101 LEU A CG  1 
ATOM   793 C CD1 . LEU A 1 101 ? 24.314  -4.765  14.929  1.00 50.18  ? 101 LEU A CD1 1 
ATOM   794 C CD2 . LEU A 1 101 ? 22.000  -3.857  15.214  1.00 48.74  ? 101 LEU A CD2 1 
ATOM   795 N N   . LEU A 1 102 ? 21.722  -8.057  12.900  1.00 54.28  ? 102 LEU A N   1 
ATOM   796 C CA  . LEU A 1 102 ? 21.156  -9.207  13.601  1.00 64.22  ? 102 LEU A CA  1 
ATOM   797 C C   . LEU A 1 102 ? 21.794  -10.542 13.212  1.00 69.56  ? 102 LEU A C   1 
ATOM   798 O O   . LEU A 1 102 ? 21.246  -11.605 13.513  1.00 74.71  ? 102 LEU A O   1 
ATOM   799 C CB  . LEU A 1 102 ? 19.644  -9.275  13.362  1.00 55.05  ? 102 LEU A CB  1 
ATOM   800 C CG  . LEU A 1 102 ? 18.825  -8.113  13.929  1.00 67.10  ? 102 LEU A CG  1 
ATOM   801 C CD1 . LEU A 1 102 ? 17.339  -8.322  13.678  1.00 68.06  ? 102 LEU A CD1 1 
ATOM   802 C CD2 . LEU A 1 102 ? 19.097  -7.941  15.415  1.00 51.73  ? 102 LEU A CD2 1 
ATOM   803 N N   . GLN A 1 103 ? 22.946  -10.493 12.552  1.00 83.55  ? 103 GLN A N   1 
ATOM   804 C CA  . GLN A 1 103 ? 23.643  -11.707 12.151  1.00 91.15  ? 103 GLN A CA  1 
ATOM   805 C C   . GLN A 1 103 ? 25.133  -11.589 12.461  1.00 108.93 ? 103 GLN A C   1 
ATOM   806 O O   . GLN A 1 103 ? 25.975  -12.040 11.684  1.00 114.45 ? 103 GLN A O   1 
ATOM   807 C CB  . GLN A 1 103 ? 23.421  -11.956 10.658  1.00 79.37  ? 103 GLN A CB  1 
ATOM   808 C CG  . GLN A 1 103 ? 21.985  -11.691 10.215  1.00 79.72  ? 103 GLN A CG  1 
ATOM   809 C CD  . GLN A 1 103 ? 21.784  -11.842 8.718   1.00 105.63 ? 103 GLN A CD  1 
ATOM   810 O OE1 . GLN A 1 103 ? 22.746  -11.908 7.953   1.00 105.60 ? 103 GLN A OE1 1 
ATOM   811 N NE2 . GLN A 1 103 ? 20.524  -11.894 8.293   1.00 86.39  ? 103 GLN A NE2 1 
ATOM   812 N N   . GLY A 1 104 ? 25.449  -10.980 13.601  1.00 104.36 ? 104 GLY A N   1 
ATOM   813 C CA  . GLY A 1 104 ? 26.828  -10.772 14.005  1.00 112.84 ? 104 GLY A CA  1 
ATOM   814 C C   . GLY A 1 104 ? 27.412  -11.935 14.784  1.00 132.67 ? 104 GLY A C   1 
ATOM   815 O O   . GLY A 1 104 ? 28.480  -12.438 14.438  1.00 130.68 ? 104 GLY A O   1 
ATOM   816 N N   . GLU A 1 105 ? 26.714  -12.349 15.839  1.00 139.37 ? 105 GLU A N   1 
ATOM   817 C CA  . GLU A 1 105 ? 27.173  -13.423 16.720  1.00 133.29 ? 105 GLU A CA  1 
ATOM   818 C C   . GLU A 1 105 ? 28.265  -12.920 17.658  1.00 138.98 ? 105 GLU A C   1 
ATOM   819 O O   . GLU A 1 105 ? 29.154  -13.674 18.057  1.00 131.83 ? 105 GLU A O   1 
ATOM   820 C CB  . GLU A 1 105 ? 27.681  -14.628 15.920  1.00 133.45 ? 105 GLU A CB  1 
ATOM   821 C CG  . GLU A 1 105 ? 26.627  -15.294 15.061  1.00 135.05 ? 105 GLU A CG  1 
ATOM   822 C CD  . GLU A 1 105 ? 25.613  -16.056 15.886  1.00 138.45 ? 105 GLU A CD  1 
ATOM   823 O OE1 . GLU A 1 105 ? 25.952  -17.150 16.383  1.00 125.93 ? 105 GLU A OE1 1 
ATOM   824 O OE2 . GLU A 1 105 ? 24.479  -15.557 16.050  1.00 125.26 ? 105 GLU A OE2 1 
HETATM 825 S S   . SO4 B 2 .   ? -16.214 -1.476  -4.802  1.00 42.31  ? 201 SO4 A S   1 
HETATM 826 O O1  . SO4 B 2 .   ? -16.472 -2.772  -5.422  1.00 48.71  ? 201 SO4 A O1  1 
HETATM 827 O O2  . SO4 B 2 .   ? -17.482 -0.792  -4.552  1.00 53.72  ? 201 SO4 A O2  1 
HETATM 828 O O3  . SO4 B 2 .   ? -15.502 -1.665  -3.542  1.00 43.30  ? 201 SO4 A O3  1 
HETATM 829 O O4  . SO4 B 2 .   ? -15.399 -0.666  -5.690  1.00 52.87  ? 201 SO4 A O4  1 
HETATM 830 C C1  . GOL C 3 .   ? -9.713  -2.806  -14.732 1.00 78.28  ? 202 GOL A C1  1 
HETATM 831 O O1  . GOL C 3 .   ? -10.796 -2.194  -15.396 1.00 79.73  ? 202 GOL A O1  1 
HETATM 832 C C2  . GOL C 3 .   ? -8.834  -1.735  -14.096 1.00 87.01  ? 202 GOL A C2  1 
HETATM 833 O O2  . GOL C 3 .   ? -8.931  -0.537  -14.835 1.00 84.30  ? 202 GOL A O2  1 
HETATM 834 C C3  . GOL C 3 .   ? -7.383  -2.204  -14.059 1.00 90.25  ? 202 GOL A C3  1 
HETATM 835 O O3  . GOL C 3 .   ? -7.223  -3.181  -13.054 1.00 83.72  ? 202 GOL A O3  1 
HETATM 836 C C1  . GOL D 3 .   ? -0.089  -9.524  -8.173  1.00 82.85  ? 203 GOL A C1  1 
HETATM 837 O O1  . GOL D 3 .   ? -0.699  -9.479  -9.445  1.00 85.17  ? 203 GOL A O1  1 
HETATM 838 C C2  . GOL D 3 .   ? -0.225  -10.929 -7.594  1.00 106.14 ? 203 GOL A C2  1 
HETATM 839 O O2  . GOL D 3 .   ? 1.051   -11.458 -7.304  1.00 98.33  ? 203 GOL A O2  1 
HETATM 840 C C3  . GOL D 3 .   ? -1.088  -10.914 -6.336  1.00 90.00  ? 203 GOL A C3  1 
HETATM 841 O O3  . GOL D 3 .   ? -2.226  -11.724 -6.533  1.00 78.93  ? 203 GOL A O3  1 
HETATM 842 C C1  . GOL E 3 .   ? -1.155  2.974   -11.428 1.00 52.56  ? 204 GOL A C1  1 
HETATM 843 O O1  . GOL E 3 .   ? -1.904  3.431   -10.325 1.00 45.56  ? 204 GOL A O1  1 
HETATM 844 C C2  . GOL E 3 .   ? -2.076  2.469   -12.531 1.00 52.80  ? 204 GOL A C2  1 
HETATM 845 O O2  . GOL E 3 .   ? -2.180  1.064   -12.485 1.00 71.11  ? 204 GOL A O2  1 
HETATM 846 C C3  . GOL E 3 .   ? -1.488  2.899   -13.866 1.00 68.60  ? 204 GOL A C3  1 
HETATM 847 O O3  . GOL E 3 .   ? -2.454  2.809   -14.886 1.00 75.37  ? 204 GOL A O3  1 
HETATM 848 C C1  . GOL F 3 .   ? -14.352 -8.073  -12.003 1.00 105.28 ? 205 GOL A C1  1 
HETATM 849 O O1  . GOL F 3 .   ? -15.502 -7.541  -11.381 1.00 89.34  ? 205 GOL A O1  1 
HETATM 850 C C2  . GOL F 3 .   ? -13.104 -7.480  -11.356 1.00 100.22 ? 205 GOL A C2  1 
HETATM 851 O O2  . GOL F 3 .   ? -12.663 -8.311  -10.305 1.00 80.63  ? 205 GOL A O2  1 
HETATM 852 C C3  . GOL F 3 .   ? -11.996 -7.327  -12.393 1.00 92.18  ? 205 GOL A C3  1 
HETATM 853 O O3  . GOL F 3 .   ? -11.106 -6.308  -11.992 1.00 71.28  ? 205 GOL A O3  1 
HETATM 854 O O   . HOH G 4 .   ? -14.132 -3.325  -2.056  1.00 26.06  ? 301 HOH A O   1 
HETATM 855 O O   . HOH G 4 .   ? -8.314  10.852  -12.157 1.00 50.60  ? 302 HOH A O   1 
HETATM 856 O O   . HOH G 4 .   ? -12.444 5.612   -0.321  1.00 39.60  ? 303 HOH A O   1 
HETATM 857 O O   . HOH G 4 .   ? -10.352 9.454   -4.070  1.00 51.59  ? 304 HOH A O   1 
HETATM 858 O O   . HOH G 4 .   ? -15.924 -4.776  -3.570  1.00 39.08  ? 305 HOH A O   1 
HETATM 859 O O   . HOH G 4 .   ? 2.144   2.914   7.646   1.00 54.26  ? 306 HOH A O   1 
HETATM 860 O O   . HOH G 4 .   ? 24.439  -3.268  10.009  1.00 49.13  ? 307 HOH A O   1 
HETATM 861 O O   . HOH G 4 .   ? -6.210  13.563  -6.722  1.00 52.00  ? 308 HOH A O   1 
HETATM 862 O O   . HOH G 4 .   ? -8.651  4.748   -10.635 1.00 46.41  ? 309 HOH A O   1 
HETATM 863 O O   . HOH G 4 .   ? 6.432   1.047   -8.188  1.00 46.39  ? 310 HOH A O   1 
HETATM 864 O O   . HOH G 4 .   ? -13.039 0.172   -3.548  1.00 41.06  ? 311 HOH A O   1 
HETATM 865 O O   . HOH G 4 .   ? -16.398 6.977   -3.123  1.00 62.05  ? 312 HOH A O   1 
HETATM 866 O O   . HOH G 4 .   ? 4.599   2.835   5.645   1.00 44.96  ? 313 HOH A O   1 
HETATM 867 O O   . HOH G 4 .   ? -3.867  14.901  -7.447  1.00 53.10  ? 314 HOH A O   1 
HETATM 868 O O   . HOH G 4 .   ? -13.027 1.401   -1.102  1.00 41.13  ? 315 HOH A O   1 
HETATM 869 O O   . HOH G 4 .   ? 25.588  -2.375  7.043   1.00 59.93  ? 316 HOH A O   1 
HETATM 870 O O   . HOH G 4 .   ? -7.516  0.394   11.810  1.00 51.15  ? 317 HOH A O   1 
# 
loop_
_pdbx_poly_seq_scheme.asym_id 
_pdbx_poly_seq_scheme.entity_id 
_pdbx_poly_seq_scheme.seq_id 
_pdbx_poly_seq_scheme.mon_id 
_pdbx_poly_seq_scheme.ndb_seq_num 
_pdbx_poly_seq_scheme.pdb_seq_num 
_pdbx_poly_seq_scheme.auth_seq_num 
_pdbx_poly_seq_scheme.pdb_mon_id 
_pdbx_poly_seq_scheme.auth_mon_id 
_pdbx_poly_seq_scheme.pdb_strand_id 
_pdbx_poly_seq_scheme.pdb_ins_code 
_pdbx_poly_seq_scheme.hetero 
A 1 1   MET 1   1   ?   ?   ?   A . n 
A 1 2   HIS 2   2   ?   ?   ?   A . n 
A 1 3   SER 3   3   3   SER SER A . n 
A 1 4   GLN 4   4   4   GLN GLN A . n 
A 1 5   MET 5   5   5   MET MET A . n 
A 1 6   LEU 6   6   6   LEU LEU A . n 
A 1 7   LYS 7   7   7   LYS LYS A . n 
A 1 8   GLY 8   8   8   GLY GLY A . n 
A 1 9   VAL 9   9   9   VAL VAL A . n 
A 1 10  LEU 10  10  10  LEU LEU A . n 
A 1 11  GLU 11  11  11  GLU GLU A . n 
A 1 12  GLY 12  12  12  GLY GLY A . n 
A 1 13  CYS 13  13  13  CYS CYS A . n 
A 1 14  ILE 14  14  14  ILE ILE A . n 
A 1 15  LEU 15  15  15  LEU LEU A . n 
A 1 16  TYR 16  16  16  TYR TYR A . n 
A 1 17  ILE 17  17  17  ILE ILE A . n 
A 1 18  ILE 18  18  18  ILE ILE A . n 
A 1 19  SER 19  19  19  SER SER A . n 
A 1 20  GLN 20  20  20  GLN GLN A . n 
A 1 21  GLU 21  21  21  GLU GLU A . n 
A 1 22  GLU 22  22  22  GLU GLU A . n 
A 1 23  VAL 23  23  23  VAL VAL A . n 
A 1 24  TYR 24  24  24  TYR TYR A . n 
A 1 25  GLY 25  25  25  GLY GLY A . n 
A 1 26  TYR 26  26  26  TYR TYR A . n 
A 1 27  GLU 27  27  27  GLU GLU A . n 
A 1 28  LEU 28  28  28  LEU LEU A . n 
A 1 29  SER 29  29  29  SER SER A . n 
A 1 30  THR 30  30  30  THR THR A . n 
A 1 31  LYS 31  31  31  LYS LYS A . n 
A 1 32  LEU 32  32  32  LEU LEU A . n 
A 1 33  ASN 33  33  33  ASN ASN A . n 
A 1 34  LYS 34  34  34  LYS LYS A . n 
A 1 35  HIS 35  35  35  HIS HIS A . n 
A 1 36  GLY 36  36  36  GLY GLY A . n 
A 1 37  PHE 37  37  37  PHE PHE A . n 
A 1 38  THR 38  38  38  THR THR A . n 
A 1 39  PHE 39  39  39  PHE PHE A . n 
A 1 40  VAL 40  40  40  VAL VAL A . n 
A 1 41  SER 41  41  41  SER SER A . n 
A 1 42  GLU 42  42  42  GLU GLU A . n 
A 1 43  GLY 43  43  43  GLY GLY A . n 
A 1 44  SER 44  44  44  SER SER A . n 
A 1 45  ILE 45  45  45  ILE ILE A . n 
A 1 46  TYR 46  46  46  TYR TYR A . n 
A 1 47  PRO 47  47  47  PRO PRO A . n 
A 1 48  LEU 48  48  48  LEU LEU A . n 
A 1 49  LEU 49  49  49  LEU LEU A . n 
A 1 50  LEU 50  50  50  LEU LEU A . n 
A 1 51  ARG 51  51  51  ARG ARG A . n 
A 1 52  MET 52  52  52  MET MET A . n 
A 1 53  GLN 53  53  53  GLN GLN A . n 
A 1 54  LYS 54  54  54  LYS LYS A . n 
A 1 55  GLU 55  55  55  GLU GLU A . n 
A 1 56  LYS 56  56  56  LYS LYS A . n 
A 1 57  LEU 57  57  57  LEU LEU A . n 
A 1 58  ILE 58  58  58  ILE ILE A . n 
A 1 59  GLU 59  59  59  GLU GLU A . n 
A 1 60  GLY 60  60  60  GLY GLY A . n 
A 1 61  THR 61  61  61  THR THR A . n 
A 1 62  LEU 62  62  62  LEU LEU A . n 
A 1 63  LYS 63  63  63  LYS LYS A . n 
A 1 64  ALA 64  64  64  ALA ALA A . n 
A 1 65  SER 65  65  65  SER SER A . n 
A 1 66  SER 66  66  66  SER SER A . n 
A 1 67  LEU 67  67  67  LEU LEU A . n 
A 1 68  GLY 68  68  68  GLY GLY A . n 
A 1 69  PRO 69  69  69  PRO PRO A . n 
A 1 70  LYS 70  70  70  LYS LYS A . n 
A 1 71  ARG 71  71  71  ARG ARG A . n 
A 1 72  LYS 72  72  72  LYS LYS A . n 
A 1 73  TYR 73  73  73  TYR TYR A . n 
A 1 74  TYR 74  74  74  TYR TYR A . n 
A 1 75  HIS 75  75  75  HIS HIS A . n 
A 1 76  ILE 76  76  76  ILE ILE A . n 
A 1 77  THR 77  77  77  THR THR A . n 
A 1 78  ASP 78  78  78  ASP ASP A . n 
A 1 79  LYS 79  79  79  LYS LYS A . n 
A 1 80  GLY 80  80  80  GLY GLY A . n 
A 1 81  LEU 81  81  81  LEU LEU A . n 
A 1 82  GLU 82  82  82  GLU GLU A . n 
A 1 83  GLN 83  83  83  GLN GLN A . n 
A 1 84  LEU 84  84  84  LEU LEU A . n 
A 1 85  GLU 85  85  85  GLU GLU A . n 
A 1 86  GLU 86  86  86  GLU GLU A . n 
A 1 87  PHE 87  87  87  PHE PHE A . n 
A 1 88  LYS 88  88  88  LYS LYS A . n 
A 1 89  GLN 89  89  89  GLN GLN A . n 
A 1 90  SER 90  90  90  SER SER A . n 
A 1 91  TRP 91  91  91  TRP TRP A . n 
A 1 92  GLY 92  92  92  GLY GLY A . n 
A 1 93  MET 93  93  93  MET MET A . n 
A 1 94  VAL 94  94  94  VAL VAL A . n 
A 1 95  SER 95  95  95  SER SER A . n 
A 1 96  THR 96  96  96  THR THR A . n 
A 1 97  THR 97  97  97  THR THR A . n 
A 1 98  VAL 98  98  98  VAL VAL A . n 
A 1 99  ASN 99  99  99  ASN ASN A . n 
A 1 100 ASN 100 100 100 ASN ASN A . n 
A 1 101 LEU 101 101 101 LEU LEU A . n 
A 1 102 LEU 102 102 102 LEU LEU A . n 
A 1 103 GLN 103 103 103 GLN GLN A . n 
A 1 104 GLY 104 104 104 GLY GLY A . n 
A 1 105 GLU 105 105 105 GLU GLU A . n 
A 1 106 SER 106 106 ?   ?   ?   A . n 
A 1 107 ARG 107 107 ?   ?   ?   A . n 
A 1 108 TRP 108 108 ?   ?   ?   A . n 
A 1 109 SER 109 109 ?   ?   ?   A . n 
A 1 110 HIS 110 110 ?   ?   ?   A . n 
A 1 111 PRO 111 111 ?   ?   ?   A . n 
A 1 112 GLN 112 112 ?   ?   ?   A . n 
A 1 113 PHE 113 113 ?   ?   ?   A . n 
A 1 114 GLU 114 114 ?   ?   ?   A . n 
A 1 115 LYS 115 115 ?   ?   ?   A . n 
# 
loop_
_pdbx_nonpoly_scheme.asym_id 
_pdbx_nonpoly_scheme.entity_id 
_pdbx_nonpoly_scheme.mon_id 
_pdbx_nonpoly_scheme.ndb_seq_num 
_pdbx_nonpoly_scheme.pdb_seq_num 
_pdbx_nonpoly_scheme.auth_seq_num 
_pdbx_nonpoly_scheme.pdb_mon_id 
_pdbx_nonpoly_scheme.auth_mon_id 
_pdbx_nonpoly_scheme.pdb_strand_id 
_pdbx_nonpoly_scheme.pdb_ins_code 
B 2 SO4 1  201 201 SO4 SO4 A . 
C 3 GOL 1  202 301 GOL GOL A . 
D 3 GOL 1  203 302 GOL GOL A . 
E 3 GOL 1  204 303 GOL GOL A . 
F 3 GOL 1  205 304 GOL GOL A . 
G 4 HOH 1  301 1   HOH HOH A . 
G 4 HOH 2  302 2   HOH HOH A . 
G 4 HOH 3  303 3   HOH HOH A . 
G 4 HOH 4  304 4   HOH HOH A . 
G 4 HOH 5  305 5   HOH HOH A . 
G 4 HOH 6  306 6   HOH HOH A . 
G 4 HOH 7  307 7   HOH HOH A . 
G 4 HOH 8  308 8   HOH HOH A . 
G 4 HOH 9  309 9   HOH HOH A . 
G 4 HOH 10 310 10  HOH HOH A . 
G 4 HOH 11 311 11  HOH HOH A . 
G 4 HOH 12 312 12  HOH HOH A . 
G 4 HOH 13 313 13  HOH HOH A . 
G 4 HOH 14 314 14  HOH HOH A . 
G 4 HOH 15 315 15  HOH HOH A . 
G 4 HOH 16 316 16  HOH HOH A . 
G 4 HOH 17 317 17  HOH HOH A . 
# 
_pdbx_struct_assembly.id                   1 
_pdbx_struct_assembly.details              author_and_software_defined_assembly 
_pdbx_struct_assembly.method_details       PISA 
_pdbx_struct_assembly.oligomeric_details   dimeric 
_pdbx_struct_assembly.oligomeric_count     2 
# 
_pdbx_struct_assembly_gen.assembly_id       1 
_pdbx_struct_assembly_gen.oper_expression   1,2 
_pdbx_struct_assembly_gen.asym_id_list      A,B,C,D,E,F,G 
# 
loop_
_pdbx_struct_assembly_prop.biol_id 
_pdbx_struct_assembly_prop.type 
_pdbx_struct_assembly_prop.value 
_pdbx_struct_assembly_prop.details 
1 'ABSA (A^2)' 4500  ? 
1 MORE         -56   ? 
1 'SSA (A^2)'  11580 ? 
# 
loop_
_pdbx_struct_oper_list.id 
_pdbx_struct_oper_list.type 
_pdbx_struct_oper_list.name 
_pdbx_struct_oper_list.symmetry_operation 
_pdbx_struct_oper_list.matrix[1][1] 
_pdbx_struct_oper_list.matrix[1][2] 
_pdbx_struct_oper_list.matrix[1][3] 
_pdbx_struct_oper_list.vector[1] 
_pdbx_struct_oper_list.matrix[2][1] 
_pdbx_struct_oper_list.matrix[2][2] 
_pdbx_struct_oper_list.matrix[2][3] 
_pdbx_struct_oper_list.vector[2] 
_pdbx_struct_oper_list.matrix[3][1] 
_pdbx_struct_oper_list.matrix[3][2] 
_pdbx_struct_oper_list.matrix[3][3] 
_pdbx_struct_oper_list.vector[3] 
1 'identity operation'         1_555 x,y,z  1.0000000000  0.0000000000  0.0000000000  0.0000000000  0.0000000000  1.0000000000  0.0000000000 0.0000000000  0.0000000000  0.0000000000 1.0000000000  0.0000000000  
2 'crystal symmetry operation' 7_555 y,x,-z -0.4581055905 -0.6917878835 -0.5581834754 19.9015778890 -0.6917878835 -0.1168565918 0.7125826698 -1.0556716565 -0.5581834754 0.7125826698 -0.4250378177 20.6291571967 
# 
loop_
_pdbx_audit_revision_history.ordinal 
_pdbx_audit_revision_history.data_content_type 
_pdbx_audit_revision_history.major_revision 
_pdbx_audit_revision_history.minor_revision 
_pdbx_audit_revision_history.revision_date 
1 'Structure model' 1 0 2012-12-05 
2 'Structure model' 1 1 2012-12-12 
3 'Structure model' 1 2 2012-12-26 
4 'Structure model' 1 3 2023-09-13 
# 
_pdbx_audit_revision_details.ordinal             1 
_pdbx_audit_revision_details.revision_ordinal    1 
_pdbx_audit_revision_details.data_content_type   'Structure model' 
_pdbx_audit_revision_details.provider            repository 
_pdbx_audit_revision_details.type                'Initial release' 
_pdbx_audit_revision_details.description         ? 
_pdbx_audit_revision_details.details             ? 
# 
loop_
_pdbx_audit_revision_group.ordinal 
_pdbx_audit_revision_group.revision_ordinal 
_pdbx_audit_revision_group.data_content_type 
_pdbx_audit_revision_group.group 
1 2 'Structure model' 'Database references'    
2 3 'Structure model' 'Derived calculations'   
3 4 'Structure model' 'Data collection'        
4 4 'Structure model' 'Database references'    
5 4 'Structure model' 'Derived calculations'   
6 4 'Structure model' 'Refinement description' 
# 
loop_
_pdbx_audit_revision_category.ordinal 
_pdbx_audit_revision_category.revision_ordinal 
_pdbx_audit_revision_category.data_content_type 
_pdbx_audit_revision_category.category 
1 4 'Structure model' chem_comp_atom                
2 4 'Structure model' chem_comp_bond                
3 4 'Structure model' database_2                    
4 4 'Structure model' pdbx_initial_refinement_model 
5 4 'Structure model' struct_ref_seq_dif            
6 4 'Structure model' struct_site                   
# 
loop_
_pdbx_audit_revision_item.ordinal 
_pdbx_audit_revision_item.revision_ordinal 
_pdbx_audit_revision_item.data_content_type 
_pdbx_audit_revision_item.item 
1 4 'Structure model' '_database_2.pdbx_DOI'                
2 4 'Structure model' '_database_2.pdbx_database_accession' 
3 4 'Structure model' '_struct_ref_seq_dif.details'         
4 4 'Structure model' '_struct_site.pdbx_auth_asym_id'      
5 4 'Structure model' '_struct_site.pdbx_auth_comp_id'      
6 4 'Structure model' '_struct_site.pdbx_auth_seq_id'       
# 
loop_
_software.name 
_software.classification 
_software.version 
_software.citation_id 
_software.pdbx_ordinal 
DNA    'data collection' .                            ? 1 
BALBES phasing           .                            ? 2 
PHENIX refinement        '(phenix.refine: 1.7.3_928)' ? 3 
XDS    'data reduction'  .                            ? 4 
SCALA  'data scaling'    .                            ? 5 
# 
_pdbx_validate_close_contact.id               1 
_pdbx_validate_close_contact.PDB_model_num    1 
_pdbx_validate_close_contact.auth_atom_id_1   OE2 
_pdbx_validate_close_contact.auth_asym_id_1   A 
_pdbx_validate_close_contact.auth_comp_id_1   GLU 
_pdbx_validate_close_contact.auth_seq_id_1    22 
_pdbx_validate_close_contact.PDB_ins_code_1   ? 
_pdbx_validate_close_contact.label_alt_id_1   ? 
_pdbx_validate_close_contact.auth_atom_id_2   O 
_pdbx_validate_close_contact.auth_asym_id_2   A 
_pdbx_validate_close_contact.auth_comp_id_2   HOH 
_pdbx_validate_close_contact.auth_seq_id_2    309 
_pdbx_validate_close_contact.PDB_ins_code_2   ? 
_pdbx_validate_close_contact.label_alt_id_2   ? 
_pdbx_validate_close_contact.dist             2.18 
# 
loop_
_pdbx_unobs_or_zero_occ_residues.id 
_pdbx_unobs_or_zero_occ_residues.PDB_model_num 
_pdbx_unobs_or_zero_occ_residues.polymer_flag 
_pdbx_unobs_or_zero_occ_residues.occupancy_flag 
_pdbx_unobs_or_zero_occ_residues.auth_asym_id 
_pdbx_unobs_or_zero_occ_residues.auth_comp_id 
_pdbx_unobs_or_zero_occ_residues.auth_seq_id 
_pdbx_unobs_or_zero_occ_residues.PDB_ins_code 
_pdbx_unobs_or_zero_occ_residues.label_asym_id 
_pdbx_unobs_or_zero_occ_residues.label_comp_id 
_pdbx_unobs_or_zero_occ_residues.label_seq_id 
1  1 Y 1 A MET 1   ? A MET 1   
2  1 Y 1 A HIS 2   ? A HIS 2   
3  1 Y 1 A SER 106 ? A SER 106 
4  1 Y 1 A ARG 107 ? A ARG 107 
5  1 Y 1 A TRP 108 ? A TRP 108 
6  1 Y 1 A SER 109 ? A SER 109 
7  1 Y 1 A HIS 110 ? A HIS 110 
8  1 Y 1 A PRO 111 ? A PRO 111 
9  1 Y 1 A GLN 112 ? A GLN 112 
10 1 Y 1 A PHE 113 ? A PHE 113 
11 1 Y 1 A GLU 114 ? A GLU 114 
12 1 Y 1 A LYS 115 ? A LYS 115 
# 
loop_
_chem_comp_atom.comp_id 
_chem_comp_atom.atom_id 
_chem_comp_atom.type_symbol 
_chem_comp_atom.pdbx_aromatic_flag 
_chem_comp_atom.pdbx_stereo_config 
_chem_comp_atom.pdbx_ordinal 
ALA N    N N N 1   
ALA CA   C N S 2   
ALA C    C N N 3   
ALA O    O N N 4   
ALA CB   C N N 5   
ALA OXT  O N N 6   
ALA H    H N N 7   
ALA H2   H N N 8   
ALA HA   H N N 9   
ALA HB1  H N N 10  
ALA HB2  H N N 11  
ALA HB3  H N N 12  
ALA HXT  H N N 13  
ARG N    N N N 14  
ARG CA   C N S 15  
ARG C    C N N 16  
ARG O    O N N 17  
ARG CB   C N N 18  
ARG CG   C N N 19  
ARG CD   C N N 20  
ARG NE   N N N 21  
ARG CZ   C N N 22  
ARG NH1  N N N 23  
ARG NH2  N N N 24  
ARG OXT  O N N 25  
ARG H    H N N 26  
ARG H2   H N N 27  
ARG HA   H N N 28  
ARG HB2  H N N 29  
ARG HB3  H N N 30  
ARG HG2  H N N 31  
ARG HG3  H N N 32  
ARG HD2  H N N 33  
ARG HD3  H N N 34  
ARG HE   H N N 35  
ARG HH11 H N N 36  
ARG HH12 H N N 37  
ARG HH21 H N N 38  
ARG HH22 H N N 39  
ARG HXT  H N N 40  
ASN N    N N N 41  
ASN CA   C N S 42  
ASN C    C N N 43  
ASN O    O N N 44  
ASN CB   C N N 45  
ASN CG   C N N 46  
ASN OD1  O N N 47  
ASN ND2  N N N 48  
ASN OXT  O N N 49  
ASN H    H N N 50  
ASN H2   H N N 51  
ASN HA   H N N 52  
ASN HB2  H N N 53  
ASN HB3  H N N 54  
ASN HD21 H N N 55  
ASN HD22 H N N 56  
ASN HXT  H N N 57  
ASP N    N N N 58  
ASP CA   C N S 59  
ASP C    C N N 60  
ASP O    O N N 61  
ASP CB   C N N 62  
ASP CG   C N N 63  
ASP OD1  O N N 64  
ASP OD2  O N N 65  
ASP OXT  O N N 66  
ASP H    H N N 67  
ASP H2   H N N 68  
ASP HA   H N N 69  
ASP HB2  H N N 70  
ASP HB3  H N N 71  
ASP HD2  H N N 72  
ASP HXT  H N N 73  
CYS N    N N N 74  
CYS CA   C N R 75  
CYS C    C N N 76  
CYS O    O N N 77  
CYS CB   C N N 78  
CYS SG   S N N 79  
CYS OXT  O N N 80  
CYS H    H N N 81  
CYS H2   H N N 82  
CYS HA   H N N 83  
CYS HB2  H N N 84  
CYS HB3  H N N 85  
CYS HG   H N N 86  
CYS HXT  H N N 87  
GLN N    N N N 88  
GLN CA   C N S 89  
GLN C    C N N 90  
GLN O    O N N 91  
GLN CB   C N N 92  
GLN CG   C N N 93  
GLN CD   C N N 94  
GLN OE1  O N N 95  
GLN NE2  N N N 96  
GLN OXT  O N N 97  
GLN H    H N N 98  
GLN H2   H N N 99  
GLN HA   H N N 100 
GLN HB2  H N N 101 
GLN HB3  H N N 102 
GLN HG2  H N N 103 
GLN HG3  H N N 104 
GLN HE21 H N N 105 
GLN HE22 H N N 106 
GLN HXT  H N N 107 
GLU N    N N N 108 
GLU CA   C N S 109 
GLU C    C N N 110 
GLU O    O N N 111 
GLU CB   C N N 112 
GLU CG   C N N 113 
GLU CD   C N N 114 
GLU OE1  O N N 115 
GLU OE2  O N N 116 
GLU OXT  O N N 117 
GLU H    H N N 118 
GLU H2   H N N 119 
GLU HA   H N N 120 
GLU HB2  H N N 121 
GLU HB3  H N N 122 
GLU HG2  H N N 123 
GLU HG3  H N N 124 
GLU HE2  H N N 125 
GLU HXT  H N N 126 
GLY N    N N N 127 
GLY CA   C N N 128 
GLY C    C N N 129 
GLY O    O N N 130 
GLY OXT  O N N 131 
GLY H    H N N 132 
GLY H2   H N N 133 
GLY HA2  H N N 134 
GLY HA3  H N N 135 
GLY HXT  H N N 136 
GOL C1   C N N 137 
GOL O1   O N N 138 
GOL C2   C N N 139 
GOL O2   O N N 140 
GOL C3   C N N 141 
GOL O3   O N N 142 
GOL H11  H N N 143 
GOL H12  H N N 144 
GOL HO1  H N N 145 
GOL H2   H N N 146 
GOL HO2  H N N 147 
GOL H31  H N N 148 
GOL H32  H N N 149 
GOL HO3  H N N 150 
HIS N    N N N 151 
HIS CA   C N S 152 
HIS C    C N N 153 
HIS O    O N N 154 
HIS CB   C N N 155 
HIS CG   C Y N 156 
HIS ND1  N Y N 157 
HIS CD2  C Y N 158 
HIS CE1  C Y N 159 
HIS NE2  N Y N 160 
HIS OXT  O N N 161 
HIS H    H N N 162 
HIS H2   H N N 163 
HIS HA   H N N 164 
HIS HB2  H N N 165 
HIS HB3  H N N 166 
HIS HD1  H N N 167 
HIS HD2  H N N 168 
HIS HE1  H N N 169 
HIS HE2  H N N 170 
HIS HXT  H N N 171 
HOH O    O N N 172 
HOH H1   H N N 173 
HOH H2   H N N 174 
ILE N    N N N 175 
ILE CA   C N S 176 
ILE C    C N N 177 
ILE O    O N N 178 
ILE CB   C N S 179 
ILE CG1  C N N 180 
ILE CG2  C N N 181 
ILE CD1  C N N 182 
ILE OXT  O N N 183 
ILE H    H N N 184 
ILE H2   H N N 185 
ILE HA   H N N 186 
ILE HB   H N N 187 
ILE HG12 H N N 188 
ILE HG13 H N N 189 
ILE HG21 H N N 190 
ILE HG22 H N N 191 
ILE HG23 H N N 192 
ILE HD11 H N N 193 
ILE HD12 H N N 194 
ILE HD13 H N N 195 
ILE HXT  H N N 196 
LEU N    N N N 197 
LEU CA   C N S 198 
LEU C    C N N 199 
LEU O    O N N 200 
LEU CB   C N N 201 
LEU CG   C N N 202 
LEU CD1  C N N 203 
LEU CD2  C N N 204 
LEU OXT  O N N 205 
LEU H    H N N 206 
LEU H2   H N N 207 
LEU HA   H N N 208 
LEU HB2  H N N 209 
LEU HB3  H N N 210 
LEU HG   H N N 211 
LEU HD11 H N N 212 
LEU HD12 H N N 213 
LEU HD13 H N N 214 
LEU HD21 H N N 215 
LEU HD22 H N N 216 
LEU HD23 H N N 217 
LEU HXT  H N N 218 
LYS N    N N N 219 
LYS CA   C N S 220 
LYS C    C N N 221 
LYS O    O N N 222 
LYS CB   C N N 223 
LYS CG   C N N 224 
LYS CD   C N N 225 
LYS CE   C N N 226 
LYS NZ   N N N 227 
LYS OXT  O N N 228 
LYS H    H N N 229 
LYS H2   H N N 230 
LYS HA   H N N 231 
LYS HB2  H N N 232 
LYS HB3  H N N 233 
LYS HG2  H N N 234 
LYS HG3  H N N 235 
LYS HD2  H N N 236 
LYS HD3  H N N 237 
LYS HE2  H N N 238 
LYS HE3  H N N 239 
LYS HZ1  H N N 240 
LYS HZ2  H N N 241 
LYS HZ3  H N N 242 
LYS HXT  H N N 243 
MET N    N N N 244 
MET CA   C N S 245 
MET C    C N N 246 
MET O    O N N 247 
MET CB   C N N 248 
MET CG   C N N 249 
MET SD   S N N 250 
MET CE   C N N 251 
MET OXT  O N N 252 
MET H    H N N 253 
MET H2   H N N 254 
MET HA   H N N 255 
MET HB2  H N N 256 
MET HB3  H N N 257 
MET HG2  H N N 258 
MET HG3  H N N 259 
MET HE1  H N N 260 
MET HE2  H N N 261 
MET HE3  H N N 262 
MET HXT  H N N 263 
PHE N    N N N 264 
PHE CA   C N S 265 
PHE C    C N N 266 
PHE O    O N N 267 
PHE CB   C N N 268 
PHE CG   C Y N 269 
PHE CD1  C Y N 270 
PHE CD2  C Y N 271 
PHE CE1  C Y N 272 
PHE CE2  C Y N 273 
PHE CZ   C Y N 274 
PHE OXT  O N N 275 
PHE H    H N N 276 
PHE H2   H N N 277 
PHE HA   H N N 278 
PHE HB2  H N N 279 
PHE HB3  H N N 280 
PHE HD1  H N N 281 
PHE HD2  H N N 282 
PHE HE1  H N N 283 
PHE HE2  H N N 284 
PHE HZ   H N N 285 
PHE HXT  H N N 286 
PRO N    N N N 287 
PRO CA   C N S 288 
PRO C    C N N 289 
PRO O    O N N 290 
PRO CB   C N N 291 
PRO CG   C N N 292 
PRO CD   C N N 293 
PRO OXT  O N N 294 
PRO H    H N N 295 
PRO HA   H N N 296 
PRO HB2  H N N 297 
PRO HB3  H N N 298 
PRO HG2  H N N 299 
PRO HG3  H N N 300 
PRO HD2  H N N 301 
PRO HD3  H N N 302 
PRO HXT  H N N 303 
SER N    N N N 304 
SER CA   C N S 305 
SER C    C N N 306 
SER O    O N N 307 
SER CB   C N N 308 
SER OG   O N N 309 
SER OXT  O N N 310 
SER H    H N N 311 
SER H2   H N N 312 
SER HA   H N N 313 
SER HB2  H N N 314 
SER HB3  H N N 315 
SER HG   H N N 316 
SER HXT  H N N 317 
SO4 S    S N N 318 
SO4 O1   O N N 319 
SO4 O2   O N N 320 
SO4 O3   O N N 321 
SO4 O4   O N N 322 
THR N    N N N 323 
THR CA   C N S 324 
THR C    C N N 325 
THR O    O N N 326 
THR CB   C N R 327 
THR OG1  O N N 328 
THR CG2  C N N 329 
THR OXT  O N N 330 
THR H    H N N 331 
THR H2   H N N 332 
THR HA   H N N 333 
THR HB   H N N 334 
THR HG1  H N N 335 
THR HG21 H N N 336 
THR HG22 H N N 337 
THR HG23 H N N 338 
THR HXT  H N N 339 
TRP N    N N N 340 
TRP CA   C N S 341 
TRP C    C N N 342 
TRP O    O N N 343 
TRP CB   C N N 344 
TRP CG   C Y N 345 
TRP CD1  C Y N 346 
TRP CD2  C Y N 347 
TRP NE1  N Y N 348 
TRP CE2  C Y N 349 
TRP CE3  C Y N 350 
TRP CZ2  C Y N 351 
TRP CZ3  C Y N 352 
TRP CH2  C Y N 353 
TRP OXT  O N N 354 
TRP H    H N N 355 
TRP H2   H N N 356 
TRP HA   H N N 357 
TRP HB2  H N N 358 
TRP HB3  H N N 359 
TRP HD1  H N N 360 
TRP HE1  H N N 361 
TRP HE3  H N N 362 
TRP HZ2  H N N 363 
TRP HZ3  H N N 364 
TRP HH2  H N N 365 
TRP HXT  H N N 366 
TYR N    N N N 367 
TYR CA   C N S 368 
TYR C    C N N 369 
TYR O    O N N 370 
TYR CB   C N N 371 
TYR CG   C Y N 372 
TYR CD1  C Y N 373 
TYR CD2  C Y N 374 
TYR CE1  C Y N 375 
TYR CE2  C Y N 376 
TYR CZ   C Y N 377 
TYR OH   O N N 378 
TYR OXT  O N N 379 
TYR H    H N N 380 
TYR H2   H N N 381 
TYR HA   H N N 382 
TYR HB2  H N N 383 
TYR HB3  H N N 384 
TYR HD1  H N N 385 
TYR HD2  H N N 386 
TYR HE1  H N N 387 
TYR HE2  H N N 388 
TYR HH   H N N 389 
TYR HXT  H N N 390 
VAL N    N N N 391 
VAL CA   C N S 392 
VAL C    C N N 393 
VAL O    O N N 394 
VAL CB   C N N 395 
VAL CG1  C N N 396 
VAL CG2  C N N 397 
VAL OXT  O N N 398 
VAL H    H N N 399 
VAL H2   H N N 400 
VAL HA   H N N 401 
VAL HB   H N N 402 
VAL HG11 H N N 403 
VAL HG12 H N N 404 
VAL HG13 H N N 405 
VAL HG21 H N N 406 
VAL HG22 H N N 407 
VAL HG23 H N N 408 
VAL HXT  H N N 409 
# 
loop_
_chem_comp_bond.comp_id 
_chem_comp_bond.atom_id_1 
_chem_comp_bond.atom_id_2 
_chem_comp_bond.value_order 
_chem_comp_bond.pdbx_aromatic_flag 
_chem_comp_bond.pdbx_stereo_config 
_chem_comp_bond.pdbx_ordinal 
ALA N   CA   sing N N 1   
ALA N   H    sing N N 2   
ALA N   H2   sing N N 3   
ALA CA  C    sing N N 4   
ALA CA  CB   sing N N 5   
ALA CA  HA   sing N N 6   
ALA C   O    doub N N 7   
ALA C   OXT  sing N N 8   
ALA CB  HB1  sing N N 9   
ALA CB  HB2  sing N N 10  
ALA CB  HB3  sing N N 11  
ALA OXT HXT  sing N N 12  
ARG N   CA   sing N N 13  
ARG N   H    sing N N 14  
ARG N   H2   sing N N 15  
ARG CA  C    sing N N 16  
ARG CA  CB   sing N N 17  
ARG CA  HA   sing N N 18  
ARG C   O    doub N N 19  
ARG C   OXT  sing N N 20  
ARG CB  CG   sing N N 21  
ARG CB  HB2  sing N N 22  
ARG CB  HB3  sing N N 23  
ARG CG  CD   sing N N 24  
ARG CG  HG2  sing N N 25  
ARG CG  HG3  sing N N 26  
ARG CD  NE   sing N N 27  
ARG CD  HD2  sing N N 28  
ARG CD  HD3  sing N N 29  
ARG NE  CZ   sing N N 30  
ARG NE  HE   sing N N 31  
ARG CZ  NH1  sing N N 32  
ARG CZ  NH2  doub N N 33  
ARG NH1 HH11 sing N N 34  
ARG NH1 HH12 sing N N 35  
ARG NH2 HH21 sing N N 36  
ARG NH2 HH22 sing N N 37  
ARG OXT HXT  sing N N 38  
ASN N   CA   sing N N 39  
ASN N   H    sing N N 40  
ASN N   H2   sing N N 41  
ASN CA  C    sing N N 42  
ASN CA  CB   sing N N 43  
ASN CA  HA   sing N N 44  
ASN C   O    doub N N 45  
ASN C   OXT  sing N N 46  
ASN CB  CG   sing N N 47  
ASN CB  HB2  sing N N 48  
ASN CB  HB3  sing N N 49  
ASN CG  OD1  doub N N 50  
ASN CG  ND2  sing N N 51  
ASN ND2 HD21 sing N N 52  
ASN ND2 HD22 sing N N 53  
ASN OXT HXT  sing N N 54  
ASP N   CA   sing N N 55  
ASP N   H    sing N N 56  
ASP N   H2   sing N N 57  
ASP CA  C    sing N N 58  
ASP CA  CB   sing N N 59  
ASP CA  HA   sing N N 60  
ASP C   O    doub N N 61  
ASP C   OXT  sing N N 62  
ASP CB  CG   sing N N 63  
ASP CB  HB2  sing N N 64  
ASP CB  HB3  sing N N 65  
ASP CG  OD1  doub N N 66  
ASP CG  OD2  sing N N 67  
ASP OD2 HD2  sing N N 68  
ASP OXT HXT  sing N N 69  
CYS N   CA   sing N N 70  
CYS N   H    sing N N 71  
CYS N   H2   sing N N 72  
CYS CA  C    sing N N 73  
CYS CA  CB   sing N N 74  
CYS CA  HA   sing N N 75  
CYS C   O    doub N N 76  
CYS C   OXT  sing N N 77  
CYS CB  SG   sing N N 78  
CYS CB  HB2  sing N N 79  
CYS CB  HB3  sing N N 80  
CYS SG  HG   sing N N 81  
CYS OXT HXT  sing N N 82  
GLN N   CA   sing N N 83  
GLN N   H    sing N N 84  
GLN N   H2   sing N N 85  
GLN CA  C    sing N N 86  
GLN CA  CB   sing N N 87  
GLN CA  HA   sing N N 88  
GLN C   O    doub N N 89  
GLN C   OXT  sing N N 90  
GLN CB  CG   sing N N 91  
GLN CB  HB2  sing N N 92  
GLN CB  HB3  sing N N 93  
GLN CG  CD   sing N N 94  
GLN CG  HG2  sing N N 95  
GLN CG  HG3  sing N N 96  
GLN CD  OE1  doub N N 97  
GLN CD  NE2  sing N N 98  
GLN NE2 HE21 sing N N 99  
GLN NE2 HE22 sing N N 100 
GLN OXT HXT  sing N N 101 
GLU N   CA   sing N N 102 
GLU N   H    sing N N 103 
GLU N   H2   sing N N 104 
GLU CA  C    sing N N 105 
GLU CA  CB   sing N N 106 
GLU CA  HA   sing N N 107 
GLU C   O    doub N N 108 
GLU C   OXT  sing N N 109 
GLU CB  CG   sing N N 110 
GLU CB  HB2  sing N N 111 
GLU CB  HB3  sing N N 112 
GLU CG  CD   sing N N 113 
GLU CG  HG2  sing N N 114 
GLU CG  HG3  sing N N 115 
GLU CD  OE1  doub N N 116 
GLU CD  OE2  sing N N 117 
GLU OE2 HE2  sing N N 118 
GLU OXT HXT  sing N N 119 
GLY N   CA   sing N N 120 
GLY N   H    sing N N 121 
GLY N   H2   sing N N 122 
GLY CA  C    sing N N 123 
GLY CA  HA2  sing N N 124 
GLY CA  HA3  sing N N 125 
GLY C   O    doub N N 126 
GLY C   OXT  sing N N 127 
GLY OXT HXT  sing N N 128 
GOL C1  O1   sing N N 129 
GOL C1  C2   sing N N 130 
GOL C1  H11  sing N N 131 
GOL C1  H12  sing N N 132 
GOL O1  HO1  sing N N 133 
GOL C2  O2   sing N N 134 
GOL C2  C3   sing N N 135 
GOL C2  H2   sing N N 136 
GOL O2  HO2  sing N N 137 
GOL C3  O3   sing N N 138 
GOL C3  H31  sing N N 139 
GOL C3  H32  sing N N 140 
GOL O3  HO3  sing N N 141 
HIS N   CA   sing N N 142 
HIS N   H    sing N N 143 
HIS N   H2   sing N N 144 
HIS CA  C    sing N N 145 
HIS CA  CB   sing N N 146 
HIS CA  HA   sing N N 147 
HIS C   O    doub N N 148 
HIS C   OXT  sing N N 149 
HIS CB  CG   sing N N 150 
HIS CB  HB2  sing N N 151 
HIS CB  HB3  sing N N 152 
HIS CG  ND1  sing Y N 153 
HIS CG  CD2  doub Y N 154 
HIS ND1 CE1  doub Y N 155 
HIS ND1 HD1  sing N N 156 
HIS CD2 NE2  sing Y N 157 
HIS CD2 HD2  sing N N 158 
HIS CE1 NE2  sing Y N 159 
HIS CE1 HE1  sing N N 160 
HIS NE2 HE2  sing N N 161 
HIS OXT HXT  sing N N 162 
HOH O   H1   sing N N 163 
HOH O   H2   sing N N 164 
ILE N   CA   sing N N 165 
ILE N   H    sing N N 166 
ILE N   H2   sing N N 167 
ILE CA  C    sing N N 168 
ILE CA  CB   sing N N 169 
ILE CA  HA   sing N N 170 
ILE C   O    doub N N 171 
ILE C   OXT  sing N N 172 
ILE CB  CG1  sing N N 173 
ILE CB  CG2  sing N N 174 
ILE CB  HB   sing N N 175 
ILE CG1 CD1  sing N N 176 
ILE CG1 HG12 sing N N 177 
ILE CG1 HG13 sing N N 178 
ILE CG2 HG21 sing N N 179 
ILE CG2 HG22 sing N N 180 
ILE CG2 HG23 sing N N 181 
ILE CD1 HD11 sing N N 182 
ILE CD1 HD12 sing N N 183 
ILE CD1 HD13 sing N N 184 
ILE OXT HXT  sing N N 185 
LEU N   CA   sing N N 186 
LEU N   H    sing N N 187 
LEU N   H2   sing N N 188 
LEU CA  C    sing N N 189 
LEU CA  CB   sing N N 190 
LEU CA  HA   sing N N 191 
LEU C   O    doub N N 192 
LEU C   OXT  sing N N 193 
LEU CB  CG   sing N N 194 
LEU CB  HB2  sing N N 195 
LEU CB  HB3  sing N N 196 
LEU CG  CD1  sing N N 197 
LEU CG  CD2  sing N N 198 
LEU CG  HG   sing N N 199 
LEU CD1 HD11 sing N N 200 
LEU CD1 HD12 sing N N 201 
LEU CD1 HD13 sing N N 202 
LEU CD2 HD21 sing N N 203 
LEU CD2 HD22 sing N N 204 
LEU CD2 HD23 sing N N 205 
LEU OXT HXT  sing N N 206 
LYS N   CA   sing N N 207 
LYS N   H    sing N N 208 
LYS N   H2   sing N N 209 
LYS CA  C    sing N N 210 
LYS CA  CB   sing N N 211 
LYS CA  HA   sing N N 212 
LYS C   O    doub N N 213 
LYS C   OXT  sing N N 214 
LYS CB  CG   sing N N 215 
LYS CB  HB2  sing N N 216 
LYS CB  HB3  sing N N 217 
LYS CG  CD   sing N N 218 
LYS CG  HG2  sing N N 219 
LYS CG  HG3  sing N N 220 
LYS CD  CE   sing N N 221 
LYS CD  HD2  sing N N 222 
LYS CD  HD3  sing N N 223 
LYS CE  NZ   sing N N 224 
LYS CE  HE2  sing N N 225 
LYS CE  HE3  sing N N 226 
LYS NZ  HZ1  sing N N 227 
LYS NZ  HZ2  sing N N 228 
LYS NZ  HZ3  sing N N 229 
LYS OXT HXT  sing N N 230 
MET N   CA   sing N N 231 
MET N   H    sing N N 232 
MET N   H2   sing N N 233 
MET CA  C    sing N N 234 
MET CA  CB   sing N N 235 
MET CA  HA   sing N N 236 
MET C   O    doub N N 237 
MET C   OXT  sing N N 238 
MET CB  CG   sing N N 239 
MET CB  HB2  sing N N 240 
MET CB  HB3  sing N N 241 
MET CG  SD   sing N N 242 
MET CG  HG2  sing N N 243 
MET CG  HG3  sing N N 244 
MET SD  CE   sing N N 245 
MET CE  HE1  sing N N 246 
MET CE  HE2  sing N N 247 
MET CE  HE3  sing N N 248 
MET OXT HXT  sing N N 249 
PHE N   CA   sing N N 250 
PHE N   H    sing N N 251 
PHE N   H2   sing N N 252 
PHE CA  C    sing N N 253 
PHE CA  CB   sing N N 254 
PHE CA  HA   sing N N 255 
PHE C   O    doub N N 256 
PHE C   OXT  sing N N 257 
PHE CB  CG   sing N N 258 
PHE CB  HB2  sing N N 259 
PHE CB  HB3  sing N N 260 
PHE CG  CD1  doub Y N 261 
PHE CG  CD2  sing Y N 262 
PHE CD1 CE1  sing Y N 263 
PHE CD1 HD1  sing N N 264 
PHE CD2 CE2  doub Y N 265 
PHE CD2 HD2  sing N N 266 
PHE CE1 CZ   doub Y N 267 
PHE CE1 HE1  sing N N 268 
PHE CE2 CZ   sing Y N 269 
PHE CE2 HE2  sing N N 270 
PHE CZ  HZ   sing N N 271 
PHE OXT HXT  sing N N 272 
PRO N   CA   sing N N 273 
PRO N   CD   sing N N 274 
PRO N   H    sing N N 275 
PRO CA  C    sing N N 276 
PRO CA  CB   sing N N 277 
PRO CA  HA   sing N N 278 
PRO C   O    doub N N 279 
PRO C   OXT  sing N N 280 
PRO CB  CG   sing N N 281 
PRO CB  HB2  sing N N 282 
PRO CB  HB3  sing N N 283 
PRO CG  CD   sing N N 284 
PRO CG  HG2  sing N N 285 
PRO CG  HG3  sing N N 286 
PRO CD  HD2  sing N N 287 
PRO CD  HD3  sing N N 288 
PRO OXT HXT  sing N N 289 
SER N   CA   sing N N 290 
SER N   H    sing N N 291 
SER N   H2   sing N N 292 
SER CA  C    sing N N 293 
SER CA  CB   sing N N 294 
SER CA  HA   sing N N 295 
SER C   O    doub N N 296 
SER C   OXT  sing N N 297 
SER CB  OG   sing N N 298 
SER CB  HB2  sing N N 299 
SER CB  HB3  sing N N 300 
SER OG  HG   sing N N 301 
SER OXT HXT  sing N N 302 
SO4 S   O1   doub N N 303 
SO4 S   O2   doub N N 304 
SO4 S   O3   sing N N 305 
SO4 S   O4   sing N N 306 
THR N   CA   sing N N 307 
THR N   H    sing N N 308 
THR N   H2   sing N N 309 
THR CA  C    sing N N 310 
THR CA  CB   sing N N 311 
THR CA  HA   sing N N 312 
THR C   O    doub N N 313 
THR C   OXT  sing N N 314 
THR CB  OG1  sing N N 315 
THR CB  CG2  sing N N 316 
THR CB  HB   sing N N 317 
THR OG1 HG1  sing N N 318 
THR CG2 HG21 sing N N 319 
THR CG2 HG22 sing N N 320 
THR CG2 HG23 sing N N 321 
THR OXT HXT  sing N N 322 
TRP N   CA   sing N N 323 
TRP N   H    sing N N 324 
TRP N   H2   sing N N 325 
TRP CA  C    sing N N 326 
TRP CA  CB   sing N N 327 
TRP CA  HA   sing N N 328 
TRP C   O    doub N N 329 
TRP C   OXT  sing N N 330 
TRP CB  CG   sing N N 331 
TRP CB  HB2  sing N N 332 
TRP CB  HB3  sing N N 333 
TRP CG  CD1  doub Y N 334 
TRP CG  CD2  sing Y N 335 
TRP CD1 NE1  sing Y N 336 
TRP CD1 HD1  sing N N 337 
TRP CD2 CE2  doub Y N 338 
TRP CD2 CE3  sing Y N 339 
TRP NE1 CE2  sing Y N 340 
TRP NE1 HE1  sing N N 341 
TRP CE2 CZ2  sing Y N 342 
TRP CE3 CZ3  doub Y N 343 
TRP CE3 HE3  sing N N 344 
TRP CZ2 CH2  doub Y N 345 
TRP CZ2 HZ2  sing N N 346 
TRP CZ3 CH2  sing Y N 347 
TRP CZ3 HZ3  sing N N 348 
TRP CH2 HH2  sing N N 349 
TRP OXT HXT  sing N N 350 
TYR N   CA   sing N N 351 
TYR N   H    sing N N 352 
TYR N   H2   sing N N 353 
TYR CA  C    sing N N 354 
TYR CA  CB   sing N N 355 
TYR CA  HA   sing N N 356 
TYR C   O    doub N N 357 
TYR C   OXT  sing N N 358 
TYR CB  CG   sing N N 359 
TYR CB  HB2  sing N N 360 
TYR CB  HB3  sing N N 361 
TYR CG  CD1  doub Y N 362 
TYR CG  CD2  sing Y N 363 
TYR CD1 CE1  sing Y N 364 
TYR CD1 HD1  sing N N 365 
TYR CD2 CE2  doub Y N 366 
TYR CD2 HD2  sing N N 367 
TYR CE1 CZ   doub Y N 368 
TYR CE1 HE1  sing N N 369 
TYR CE2 CZ   sing Y N 370 
TYR CE2 HE2  sing N N 371 
TYR CZ  OH   sing N N 372 
TYR OH  HH   sing N N 373 
TYR OXT HXT  sing N N 374 
VAL N   CA   sing N N 375 
VAL N   H    sing N N 376 
VAL N   H2   sing N N 377 
VAL CA  C    sing N N 378 
VAL CA  CB   sing N N 379 
VAL CA  HA   sing N N 380 
VAL C   O    doub N N 381 
VAL C   OXT  sing N N 382 
VAL CB  CG1  sing N N 383 
VAL CB  CG2  sing N N 384 
VAL CB  HB   sing N N 385 
VAL CG1 HG11 sing N N 386 
VAL CG1 HG12 sing N N 387 
VAL CG1 HG13 sing N N 388 
VAL CG2 HG21 sing N N 389 
VAL CG2 HG22 sing N N 390 
VAL CG2 HG23 sing N N 391 
VAL OXT HXT  sing N N 392 
# 
loop_
_pdbx_entity_nonpoly.entity_id 
_pdbx_entity_nonpoly.name 
_pdbx_entity_nonpoly.comp_id 
2 'SULFATE ION' SO4 
3 GLYCEROL      GOL 
4 water         HOH 
# 
_pdbx_initial_refinement_model.id               1 
_pdbx_initial_refinement_model.entity_id_list   ? 
_pdbx_initial_refinement_model.type             'experimental model' 
_pdbx_initial_refinement_model.source_name      PDB 
_pdbx_initial_refinement_model.accession_code   3HHH 
_pdbx_initial_refinement_model.details          'PDB ENTRY 3hhh' 
# 
